data_7JXT
#
_entry.id   7JXT
#
_cell.length_a   181.600
_cell.length_b   181.600
_cell.length_c   103.401
_cell.angle_alpha   90.000
_cell.angle_beta   90.000
_cell.angle_gamma   120.000
#
_symmetry.space_group_name_H-M   'P 65'
#
loop_
_entity.id
_entity.type
_entity.pdbx_description
1 polymer 'Prostaglandin G/H synthase 1'
2 branched 2-acetamido-2-deoxy-beta-D-glucopyranose-(1-4)-2-acetamido-2-deoxy-beta-D-glucopyranose
3 non-polymer 'PROTOPORPHYRIN IX CONTAINING FE'
4 non-polymer '2-[4,5-bis(2-chlorophenyl)-1H-imidazol-2-yl]-6-(prop-2-en-1-yl)phenyl methoxyacetate'
#
_entity_poly.entity_id   1
_entity_poly.type   'polypeptide(L)'
_entity_poly.pdbx_seq_one_letter_code
;PVNPCCYYPCQHQGICVRFGLDRYQCDCTRTGYSGPNCTIPEIWTWLRTTLRPSPSFIHFLLTHGRWLWDFVNATFIRDT
LMRLVLTVRSNLIPSPPTYNIAHDYISWESFSNVSYYTRILPSVPRDCPTPMDTKGKKQLPDAEFLSRRFLLRRKFIPDP
QSTNLMFAFFAQHFTHQFFKTSGKMGPGFTKALGHGVDLGHIYGDNLERQYQLRLFKDGKLKYQMLNGEVYPPSVEEAPV
LMHYPRGIPPQSQMAVGQEVFGLLPGLMLYATIWLREHNRVCDLLKAEHPTWGDEQLFQTARLILIGETIKIVIEEYVQQ
LSGYFLQLKFDPELLFGAQFQYRNRIAMEFNQLYHWHPLMPDSFRVGPQDYSYEQFLFNTSMLVDYGVEALVDAFSRQPA
GRIGGGRNIDHHILHVAVDVIKESRVLRLQPFNEYRKRFGMKPYTSFQELTGEKEMAAELEELYGDIDALEFYPGLLLEK
CHPNSIFGESMIEMGAPFSLKGLLGNPICSPEYWKASTFGGEVGFNLVKTATLKKLVCLNTKTCPYVSFHVPD
;
_entity_poly.pdbx_strand_id   A,B
#
loop_
_chem_comp.id
_chem_comp.type
_chem_comp.name
_chem_comp.formula
HEM non-polymer 'PROTOPORPHYRIN IX CONTAINING FE' 'C34 H32 Fe N4 O4'
NAG D-saccharide, beta linking 2-acetamido-2-deoxy-beta-D-glucopyranose 'C8 H15 N O6'
W8M non-polymer '2-[4,5-bis(2-chlorophenyl)-1H-imidazol-2-yl]-6-(prop-2-en-1-yl)phenyl methoxyacetate' 'C27 H22 Cl2 N2 O3'
#
# COMPACT_ATOMS: atom_id res chain seq x y z
N PRO A 1 22.99 30.23 14.96
CA PRO A 1 22.31 30.80 13.79
C PRO A 1 20.87 30.32 13.63
N VAL A 2 20.07 31.05 12.87
CA VAL A 2 18.67 30.69 12.65
C VAL A 2 18.59 29.60 11.60
N ASN A 3 17.62 28.70 11.76
CA ASN A 3 17.38 27.67 10.76
C ASN A 3 16.75 28.29 9.52
N PRO A 4 17.38 28.20 8.34
CA PRO A 4 16.78 28.84 7.15
C PRO A 4 15.42 28.26 6.78
N CYS A 5 15.17 26.97 7.02
CA CYS A 5 13.92 26.37 6.58
C CYS A 5 12.71 26.85 7.38
N CYS A 6 12.88 27.78 8.31
CA CYS A 6 11.75 28.35 9.03
C CYS A 6 11.17 29.58 8.35
N TYR A 7 11.87 30.14 7.37
CA TYR A 7 11.32 31.20 6.54
C TYR A 7 10.38 30.67 5.49
N TYR A 8 10.23 29.35 5.38
CA TYR A 8 9.37 28.72 4.37
C TYR A 8 9.76 29.25 2.98
N PRO A 9 11.05 29.20 2.63
CA PRO A 9 11.51 29.97 1.46
C PRO A 9 11.00 29.43 0.15
N CYS A 10 10.79 28.12 0.03
CA CYS A 10 10.58 27.49 -1.26
C CYS A 10 9.11 27.26 -1.51
N GLN A 11 8.64 27.75 -2.65
CA GLN A 11 7.23 27.74 -3.03
C GLN A 11 6.95 26.58 -3.99
N HIS A 12 5.67 26.36 -4.25
CA HIS A 12 5.23 25.45 -5.30
C HIS A 12 5.78 24.05 -5.09
N GLN A 13 5.70 23.56 -3.84
CA GLN A 13 6.06 22.19 -3.49
C GLN A 13 7.56 21.95 -3.54
N GLY A 14 8.37 22.99 -3.37
CA GLY A 14 9.80 22.81 -3.25
C GLY A 14 10.17 22.32 -1.87
N ILE A 15 11.17 21.44 -1.82
CA ILE A 15 11.57 20.76 -0.58
C ILE A 15 12.80 21.46 -0.02
N CYS A 16 12.67 21.99 1.19
CA CYS A 16 13.77 22.68 1.86
C CYS A 16 14.72 21.64 2.47
N VAL A 17 15.98 21.68 2.05
CA VAL A 17 17.00 20.75 2.53
C VAL A 17 18.18 21.55 3.05
N ARG A 18 18.50 21.35 4.33
CA ARG A 18 19.59 22.06 4.96
C ARG A 18 20.94 21.49 4.53
N PHE A 19 21.82 22.37 4.07
CA PHE A 19 23.23 22.05 3.89
C PHE A 19 24.04 22.88 4.88
N GLY A 20 25.09 22.28 5.42
CA GLY A 20 26.01 23.02 6.24
C GLY A 20 25.36 23.61 7.49
N LEU A 21 26.13 24.48 8.14
CA LEU A 21 25.69 25.05 9.41
C LEU A 21 24.48 25.97 9.22
N ASP A 22 24.47 26.79 8.15
CA ASP A 22 23.44 27.80 8.01
C ASP A 22 22.94 27.99 6.58
N ARG A 23 23.15 27.04 5.68
CA ARG A 23 22.67 27.14 4.31
C ARG A 23 21.48 26.23 4.09
N TYR A 24 20.92 26.35 2.89
CA TYR A 24 19.84 25.48 2.45
C TYR A 24 19.84 25.43 0.92
N GLN A 25 19.28 24.35 0.40
CA GLN A 25 19.01 24.23 -1.03
C GLN A 25 17.69 23.50 -1.19
N CYS A 26 17.01 23.77 -2.31
CA CYS A 26 15.68 23.21 -2.53
C CYS A 26 15.63 22.39 -3.79
N ASP A 27 14.96 21.24 -3.68
CA ASP A 27 14.75 20.32 -4.80
C ASP A 27 13.46 20.73 -5.48
N CYS A 28 13.57 21.60 -6.48
CA CYS A 28 12.44 21.93 -7.34
C CYS A 28 12.15 20.84 -8.36
N THR A 29 12.75 19.67 -8.19
CA THR A 29 12.54 18.55 -9.10
C THR A 29 11.05 18.24 -9.24
N ARG A 30 10.55 18.34 -10.47
CA ARG A 30 9.15 18.05 -10.80
C ARG A 30 8.19 18.95 -10.05
N THR A 31 8.62 20.16 -9.70
CA THR A 31 7.74 21.15 -9.11
C THR A 31 7.15 22.11 -10.13
N GLY A 32 7.59 22.05 -11.39
CA GLY A 32 7.13 22.94 -12.42
C GLY A 32 7.79 24.31 -12.40
N TYR A 33 8.69 24.56 -11.46
CA TYR A 33 9.39 25.83 -11.34
C TYR A 33 10.89 25.56 -11.26
N SER A 34 11.66 26.64 -11.21
CA SER A 34 13.11 26.56 -11.09
C SER A 34 13.60 27.73 -10.27
N GLY A 35 14.87 27.66 -9.87
CA GLY A 35 15.48 28.72 -9.10
C GLY A 35 15.79 28.29 -7.69
N PRO A 36 16.51 29.14 -6.95
CA PRO A 36 16.81 28.80 -5.54
C PRO A 36 15.56 28.54 -4.70
N ASN A 37 14.49 29.29 -4.96
CA ASN A 37 13.24 29.15 -4.21
C ASN A 37 12.11 28.59 -5.07
N CYS A 38 12.43 28.02 -6.23
CA CYS A 38 11.44 27.46 -7.15
C CYS A 38 10.37 28.50 -7.50
N THR A 39 10.80 29.74 -7.73
CA THR A 39 9.90 30.84 -8.06
C THR A 39 9.93 31.21 -9.53
N ILE A 40 10.69 30.50 -10.36
CA ILE A 40 10.81 30.83 -11.77
C ILE A 40 10.05 29.79 -12.57
N PRO A 41 8.83 30.09 -13.02
CA PRO A 41 8.03 29.06 -13.70
C PRO A 41 8.65 28.64 -15.02
N GLU A 42 8.45 27.37 -15.36
CA GLU A 42 8.80 26.89 -16.68
C GLU A 42 7.78 27.41 -17.70
N ILE A 43 7.99 27.06 -18.96
CA ILE A 43 7.16 27.60 -20.02
C ILE A 43 5.71 27.17 -19.84
N TRP A 44 5.48 25.87 -19.61
CA TRP A 44 4.10 25.39 -19.47
C TRP A 44 3.48 25.85 -18.15
N THR A 45 4.25 25.80 -17.07
CA THR A 45 3.70 26.18 -15.77
C THR A 45 3.22 27.62 -15.77
N TRP A 46 3.98 28.51 -16.40
CA TRP A 46 3.52 29.89 -16.56
C TRP A 46 2.26 29.94 -17.42
N LEU A 47 2.21 29.13 -18.49
CA LEU A 47 1.02 29.06 -19.31
C LEU A 47 -0.20 28.67 -18.48
N ARG A 48 -0.04 27.69 -17.58
CA ARG A 48 -1.16 27.27 -16.74
C ARG A 48 -1.56 28.38 -15.77
N THR A 49 -0.59 28.97 -15.08
CA THR A 49 -0.88 29.93 -14.02
C THR A 49 -1.50 31.23 -14.54
N THR A 50 -1.33 31.54 -15.82
CA THR A 50 -1.94 32.75 -16.38
C THR A 50 -3.35 32.50 -16.90
N LEU A 51 -3.57 31.41 -17.62
CA LEU A 51 -4.87 31.03 -18.15
C LEU A 51 -5.78 30.39 -17.11
N ARG A 52 -5.48 30.55 -15.83
CA ARG A 52 -6.28 29.99 -14.75
C ARG A 52 -7.44 30.92 -14.39
N PRO A 53 -8.60 30.38 -14.05
CA PRO A 53 -9.58 31.15 -13.30
C PRO A 53 -9.34 31.07 -11.80
N SER A 54 -9.84 32.09 -11.09
CA SER A 54 -9.70 32.14 -9.64
C SER A 54 -10.67 31.18 -8.97
N PRO A 55 -10.31 30.64 -7.79
CA PRO A 55 -11.21 29.67 -7.13
C PRO A 55 -12.59 30.22 -6.81
N SER A 56 -12.71 31.50 -6.47
CA SER A 56 -14.04 32.07 -6.25
C SER A 56 -14.84 32.12 -7.55
N PHE A 57 -14.16 32.29 -8.68
CA PHE A 57 -14.83 32.33 -9.97
C PHE A 57 -15.39 30.96 -10.35
N ILE A 58 -14.67 29.88 -10.04
CA ILE A 58 -15.15 28.55 -10.43
C ILE A 58 -16.32 28.12 -9.57
N HIS A 59 -16.34 28.50 -8.28
CA HIS A 59 -17.52 28.26 -7.46
C HIS A 59 -18.73 28.98 -8.05
N PHE A 60 -18.51 30.16 -8.63
CA PHE A 60 -19.59 30.88 -9.27
C PHE A 60 -20.17 30.09 -10.43
N LEU A 61 -19.30 29.57 -11.30
CA LEU A 61 -19.77 28.77 -12.43
C LEU A 61 -20.56 27.55 -11.96
N LEU A 62 -19.99 26.80 -11.01
CA LEU A 62 -20.58 25.55 -10.59
C LEU A 62 -21.84 25.73 -9.76
N THR A 63 -22.11 26.94 -9.27
CA THR A 63 -23.27 27.20 -8.43
C THR A 63 -24.26 28.16 -9.08
N HIS A 64 -24.06 28.51 -10.35
CA HIS A 64 -24.95 29.42 -11.05
C HIS A 64 -25.12 28.96 -12.49
N GLY A 65 -26.13 29.51 -13.16
CA GLY A 65 -26.37 29.20 -14.55
C GLY A 65 -26.82 27.77 -14.77
N ARG A 66 -28.00 27.41 -14.24
CA ARG A 66 -28.42 26.01 -14.27
C ARG A 66 -28.66 25.53 -15.70
N TRP A 67 -29.26 26.36 -16.56
CA TRP A 67 -29.58 25.89 -17.91
C TRP A 67 -28.37 25.27 -18.60
N LEU A 68 -27.21 25.91 -18.47
CA LEU A 68 -25.99 25.35 -19.04
C LEU A 68 -25.68 23.98 -18.42
N TRP A 69 -25.86 23.87 -17.10
CA TRP A 69 -25.42 22.66 -16.39
C TRP A 69 -26.35 21.48 -16.64
N ASP A 70 -27.66 21.70 -16.75
CA ASP A 70 -28.54 20.59 -17.09
C ASP A 70 -28.18 20.00 -18.44
N PHE A 71 -27.79 20.86 -19.39
CA PHE A 71 -27.31 20.38 -20.67
C PHE A 71 -25.99 19.63 -20.52
N VAL A 72 -25.08 20.17 -19.70
CA VAL A 72 -23.78 19.54 -19.50
C VAL A 72 -23.92 18.20 -18.78
N ASN A 73 -24.90 18.08 -17.89
CA ASN A 73 -25.06 16.84 -17.13
C ASN A 73 -25.55 15.70 -18.01
N ALA A 74 -26.42 15.99 -18.98
CA ALA A 74 -27.00 14.98 -19.84
C ALA A 74 -26.14 14.64 -21.04
N THR A 75 -24.97 15.25 -21.18
CA THR A 75 -24.05 14.97 -22.27
C THR A 75 -22.74 14.42 -21.71
N PHE A 76 -21.82 14.10 -22.63
CA PHE A 76 -20.52 13.58 -22.24
C PHE A 76 -19.67 14.63 -21.55
N ILE A 77 -20.02 15.91 -21.67
CA ILE A 77 -19.22 16.96 -21.06
C ILE A 77 -19.06 16.74 -19.56
N ARG A 78 -20.06 16.15 -18.91
CA ARG A 78 -19.91 15.82 -17.50
C ARG A 78 -18.72 14.89 -17.31
N ASP A 79 -18.66 13.80 -18.08
CA ASP A 79 -17.60 12.82 -17.89
C ASP A 79 -16.22 13.43 -18.10
N THR A 80 -16.06 14.27 -19.13
CA THR A 80 -14.79 14.94 -19.33
C THR A 80 -14.49 15.89 -18.18
N LEU A 81 -15.48 16.68 -17.76
CA LEU A 81 -15.30 17.51 -16.57
C LEU A 81 -15.06 16.63 -15.35
N MET A 82 -15.77 15.50 -15.26
CA MET A 82 -15.50 14.57 -14.18
C MET A 82 -14.03 14.19 -14.17
N ARG A 83 -13.51 13.71 -15.31
CA ARG A 83 -12.08 13.39 -15.40
C ARG A 83 -11.23 14.61 -15.08
N LEU A 84 -11.56 15.75 -15.69
CA LEU A 84 -10.75 16.95 -15.55
C LEU A 84 -10.51 17.25 -14.08
N VAL A 85 -11.61 17.53 -13.38
CA VAL A 85 -11.55 17.87 -11.97
C VAL A 85 -11.08 16.67 -11.14
N LEU A 86 -11.56 15.46 -11.48
CA LEU A 86 -11.19 14.25 -10.76
C LEU A 86 -9.69 14.00 -10.86
N THR A 87 -9.11 14.17 -12.06
CA THR A 87 -7.68 13.93 -12.26
C THR A 87 -6.82 15.09 -11.77
N VAL A 88 -7.42 16.23 -11.44
CA VAL A 88 -6.67 17.40 -10.98
C VAL A 88 -6.65 17.50 -9.46
N ARG A 89 -7.79 17.21 -8.82
CA ARG A 89 -7.92 17.46 -7.39
C ARG A 89 -7.11 16.50 -6.54
N SER A 90 -6.50 15.47 -7.13
CA SER A 90 -5.75 14.46 -6.39
C SER A 90 -4.24 14.63 -6.49
N ASN A 91 -3.75 15.48 -7.41
CA ASN A 91 -2.31 15.63 -7.59
C ASN A 91 -1.67 16.39 -6.44
N LEU A 92 -2.45 17.11 -5.65
CA LEU A 92 -1.89 17.88 -4.54
C LEU A 92 -1.49 16.99 -3.36
N ILE A 93 -1.86 15.72 -3.39
CA ILE A 93 -1.67 14.79 -2.27
C ILE A 93 -0.50 13.87 -2.62
N PRO A 94 0.57 13.87 -1.82
CA PRO A 94 1.65 12.92 -2.11
C PRO A 94 1.16 11.49 -2.01
N SER A 95 1.58 10.68 -2.98
CA SER A 95 1.26 9.25 -2.95
C SER A 95 2.33 8.51 -3.74
N PRO A 96 3.15 7.66 -3.08
CA PRO A 96 3.13 7.31 -1.66
C PRO A 96 3.38 8.50 -0.73
N PRO A 97 2.83 8.45 0.48
CA PRO A 97 2.91 9.61 1.37
C PRO A 97 4.34 9.88 1.82
N THR A 98 4.58 11.13 2.23
CA THR A 98 5.93 11.60 2.50
C THR A 98 6.28 11.63 3.98
N TYR A 99 5.57 12.43 4.76
CA TYR A 99 5.99 12.77 6.12
C TYR A 99 5.03 12.22 7.16
N ASN A 100 5.45 12.30 8.42
CA ASN A 100 4.58 12.04 9.55
C ASN A 100 5.03 12.94 10.70
N ILE A 101 4.51 12.66 11.91
CA ILE A 101 4.76 13.57 13.04
C ILE A 101 6.22 13.50 13.46
N ALA A 102 6.82 12.32 13.42
CA ALA A 102 8.20 12.15 13.86
C ALA A 102 9.22 12.45 12.78
N HIS A 103 8.86 12.29 11.50
CA HIS A 103 9.78 12.46 10.39
C HIS A 103 9.29 13.57 9.48
N ASP A 104 10.13 14.59 9.30
CA ASP A 104 9.88 15.70 8.37
C ASP A 104 10.63 15.48 7.06
N TYR A 105 10.72 14.23 6.61
CA TYR A 105 11.47 13.88 5.41
C TYR A 105 10.96 12.54 4.92
N ILE A 106 11.25 12.24 3.65
CA ILE A 106 10.87 10.96 3.08
C ILE A 106 11.77 9.89 3.68
N SER A 107 11.17 8.91 4.36
CA SER A 107 11.89 7.87 5.06
C SER A 107 11.13 6.55 4.91
N TRP A 108 11.87 5.45 5.03
CA TRP A 108 11.22 4.15 4.91
C TRP A 108 10.32 3.86 6.11
N GLU A 109 10.69 4.36 7.29
CA GLU A 109 9.87 4.12 8.48
C GLU A 109 8.54 4.86 8.39
N SER A 110 8.52 6.05 7.77
CA SER A 110 7.26 6.77 7.61
C SER A 110 6.36 6.06 6.61
N PHE A 111 6.95 5.31 5.67
CA PHE A 111 6.16 4.57 4.69
C PHE A 111 5.63 3.26 5.28
N SER A 112 6.51 2.48 5.92
CA SER A 112 6.11 1.16 6.40
C SER A 112 5.16 1.25 7.57
N ASN A 113 5.50 2.05 8.58
CA ASN A 113 4.73 2.13 9.82
C ASN A 113 3.42 2.84 9.55
N VAL A 114 2.33 2.07 9.48
CA VAL A 114 1.02 2.63 9.18
C VAL A 114 0.34 3.25 10.40
N SER A 115 0.95 3.14 11.59
CA SER A 115 0.34 3.76 12.76
C SER A 115 0.48 5.27 12.75
N TYR A 116 1.46 5.82 12.02
CA TYR A 116 1.59 7.25 11.90
C TYR A 116 0.52 7.83 10.97
N TYR A 117 -0.07 8.96 11.37
CA TYR A 117 -0.73 9.83 10.42
C TYR A 117 0.33 10.41 9.49
N THR A 118 0.06 10.39 8.18
CA THR A 118 0.97 11.04 7.25
C THR A 118 0.73 12.54 7.30
N ARG A 119 1.38 13.27 6.39
CA ARG A 119 1.40 14.72 6.51
C ARG A 119 1.71 15.33 5.16
N ILE A 120 1.17 16.54 4.95
CA ILE A 120 1.37 17.25 3.69
C ILE A 120 2.58 18.16 3.76
N LEU A 121 2.74 18.89 4.87
CA LEU A 121 3.82 19.83 5.01
C LEU A 121 4.65 19.51 6.24
N PRO A 122 5.97 19.67 6.18
CA PRO A 122 6.80 19.36 7.34
C PRO A 122 6.50 20.28 8.51
N SER A 123 6.85 19.79 9.70
CA SER A 123 6.57 20.55 10.91
C SER A 123 7.46 21.78 11.00
N VAL A 124 7.01 22.75 11.80
CA VAL A 124 7.81 23.93 12.10
C VAL A 124 9.06 23.45 12.83
N PRO A 125 10.26 23.73 12.32
CA PRO A 125 11.48 23.26 13.00
C PRO A 125 11.54 23.77 14.43
N ARG A 126 12.03 22.92 15.33
CA ARG A 126 11.96 23.19 16.76
C ARG A 126 12.92 24.27 17.21
N ASP A 127 13.91 24.62 16.39
CA ASP A 127 14.97 25.55 16.76
C ASP A 127 14.71 26.96 16.23
N CYS A 128 13.47 27.42 16.22
CA CYS A 128 13.12 28.68 15.60
C CYS A 128 12.33 29.58 16.52
N PRO A 129 12.40 30.91 16.30
CA PRO A 129 11.92 31.85 17.32
C PRO A 129 10.44 31.75 17.63
N THR A 130 9.60 31.94 16.62
CA THR A 130 8.18 31.91 16.92
C THR A 130 7.65 30.49 16.75
N PRO A 131 6.60 30.11 17.48
CA PRO A 131 6.09 28.75 17.37
C PRO A 131 5.58 28.40 15.99
N MET A 132 5.26 29.39 15.16
CA MET A 132 4.73 29.17 13.82
C MET A 132 5.78 29.35 12.74
N ASP A 133 6.61 30.37 12.84
CA ASP A 133 7.56 30.71 11.78
C ASP A 133 8.61 31.66 12.34
N THR A 134 9.33 32.35 11.46
CA THR A 134 10.08 33.51 11.90
C THR A 134 9.18 34.69 12.26
N LYS A 135 7.89 34.60 11.95
CA LYS A 135 6.96 35.71 12.05
C LYS A 135 6.01 35.54 13.24
N GLY A 136 5.41 36.65 13.64
CA GLY A 136 4.38 36.62 14.65
C GLY A 136 4.91 36.84 16.06
N LYS A 137 3.98 36.74 17.01
CA LYS A 137 4.32 36.84 18.42
C LYS A 137 5.23 35.68 18.83
N LYS A 138 5.82 35.81 20.02
CA LYS A 138 6.59 34.72 20.61
C LYS A 138 5.72 33.74 21.38
N GLN A 139 4.45 34.08 21.63
CA GLN A 139 3.51 33.19 22.30
C GLN A 139 2.21 33.14 21.50
N LEU A 140 1.65 31.94 21.37
CA LEU A 140 0.40 31.78 20.67
C LEU A 140 -0.78 32.21 21.54
N PRO A 141 -1.87 32.67 20.94
CA PRO A 141 -3.04 33.06 21.73
C PRO A 141 -3.58 31.87 22.52
N ASP A 142 -4.22 32.19 23.65
CA ASP A 142 -4.85 31.17 24.47
C ASP A 142 -5.90 30.42 23.64
N ALA A 143 -5.82 29.09 23.67
CA ALA A 143 -6.75 28.28 22.87
C ALA A 143 -8.18 28.43 23.36
N GLU A 144 -8.39 28.32 24.68
CA GLU A 144 -9.75 28.45 25.21
C GLU A 144 -10.30 29.85 24.99
N PHE A 145 -9.45 30.87 25.02
CA PHE A 145 -9.90 32.23 24.74
C PHE A 145 -10.28 32.38 23.28
N LEU A 146 -9.46 31.86 22.37
CA LEU A 146 -9.80 31.91 20.94
C LEU A 146 -11.17 31.28 20.70
N SER A 147 -11.43 30.12 21.31
CA SER A 147 -12.71 29.45 21.11
C SER A 147 -13.85 30.25 21.71
N ARG A 148 -13.73 30.64 22.99
CA ARG A 148 -14.80 31.35 23.66
C ARG A 148 -15.12 32.68 22.99
N ARG A 149 -14.17 33.25 22.23
CA ARG A 149 -14.36 34.55 21.60
C ARG A 149 -14.75 34.45 20.14
N PHE A 150 -14.22 33.48 19.40
CA PHE A 150 -14.38 33.42 17.96
C PHE A 150 -15.07 32.17 17.46
N LEU A 151 -14.91 31.03 18.14
CA LEU A 151 -15.55 29.79 17.72
C LEU A 151 -16.79 29.45 18.53
N LEU A 152 -17.05 30.16 19.62
CA LEU A 152 -18.20 29.84 20.47
C LEU A 152 -19.49 30.32 19.82
N ARG A 153 -20.50 29.46 19.80
CA ARG A 153 -21.80 29.80 19.24
C ARG A 153 -22.55 30.72 20.19
N ARG A 154 -23.10 31.80 19.65
CA ARG A 154 -23.89 32.76 20.40
C ARG A 154 -25.37 32.71 20.05
N LYS A 155 -25.68 32.68 18.75
CA LYS A 155 -27.04 32.40 18.28
C LYS A 155 -26.95 31.38 17.15
N PHE A 156 -27.84 30.39 17.18
CA PHE A 156 -27.80 29.33 16.19
C PHE A 156 -27.82 29.92 14.78
N ILE A 157 -26.75 29.69 14.04
CA ILE A 157 -26.67 30.07 12.63
C ILE A 157 -26.86 28.81 11.80
N PRO A 158 -27.95 28.68 11.04
CA PRO A 158 -28.19 27.44 10.31
C PRO A 158 -27.45 27.42 8.99
N ASP A 159 -27.29 26.22 8.46
CA ASP A 159 -26.66 26.04 7.16
C ASP A 159 -27.59 26.57 6.07
N PRO A 160 -27.16 27.52 5.24
CA PRO A 160 -28.04 28.02 4.17
C PRO A 160 -28.23 27.02 3.03
N GLN A 161 -27.50 25.91 3.02
CA GLN A 161 -27.67 24.87 2.01
C GLN A 161 -28.65 23.79 2.44
N SER A 162 -29.36 23.99 3.55
CA SER A 162 -30.40 23.10 4.06
C SER A 162 -29.88 21.84 4.74
N THR A 163 -28.59 21.77 5.05
CA THR A 163 -28.02 20.56 5.64
C THR A 163 -28.71 20.24 6.97
N ASN A 164 -29.04 18.97 7.15
CA ASN A 164 -29.76 18.49 8.32
C ASN A 164 -28.84 17.67 9.23
N LEU A 165 -29.37 17.29 10.39
CA LEU A 165 -28.61 16.45 11.30
C LEU A 165 -28.39 15.05 10.74
N MET A 166 -29.30 14.58 9.89
CA MET A 166 -29.10 13.29 9.25
C MET A 166 -27.78 13.27 8.49
N PHE A 167 -27.44 14.37 7.83
CA PHE A 167 -26.15 14.48 7.17
C PHE A 167 -25.00 14.46 8.18
N ALA A 168 -25.09 15.31 9.21
CA ALA A 168 -23.96 15.49 10.11
C ALA A 168 -23.59 14.19 10.81
N PHE A 169 -24.59 13.43 11.28
CA PHE A 169 -24.30 12.15 11.91
C PHE A 169 -23.63 11.18 10.93
N PHE A 170 -24.01 11.25 9.65
CA PHE A 170 -23.30 10.43 8.67
C PHE A 170 -21.85 10.86 8.55
N ALA A 171 -21.60 12.17 8.54
CA ALA A 171 -20.23 12.65 8.50
C ALA A 171 -19.44 12.14 9.70
N GLN A 172 -20.05 12.20 10.88
CA GLN A 172 -19.42 11.66 12.08
C GLN A 172 -19.26 10.14 11.96
N HIS A 173 -20.32 9.45 11.53
CA HIS A 173 -20.26 8.01 11.39
C HIS A 173 -19.26 7.59 10.32
N PHE A 174 -19.36 8.20 9.14
CA PHE A 174 -18.51 7.79 8.03
C PHE A 174 -17.03 8.03 8.32
N THR A 175 -16.71 9.14 8.99
CA THR A 175 -15.31 9.55 9.16
C THR A 175 -14.68 9.00 10.43
N HIS A 176 -15.42 8.26 11.24
CA HIS A 176 -14.83 7.60 12.40
C HIS A 176 -14.37 6.18 12.09
N GLN A 177 -14.12 5.88 10.81
CA GLN A 177 -13.45 4.65 10.41
C GLN A 177 -12.01 4.88 10.01
N PHE A 178 -11.62 6.12 9.71
CA PHE A 178 -10.24 6.46 9.47
C PHE A 178 -9.70 7.52 10.42
N PHE A 179 -10.55 8.22 11.16
CA PHE A 179 -10.12 9.13 12.22
C PHE A 179 -10.36 8.45 13.57
N LYS A 180 -9.38 7.65 13.99
CA LYS A 180 -9.39 7.00 15.31
C LYS A 180 -8.02 7.21 15.93
N THR A 181 -7.84 8.34 16.62
CA THR A 181 -6.58 8.64 17.27
C THR A 181 -6.45 7.81 18.54
N SER A 182 -5.33 7.12 18.67
CA SER A 182 -5.07 6.31 19.86
C SER A 182 -4.59 7.22 20.99
N GLY A 183 -5.36 7.30 22.07
CA GLY A 183 -4.95 8.11 23.20
C GLY A 183 -3.68 7.59 23.86
N LYS A 184 -3.38 6.30 23.70
CA LYS A 184 -2.22 5.71 24.37
C LYS A 184 -0.91 6.14 23.70
N MET A 185 -0.84 6.04 22.37
CA MET A 185 0.38 6.42 21.65
C MET A 185 0.51 7.92 21.44
N GLY A 186 -0.53 8.69 21.72
CA GLY A 186 -0.47 10.13 21.63
C GLY A 186 -0.94 10.65 20.30
N PRO A 187 -1.24 11.95 20.23
CA PRO A 187 -1.63 12.55 18.95
C PRO A 187 -0.62 12.23 17.86
N GLY A 188 -1.11 12.19 16.62
CA GLY A 188 -0.28 11.87 15.48
C GLY A 188 -0.23 10.40 15.12
N PHE A 189 -0.87 9.54 15.91
CA PHE A 189 -0.99 8.12 15.60
C PHE A 189 -2.46 7.74 15.47
N THR A 190 -2.70 6.65 14.75
CA THR A 190 -4.06 6.22 14.42
C THR A 190 -4.25 4.75 14.75
N LYS A 191 -5.44 4.42 15.26
CA LYS A 191 -5.84 3.03 15.43
C LYS A 191 -6.41 2.44 14.15
N ALA A 192 -6.93 3.27 13.25
CA ALA A 192 -7.58 2.81 12.02
C ALA A 192 -6.51 2.62 10.96
N LEU A 193 -5.96 1.40 10.89
CA LEU A 193 -4.91 1.11 9.94
C LEU A 193 -5.41 0.93 8.51
N GLY A 194 -6.73 0.80 8.32
CA GLY A 194 -7.25 0.76 6.97
C GLY A 194 -6.94 2.02 6.19
N HIS A 195 -6.87 3.16 6.88
CA HIS A 195 -6.47 4.43 6.26
C HIS A 195 -7.35 4.75 5.06
N GLY A 196 -8.66 4.60 5.24
CA GLY A 196 -9.59 4.90 4.17
C GLY A 196 -10.96 4.35 4.45
N VAL A 197 -11.70 4.08 3.38
CA VAL A 197 -13.06 3.55 3.48
C VAL A 197 -12.93 2.04 3.58
N ASP A 198 -12.69 1.56 4.79
CA ASP A 198 -12.64 0.14 5.09
C ASP A 198 -13.86 -0.36 5.84
N LEU A 199 -14.83 0.54 6.12
CA LEU A 199 -15.95 0.23 6.98
C LEU A 199 -15.46 -0.42 8.28
N GLY A 200 -14.33 0.07 8.78
CA GLY A 200 -13.83 -0.34 10.07
C GLY A 200 -14.66 0.15 11.22
N HIS A 201 -15.63 1.02 10.96
CA HIS A 201 -16.63 1.40 11.95
C HIS A 201 -17.78 0.41 12.00
N ILE A 202 -17.78 -0.59 11.13
CA ILE A 202 -18.76 -1.67 11.14
C ILE A 202 -18.12 -2.99 11.54
N TYR A 203 -17.04 -3.38 10.87
CA TYR A 203 -16.39 -4.67 11.05
C TYR A 203 -15.17 -4.59 11.96
N GLY A 204 -15.04 -3.51 12.74
CA GLY A 204 -13.92 -3.38 13.64
C GLY A 204 -12.61 -3.15 12.92
N ASP A 205 -11.55 -2.82 13.67
CA ASP A 205 -10.26 -2.47 13.11
C ASP A 205 -9.23 -3.58 13.29
N ASN A 206 -9.66 -4.79 13.62
CA ASN A 206 -8.76 -5.93 13.68
C ASN A 206 -9.60 -7.20 13.59
N LEU A 207 -8.92 -8.31 13.26
CA LEU A 207 -9.63 -9.57 13.09
C LEU A 207 -10.34 -9.98 14.37
N GLU A 208 -9.69 -9.81 15.51
CA GLU A 208 -10.29 -10.23 16.77
C GLU A 208 -11.66 -9.60 16.97
N ARG A 209 -11.80 -8.31 16.67
CA ARG A 209 -13.05 -7.63 16.94
C ARG A 209 -14.16 -8.10 16.00
N GLN A 210 -13.85 -8.29 14.72
CA GLN A 210 -14.90 -8.70 13.78
C GLN A 210 -15.32 -10.14 14.02
N TYR A 211 -14.40 -11.00 14.43
CA TYR A 211 -14.77 -12.38 14.74
C TYR A 211 -15.77 -12.42 15.90
N GLN A 212 -15.55 -11.60 16.93
CA GLN A 212 -16.50 -11.54 18.04
C GLN A 212 -17.85 -11.00 17.59
N LEU A 213 -17.85 -10.13 16.57
CA LEU A 213 -19.09 -9.55 16.06
C LEU A 213 -19.77 -10.43 15.01
N ARG A 214 -19.00 -11.21 14.26
CA ARG A 214 -19.57 -12.03 13.20
C ARG A 214 -20.36 -13.20 13.79
N LEU A 215 -21.48 -13.51 13.16
CA LEU A 215 -22.34 -14.62 13.56
C LEU A 215 -21.88 -15.94 12.95
N PHE A 216 -20.99 -15.91 11.96
CA PHE A 216 -20.35 -17.10 11.42
C PHE A 216 -21.37 -18.08 10.82
N LYS A 217 -22.52 -17.57 10.41
CA LYS A 217 -23.51 -18.36 9.68
C LYS A 217 -24.02 -17.52 8.52
N ASP A 218 -23.78 -17.97 7.30
CA ASP A 218 -24.21 -17.25 6.10
C ASP A 218 -23.61 -15.85 6.05
N GLY A 219 -22.39 -15.69 6.57
CA GLY A 219 -21.68 -14.44 6.46
C GLY A 219 -22.27 -13.29 7.23
N LYS A 220 -23.27 -13.54 8.06
CA LYS A 220 -23.98 -12.45 8.72
C LYS A 220 -23.22 -11.98 9.95
N LEU A 221 -23.67 -10.86 10.48
CA LEU A 221 -23.23 -10.33 11.76
C LEU A 221 -24.23 -10.71 12.83
N LYS A 222 -23.74 -10.89 14.06
CA LYS A 222 -24.66 -11.13 15.16
C LYS A 222 -25.58 -9.92 15.34
N TYR A 223 -26.72 -10.15 15.99
CA TYR A 223 -27.72 -9.10 16.15
C TYR A 223 -28.70 -9.53 17.23
N GLN A 224 -29.60 -8.61 17.58
CA GLN A 224 -30.65 -8.88 18.55
C GLN A 224 -31.95 -8.25 18.06
N MET A 225 -33.06 -8.79 18.55
CA MET A 225 -34.39 -8.39 18.12
C MET A 225 -35.09 -7.66 19.26
N LEU A 226 -35.33 -6.37 19.08
CA LEU A 226 -36.04 -5.55 20.06
C LEU A 226 -37.24 -4.92 19.37
N ASN A 227 -38.42 -5.16 19.92
CA ASN A 227 -39.68 -4.65 19.37
C ASN A 227 -40.00 -5.24 17.99
N GLY A 228 -39.35 -6.34 17.63
CA GLY A 228 -39.53 -6.94 16.33
C GLY A 228 -38.67 -6.39 15.23
N GLU A 229 -37.74 -5.49 15.54
CA GLU A 229 -36.82 -4.91 14.57
C GLU A 229 -35.39 -5.33 14.90
N VAL A 230 -34.56 -5.40 13.86
CA VAL A 230 -33.19 -5.88 14.01
C VAL A 230 -32.32 -4.77 14.58
N TYR A 231 -31.53 -5.10 15.59
CA TYR A 231 -30.59 -4.18 16.22
C TYR A 231 -29.27 -4.90 16.43
N PRO A 232 -28.18 -4.14 16.63
CA PRO A 232 -26.88 -4.79 16.84
C PRO A 232 -26.83 -5.51 18.18
N PRO A 233 -25.99 -6.53 18.31
CA PRO A 233 -26.03 -7.37 19.50
C PRO A 233 -25.62 -6.62 20.75
N SER A 234 -26.14 -7.08 21.89
CA SER A 234 -25.69 -6.56 23.17
C SER A 234 -24.28 -7.04 23.47
N VAL A 235 -23.54 -6.26 24.26
CA VAL A 235 -22.17 -6.62 24.59
C VAL A 235 -22.12 -8.01 25.21
N GLU A 236 -23.21 -8.46 25.82
CA GLU A 236 -23.25 -9.81 26.38
C GLU A 236 -23.14 -10.87 25.29
N GLU A 237 -23.89 -10.70 24.21
CA GLU A 237 -23.83 -11.68 23.10
C GLU A 237 -22.52 -11.57 22.35
N ALA A 238 -22.07 -10.34 22.08
CA ALA A 238 -20.82 -10.08 21.35
C ALA A 238 -19.83 -9.42 22.30
N PRO A 239 -18.91 -10.16 22.92
CA PRO A 239 -18.03 -9.56 23.93
C PRO A 239 -16.87 -8.79 23.32
N VAL A 240 -17.11 -7.52 22.98
CA VAL A 240 -16.08 -6.65 22.45
C VAL A 240 -15.95 -5.44 23.35
N LEU A 241 -14.75 -4.86 23.37
CA LEU A 241 -14.50 -3.65 24.14
C LEU A 241 -15.42 -2.53 23.65
N MET A 242 -16.08 -1.86 24.60
CA MET A 242 -16.95 -0.73 24.30
C MET A 242 -16.78 0.32 25.38
N HIS A 243 -16.94 1.58 25.00
CA HIS A 243 -16.88 2.71 25.94
C HIS A 243 -18.30 3.11 26.29
N TYR A 244 -18.73 2.73 27.49
CA TYR A 244 -20.08 2.95 27.98
C TYR A 244 -20.04 3.50 29.40
N PRO A 245 -21.07 4.26 29.80
CA PRO A 245 -21.13 4.68 31.21
C PRO A 245 -21.13 3.47 32.13
N ARG A 246 -20.50 3.63 33.29
CA ARG A 246 -20.40 2.52 34.21
C ARG A 246 -21.78 2.10 34.71
N GLY A 247 -21.90 0.83 35.08
CA GLY A 247 -23.14 0.32 35.63
C GLY A 247 -24.28 0.21 34.66
N ILE A 248 -24.07 0.59 33.41
CA ILE A 248 -25.13 0.37 32.41
C ILE A 248 -25.28 -1.13 32.20
N PRO A 249 -26.49 -1.68 32.29
CA PRO A 249 -26.63 -3.13 32.22
C PRO A 249 -26.10 -3.68 30.91
N PRO A 250 -25.21 -4.70 30.95
CA PRO A 250 -24.67 -5.23 29.69
C PRO A 250 -25.64 -6.11 28.92
N GLN A 251 -26.90 -5.66 28.87
CA GLN A 251 -27.90 -6.21 27.97
C GLN A 251 -28.70 -5.07 27.35
N SER A 252 -28.31 -3.83 27.64
CA SER A 252 -28.81 -2.64 26.98
C SER A 252 -27.72 -1.95 26.18
N GLN A 253 -26.46 -2.34 26.37
CA GLN A 253 -25.39 -1.94 25.49
C GLN A 253 -25.59 -2.57 24.12
N MET A 254 -24.74 -2.17 23.18
CA MET A 254 -24.75 -2.77 21.84
C MET A 254 -23.32 -2.81 21.33
N ALA A 255 -22.99 -3.86 20.59
CA ALA A 255 -21.64 -4.09 20.10
C ALA A 255 -21.56 -3.73 18.62
N VAL A 256 -20.60 -2.88 18.30
CA VAL A 256 -20.40 -2.38 16.94
C VAL A 256 -18.91 -2.30 16.66
N GLY A 257 -18.58 -2.00 15.41
CA GLY A 257 -17.18 -1.98 15.00
C GLY A 257 -16.38 -0.86 15.63
N GLN A 258 -17.04 0.24 15.97
CA GLN A 258 -16.40 1.40 16.56
C GLN A 258 -16.77 1.48 18.03
N GLU A 259 -15.75 1.56 18.89
CA GLU A 259 -15.96 1.49 20.33
C GLU A 259 -16.84 2.62 20.84
N VAL A 260 -16.93 3.73 20.11
CA VAL A 260 -17.52 4.96 20.62
C VAL A 260 -18.98 5.13 20.22
N PHE A 261 -19.50 4.32 19.30
CA PHE A 261 -20.82 4.57 18.74
C PHE A 261 -21.95 4.46 19.76
N GLY A 262 -21.68 3.99 20.98
CA GLY A 262 -22.72 3.96 21.99
C GLY A 262 -23.01 5.29 22.63
N LEU A 263 -22.16 6.30 22.39
CA LEU A 263 -22.29 7.59 23.08
C LEU A 263 -23.26 8.54 22.42
N LEU A 264 -23.64 8.30 21.15
CA LEU A 264 -24.69 9.07 20.52
C LEU A 264 -25.65 8.13 19.80
N PRO A 265 -26.96 8.35 19.91
CA PRO A 265 -27.91 7.51 19.18
C PRO A 265 -27.78 7.62 17.67
N GLY A 266 -27.44 8.81 17.15
CA GLY A 266 -27.33 8.97 15.71
C GLY A 266 -26.26 8.08 15.10
N LEU A 267 -25.14 7.92 15.80
CA LEU A 267 -24.09 7.03 15.33
C LEU A 267 -24.52 5.57 15.40
N MET A 268 -25.12 5.17 16.51
CA MET A 268 -25.63 3.81 16.62
C MET A 268 -26.76 3.58 15.61
N LEU A 269 -27.54 4.61 15.33
CA LEU A 269 -28.56 4.51 14.29
C LEU A 269 -27.93 4.07 12.97
N TYR A 270 -26.84 4.73 12.57
CA TYR A 270 -26.18 4.36 11.32
C TYR A 270 -25.58 2.97 11.41
N ALA A 271 -24.95 2.63 12.54
CA ALA A 271 -24.40 1.30 12.71
C ALA A 271 -25.50 0.26 12.62
N THR A 272 -26.67 0.55 13.19
CA THR A 272 -27.82 -0.33 13.03
C THR A 272 -28.19 -0.49 11.56
N ILE A 273 -28.25 0.63 10.84
CA ILE A 273 -28.65 0.59 9.43
C ILE A 273 -27.68 -0.26 8.62
N TRP A 274 -26.38 -0.05 8.83
CA TRP A 274 -25.38 -0.77 8.04
C TRP A 274 -25.43 -2.27 8.33
N LEU A 275 -25.68 -2.64 9.59
CA LEU A 275 -25.74 -4.06 9.94
C LEU A 275 -26.91 -4.73 9.22
N ARG A 276 -28.09 -4.10 9.26
CA ARG A 276 -29.23 -4.64 8.54
C ARG A 276 -28.92 -4.78 7.05
N GLU A 277 -28.25 -3.77 6.48
CA GLU A 277 -27.85 -3.84 5.09
C GLU A 277 -26.90 -5.00 4.85
N HIS A 278 -25.90 -5.17 5.71
CA HIS A 278 -24.94 -6.25 5.53
C HIS A 278 -25.64 -7.60 5.55
N ASN A 279 -26.46 -7.84 6.58
CA ASN A 279 -27.17 -9.12 6.66
C ASN A 279 -28.12 -9.29 5.49
N ARG A 280 -28.71 -8.19 5.00
CA ARG A 280 -29.55 -8.28 3.81
C ARG A 280 -28.73 -8.64 2.58
N VAL A 281 -27.56 -8.03 2.43
CA VAL A 281 -26.67 -8.38 1.33
C VAL A 281 -26.27 -9.85 1.42
N CYS A 282 -25.91 -10.30 2.62
CA CYS A 282 -25.57 -11.71 2.80
C CYS A 282 -26.71 -12.63 2.39
N ASP A 283 -27.95 -12.19 2.58
CA ASP A 283 -29.09 -13.02 2.18
C ASP A 283 -29.16 -13.15 0.67
N LEU A 284 -28.95 -12.06 -0.07
CA LEU A 284 -29.01 -12.13 -1.52
C LEU A 284 -27.92 -13.04 -2.08
N LEU A 285 -26.71 -12.95 -1.52
CA LEU A 285 -25.59 -13.75 -2.03
C LEU A 285 -25.89 -15.25 -1.89
N LYS A 286 -26.28 -15.67 -0.68
CA LYS A 286 -26.55 -17.09 -0.45
C LYS A 286 -27.64 -17.59 -1.40
N ALA A 287 -28.58 -16.72 -1.79
CA ALA A 287 -29.62 -17.12 -2.72
C ALA A 287 -29.04 -17.47 -4.09
N GLU A 288 -28.07 -16.67 -4.57
CA GLU A 288 -27.44 -16.92 -5.85
C GLU A 288 -26.15 -17.72 -5.75
N HIS A 289 -25.59 -17.87 -4.56
CA HIS A 289 -24.37 -18.63 -4.33
C HIS A 289 -24.62 -19.62 -3.20
N PRO A 290 -25.36 -20.70 -3.48
CA PRO A 290 -25.65 -21.68 -2.42
C PRO A 290 -24.42 -22.40 -1.92
N THR A 291 -23.40 -22.56 -2.75
CA THR A 291 -22.24 -23.37 -2.42
C THR A 291 -21.19 -22.62 -1.61
N TRP A 292 -21.45 -21.36 -1.28
CA TRP A 292 -20.47 -20.53 -0.59
C TRP A 292 -20.51 -20.77 0.92
N GLY A 293 -19.45 -20.31 1.59
CA GLY A 293 -19.31 -20.41 3.02
C GLY A 293 -19.46 -19.08 3.73
N ASP A 294 -19.17 -19.09 5.02
CA ASP A 294 -19.34 -17.89 5.84
C ASP A 294 -18.34 -16.81 5.45
N GLU A 295 -17.05 -17.17 5.37
CA GLU A 295 -16.03 -16.19 5.00
C GLU A 295 -16.30 -15.63 3.61
N GLN A 296 -16.61 -16.52 2.66
CA GLN A 296 -16.90 -16.09 1.29
C GLN A 296 -18.07 -15.12 1.27
N LEU A 297 -19.17 -15.46 1.94
CA LEU A 297 -20.31 -14.54 2.03
C LEU A 297 -19.89 -13.22 2.68
N PHE A 298 -19.24 -13.30 3.84
CA PHE A 298 -18.99 -12.09 4.61
C PHE A 298 -18.13 -11.10 3.83
N GLN A 299 -16.98 -11.57 3.33
CA GLN A 299 -16.04 -10.64 2.71
C GLN A 299 -16.66 -9.99 1.48
N THR A 300 -17.42 -10.75 0.69
CA THR A 300 -18.05 -10.17 -0.49
C THR A 300 -19.12 -9.15 -0.08
N ALA A 301 -19.89 -9.46 0.97
CA ALA A 301 -20.87 -8.50 1.47
C ALA A 301 -20.18 -7.24 1.96
N ARG A 302 -19.01 -7.39 2.59
CA ARG A 302 -18.23 -6.23 3.01
C ARG A 302 -17.89 -5.35 1.83
N LEU A 303 -17.31 -5.93 0.78
CA LEU A 303 -16.93 -5.15 -0.39
C LEU A 303 -18.13 -4.43 -0.98
N ILE A 304 -19.29 -5.11 -1.01
CA ILE A 304 -20.51 -4.46 -1.49
C ILE A 304 -20.82 -3.24 -0.66
N LEU A 305 -20.80 -3.38 0.67
CA LEU A 305 -21.10 -2.25 1.54
C LEU A 305 -20.05 -1.16 1.40
N ILE A 306 -18.78 -1.54 1.27
CA ILE A 306 -17.74 -0.55 1.00
C ILE A 306 -18.06 0.20 -0.29
N GLY A 307 -18.42 -0.54 -1.34
CA GLY A 307 -18.69 0.08 -2.62
C GLY A 307 -19.85 1.06 -2.55
N GLU A 308 -20.99 0.60 -2.04
CA GLU A 308 -22.15 1.48 -1.98
C GLU A 308 -21.99 2.57 -0.94
N THR A 309 -21.05 2.42 -0.01
CA THR A 309 -20.68 3.54 0.85
C THR A 309 -20.06 4.67 0.03
N ILE A 310 -19.05 4.34 -0.77
CA ILE A 310 -18.37 5.36 -1.57
C ILE A 310 -19.35 5.98 -2.55
N LYS A 311 -20.20 5.16 -3.15
CA LYS A 311 -21.21 5.67 -4.06
C LYS A 311 -22.06 6.75 -3.39
N ILE A 312 -22.58 6.46 -2.20
CA ILE A 312 -23.46 7.40 -1.53
C ILE A 312 -22.69 8.65 -1.13
N VAL A 313 -21.41 8.51 -0.77
CA VAL A 313 -20.65 9.68 -0.35
C VAL A 313 -20.42 10.62 -1.52
N ILE A 314 -20.06 10.08 -2.68
CA ILE A 314 -19.72 10.93 -3.82
C ILE A 314 -20.97 11.61 -4.37
N GLU A 315 -22.02 10.85 -4.63
CA GLU A 315 -23.16 11.35 -5.39
C GLU A 315 -24.26 11.95 -4.52
N GLU A 316 -24.21 11.78 -3.20
CA GLU A 316 -25.21 12.38 -2.32
C GLU A 316 -24.60 13.17 -1.17
N TYR A 317 -23.51 12.69 -0.58
CA TYR A 317 -22.87 13.40 0.53
C TYR A 317 -22.12 14.61 0.03
N VAL A 318 -21.15 14.40 -0.85
CA VAL A 318 -20.41 15.52 -1.43
C VAL A 318 -21.31 16.36 -2.32
N GLN A 319 -22.27 15.73 -3.01
CA GLN A 319 -23.19 16.48 -3.85
C GLN A 319 -23.92 17.55 -3.04
N GLN A 320 -24.41 17.17 -1.85
CA GLN A 320 -25.02 18.15 -0.96
C GLN A 320 -24.00 19.17 -0.48
N LEU A 321 -22.81 18.69 -0.10
CA LEU A 321 -21.83 19.55 0.54
C LEU A 321 -21.36 20.67 -0.40
N SER A 322 -21.25 20.37 -1.70
CA SER A 322 -20.66 21.32 -2.63
C SER A 322 -21.66 22.37 -3.11
N GLY A 323 -22.93 22.01 -3.22
CA GLY A 323 -23.86 22.89 -3.91
C GLY A 323 -23.62 22.98 -5.39
N TYR A 324 -22.78 22.11 -5.94
CA TYR A 324 -22.45 22.15 -7.36
C TYR A 324 -23.64 21.73 -8.21
N PHE A 325 -23.89 22.48 -9.28
CA PHE A 325 -24.86 22.07 -10.28
C PHE A 325 -24.33 20.96 -11.17
N LEU A 326 -23.00 20.80 -11.24
CA LEU A 326 -22.40 19.71 -12.00
C LEU A 326 -22.66 18.39 -11.27
N GLN A 327 -23.47 17.53 -11.86
CA GLN A 327 -23.80 16.25 -11.24
C GLN A 327 -22.54 15.44 -10.98
N LEU A 328 -22.24 15.19 -9.71
CA LEU A 328 -21.12 14.35 -9.36
C LEU A 328 -21.52 12.89 -9.53
N LYS A 329 -20.62 12.10 -10.11
CA LYS A 329 -20.93 10.72 -10.48
C LYS A 329 -19.80 9.79 -10.05
N PHE A 330 -20.16 8.72 -9.36
CA PHE A 330 -19.17 7.73 -8.92
C PHE A 330 -18.94 6.75 -10.06
N ASP A 331 -17.78 6.86 -10.70
CA ASP A 331 -17.39 5.94 -11.77
C ASP A 331 -15.88 5.77 -11.69
N PRO A 332 -15.40 4.65 -11.16
CA PRO A 332 -13.94 4.43 -11.11
C PRO A 332 -13.29 4.42 -12.47
N GLU A 333 -14.03 4.07 -13.53
CA GLU A 333 -13.42 3.97 -14.86
C GLU A 333 -12.92 5.32 -15.35
N LEU A 334 -13.34 6.42 -14.73
CA LEU A 334 -12.83 7.74 -15.11
C LEU A 334 -11.33 7.87 -14.86
N LEU A 335 -10.78 7.07 -13.95
CA LEU A 335 -9.35 7.13 -13.62
C LEU A 335 -8.54 6.00 -14.22
N PHE A 336 -9.15 5.17 -15.08
CA PHE A 336 -8.39 4.05 -15.64
C PHE A 336 -7.26 4.53 -16.54
N GLY A 337 -7.45 5.65 -17.24
CA GLY A 337 -6.43 6.17 -18.14
C GLY A 337 -5.27 6.84 -17.42
N ALA A 338 -5.57 7.62 -16.39
CA ALA A 338 -4.55 8.40 -15.71
C ALA A 338 -3.67 7.50 -14.84
N GLN A 339 -2.52 8.05 -14.46
CA GLN A 339 -1.65 7.41 -13.47
C GLN A 339 -2.19 7.74 -12.09
N PHE A 340 -2.87 6.78 -11.47
CA PHE A 340 -3.49 6.98 -10.17
C PHE A 340 -3.01 5.89 -9.22
N GLN A 341 -2.55 6.31 -8.04
CA GLN A 341 -2.05 5.37 -7.03
C GLN A 341 -3.23 4.97 -6.14
N TYR A 342 -3.65 3.71 -6.27
CA TYR A 342 -4.82 3.21 -5.53
C TYR A 342 -4.39 2.80 -4.12
N ARG A 343 -4.16 3.83 -3.29
CA ARG A 343 -3.78 3.65 -1.89
C ARG A 343 -3.83 5.01 -1.22
N ASN A 344 -4.29 5.03 0.03
CA ASN A 344 -4.41 6.27 0.78
C ASN A 344 -3.73 6.14 2.12
N ARG A 345 -3.41 7.29 2.70
CA ARG A 345 -2.85 7.38 4.06
C ARG A 345 -3.40 8.63 4.70
N ILE A 346 -4.18 8.47 5.78
CA ILE A 346 -4.84 9.61 6.40
C ILE A 346 -3.81 10.61 6.89
N ALA A 347 -4.01 11.87 6.53
CA ALA A 347 -3.12 12.95 6.92
C ALA A 347 -3.68 13.66 8.14
N MET A 348 -2.78 14.01 9.07
CA MET A 348 -3.21 14.73 10.26
C MET A 348 -3.86 16.07 9.92
N GLU A 349 -3.53 16.65 8.76
CA GLU A 349 -4.22 17.86 8.32
C GLU A 349 -5.68 17.58 8.00
N PHE A 350 -5.96 16.43 7.39
CA PHE A 350 -7.35 16.05 7.13
C PHE A 350 -8.11 15.86 8.43
N ASN A 351 -7.45 15.29 9.44
CA ASN A 351 -8.09 15.12 10.75
C ASN A 351 -8.50 16.48 11.32
N GLN A 352 -7.57 17.44 11.36
CA GLN A 352 -7.89 18.76 11.87
C GLN A 352 -8.98 19.43 11.03
N LEU A 353 -8.86 19.31 9.69
CA LEU A 353 -9.76 20.02 8.80
C LEU A 353 -11.20 19.54 8.93
N TYR A 354 -11.38 18.25 9.18
CA TYR A 354 -12.70 17.59 9.22
C TYR A 354 -13.52 17.73 10.51
N HIS A 355 -13.09 18.58 11.42
CA HIS A 355 -13.81 18.74 12.68
C HIS A 355 -14.94 19.73 12.44
N TRP A 356 -16.14 19.18 12.19
CA TRP A 356 -17.31 19.94 11.78
C TRP A 356 -18.34 20.00 12.89
N HIS A 357 -17.87 20.18 14.13
CA HIS A 357 -18.78 20.29 15.26
C HIS A 357 -19.81 21.41 15.12
N PRO A 358 -19.55 22.49 14.36
CA PRO A 358 -20.63 23.47 14.13
C PRO A 358 -21.89 22.88 13.55
N LEU A 359 -21.81 21.72 12.87
CA LEU A 359 -23.01 21.09 12.34
C LEU A 359 -24.00 20.76 13.45
N MET A 360 -23.51 20.55 14.67
CA MET A 360 -24.39 20.12 15.74
C MET A 360 -25.25 21.29 16.22
N PRO A 361 -26.52 21.04 16.55
CA PRO A 361 -27.44 22.14 16.86
C PRO A 361 -27.41 22.52 18.33
N ASP A 362 -28.29 23.45 18.72
CA ASP A 362 -28.41 23.79 20.13
C ASP A 362 -29.07 22.65 20.91
N SER A 363 -30.14 22.08 20.36
CA SER A 363 -30.78 20.90 20.95
C SER A 363 -31.41 20.09 19.83
N PHE A 364 -31.75 18.85 20.15
CA PHE A 364 -32.17 17.86 19.15
C PHE A 364 -33.68 17.70 19.20
N ARG A 365 -34.35 18.04 18.09
CA ARG A 365 -35.80 17.93 17.98
C ARG A 365 -36.15 16.57 17.40
N VAL A 366 -36.85 15.75 18.18
CA VAL A 366 -37.34 14.46 17.73
C VAL A 366 -38.86 14.53 17.80
N GLY A 367 -39.48 14.93 16.70
CA GLY A 367 -40.92 15.10 16.66
C GLY A 367 -41.37 16.11 17.71
N PRO A 368 -42.37 15.74 18.51
CA PRO A 368 -42.88 16.71 19.50
C PRO A 368 -41.86 17.07 20.57
N GLN A 369 -40.89 16.22 20.86
CA GLN A 369 -40.01 16.42 22.00
C GLN A 369 -38.73 17.14 21.59
N ASP A 370 -38.07 17.72 22.59
CA ASP A 370 -36.87 18.52 22.38
C ASP A 370 -35.85 18.13 23.46
N TYR A 371 -34.92 17.24 23.10
CA TYR A 371 -33.96 16.69 24.04
C TYR A 371 -32.73 17.58 24.11
N SER A 372 -32.31 17.92 25.34
CA SER A 372 -31.06 18.64 25.54
C SER A 372 -29.87 17.69 25.33
N TYR A 373 -28.67 18.26 25.36
CA TYR A 373 -27.46 17.47 25.19
C TYR A 373 -27.34 16.43 26.31
N GLU A 374 -27.54 16.84 27.55
CA GLU A 374 -27.47 15.91 28.67
C GLU A 374 -28.54 14.84 28.53
N GLN A 375 -29.68 15.19 27.95
CA GLN A 375 -30.79 14.28 27.76
C GLN A 375 -30.65 13.44 26.50
N PHE A 376 -29.75 13.84 25.59
CA PHE A 376 -29.54 13.14 24.32
C PHE A 376 -28.33 12.22 24.37
N LEU A 377 -27.16 12.75 24.67
CA LEU A 377 -25.95 11.94 24.69
C LEU A 377 -26.09 10.77 25.65
N PHE A 378 -25.44 9.67 25.30
CA PHE A 378 -25.28 8.51 26.17
C PHE A 378 -26.60 7.79 26.44
N ASN A 379 -27.65 8.15 25.72
CA ASN A 379 -28.98 7.61 25.99
C ASN A 379 -29.07 6.20 25.40
N THR A 380 -28.91 5.19 26.26
CA THR A 380 -28.84 3.81 25.80
C THR A 380 -30.16 3.30 25.25
N SER A 381 -31.28 3.95 25.57
CA SER A 381 -32.60 3.44 25.22
C SER A 381 -33.30 4.29 24.16
N MET A 382 -32.71 5.41 23.73
CA MET A 382 -33.42 6.30 22.83
C MET A 382 -33.67 5.66 21.47
N LEU A 383 -32.68 4.95 20.94
CA LEU A 383 -32.82 4.36 19.61
C LEU A 383 -33.94 3.33 19.59
N VAL A 384 -34.00 2.47 20.62
CA VAL A 384 -34.96 1.38 20.63
C VAL A 384 -36.37 1.90 20.87
N ASP A 385 -36.52 2.94 21.69
CA ASP A 385 -37.84 3.48 21.98
C ASP A 385 -38.48 4.08 20.73
N TYR A 386 -37.73 4.91 20.00
CA TYR A 386 -38.29 5.62 18.86
C TYR A 386 -38.22 4.82 17.56
N GLY A 387 -37.27 3.91 17.44
CA GLY A 387 -37.13 3.15 16.21
C GLY A 387 -36.30 3.89 15.18
N VAL A 388 -35.68 3.12 14.28
CA VAL A 388 -34.83 3.71 13.25
C VAL A 388 -35.62 4.70 12.41
N GLU A 389 -36.84 4.32 12.02
CA GLU A 389 -37.61 5.17 11.13
C GLU A 389 -37.84 6.55 11.73
N ALA A 390 -38.32 6.60 12.97
CA ALA A 390 -38.68 7.89 13.56
C ALA A 390 -37.46 8.78 13.76
N LEU A 391 -36.31 8.20 14.08
CA LEU A 391 -35.10 9.00 14.27
C LEU A 391 -34.57 9.51 12.94
N VAL A 392 -34.53 8.66 11.92
CA VAL A 392 -34.10 9.12 10.60
C VAL A 392 -35.00 10.25 10.12
N ASP A 393 -36.31 10.12 10.32
CA ASP A 393 -37.22 11.19 9.95
C ASP A 393 -36.94 12.45 10.74
N ALA A 394 -36.74 12.33 12.06
CA ALA A 394 -36.56 13.50 12.91
C ALA A 394 -35.29 14.26 12.55
N PHE A 395 -34.20 13.53 12.27
CA PHE A 395 -32.95 14.20 11.95
C PHE A 395 -33.01 14.86 10.57
N SER A 396 -33.63 14.17 9.60
CA SER A 396 -33.71 14.74 8.26
C SER A 396 -34.55 16.01 8.23
N ARG A 397 -35.49 16.15 9.17
CA ARG A 397 -36.36 17.32 9.22
C ARG A 397 -35.76 18.47 10.02
N GLN A 398 -34.64 18.25 10.74
CA GLN A 398 -34.11 19.30 11.60
C GLN A 398 -32.88 19.94 10.97
N PRO A 399 -32.80 21.27 10.89
CA PRO A 399 -31.63 21.90 10.27
C PRO A 399 -30.37 21.67 11.08
N ALA A 400 -29.23 21.71 10.38
CA ALA A 400 -27.92 21.64 10.99
C ALA A 400 -27.19 22.97 10.80
N GLY A 401 -26.23 23.23 11.69
CA GLY A 401 -25.56 24.51 11.69
C GLY A 401 -24.54 24.65 10.57
N ARG A 402 -24.22 25.90 10.27
CA ARG A 402 -23.17 26.21 9.29
C ARG A 402 -21.80 25.94 9.90
N ILE A 403 -20.86 25.57 9.04
CA ILE A 403 -19.52 25.19 9.49
C ILE A 403 -18.59 26.41 9.58
N GLY A 404 -18.53 27.20 8.52
CA GLY A 404 -17.60 28.30 8.43
C GLY A 404 -18.12 29.57 9.08
N GLY A 405 -17.40 30.66 8.82
CA GLY A 405 -17.79 31.96 9.33
C GLY A 405 -17.32 32.23 10.75
N GLY A 406 -17.45 31.23 11.62
CA GLY A 406 -17.02 31.36 12.99
C GLY A 406 -18.19 31.63 13.93
N ARG A 407 -17.88 31.52 15.23
CA ARG A 407 -18.85 31.77 16.30
C ARG A 407 -20.10 30.92 16.11
N ASN A 408 -19.91 29.64 15.78
CA ASN A 408 -21.03 28.75 15.55
C ASN A 408 -20.79 27.34 16.09
N ILE A 409 -19.96 27.20 17.13
CA ILE A 409 -19.76 25.92 17.81
C ILE A 409 -20.49 25.98 19.15
N ASP A 410 -21.36 25.01 19.39
CA ASP A 410 -22.14 25.00 20.62
C ASP A 410 -21.22 24.82 21.82
N HIS A 411 -21.62 25.41 22.95
CA HIS A 411 -20.76 25.43 24.13
C HIS A 411 -20.57 24.04 24.73
N HIS A 412 -21.49 23.12 24.50
CA HIS A 412 -21.33 21.77 25.04
C HIS A 412 -20.13 21.06 24.42
N ILE A 413 -19.92 21.24 23.11
CA ILE A 413 -18.88 20.55 22.38
C ILE A 413 -17.70 21.48 22.06
N LEU A 414 -17.64 22.65 22.69
CA LEU A 414 -16.56 23.58 22.41
C LEU A 414 -15.24 23.09 22.98
N HIS A 415 -15.28 22.26 24.03
CA HIS A 415 -14.05 21.75 24.61
C HIS A 415 -13.27 20.89 23.63
N VAL A 416 -13.93 20.43 22.55
CA VAL A 416 -13.20 19.77 21.48
C VAL A 416 -12.35 20.78 20.72
N ALA A 417 -12.92 21.93 20.37
CA ALA A 417 -12.19 22.91 19.57
C ALA A 417 -10.93 23.38 20.29
N VAL A 418 -11.00 23.58 21.60
CA VAL A 418 -9.82 23.99 22.35
C VAL A 418 -8.77 22.89 22.31
N ASP A 419 -9.18 21.64 22.56
CA ASP A 419 -8.24 20.54 22.49
C ASP A 419 -7.70 20.33 21.08
N VAL A 420 -8.41 20.80 20.06
CA VAL A 420 -7.92 20.70 18.69
C VAL A 420 -6.89 21.78 18.42
N ILE A 421 -7.10 22.99 18.93
CA ILE A 421 -6.08 24.03 18.84
C ILE A 421 -4.84 23.61 19.61
N LYS A 422 -5.04 23.02 20.81
CA LYS A 422 -3.90 22.48 21.55
C LYS A 422 -3.21 21.39 20.75
N GLU A 423 -3.99 20.48 20.15
CA GLU A 423 -3.39 19.39 19.39
C GLU A 423 -2.65 19.92 18.16
N SER A 424 -3.22 20.90 17.47
CA SER A 424 -2.54 21.48 16.32
C SER A 424 -1.18 22.04 16.70
N ARG A 425 -1.09 22.65 17.88
CA ARG A 425 0.18 23.22 18.34
C ARG A 425 1.17 22.14 18.73
N VAL A 426 0.69 21.02 19.28
CA VAL A 426 1.60 19.93 19.67
C VAL A 426 2.11 19.20 18.44
N LEU A 427 1.22 18.91 17.48
CA LEU A 427 1.67 18.35 16.21
C LEU A 427 2.58 19.31 15.46
N ARG A 428 2.53 20.60 15.80
CA ARG A 428 3.39 21.62 15.20
C ARG A 428 3.09 21.77 13.71
N LEU A 429 1.85 22.16 13.42
CA LEU A 429 1.44 22.43 12.05
C LEU A 429 1.98 23.77 11.57
N GLN A 430 2.24 23.85 10.26
CA GLN A 430 2.68 25.10 9.67
C GLN A 430 1.53 26.10 9.63
N PRO A 431 1.83 27.40 9.53
CA PRO A 431 0.76 28.40 9.60
C PRO A 431 -0.20 28.29 8.42
N PHE A 432 -1.31 29.00 8.55
CA PHE A 432 -2.41 28.85 7.60
C PHE A 432 -1.99 29.20 6.19
N ASN A 433 -1.40 30.39 6.01
CA ASN A 433 -1.08 30.85 4.67
C ASN A 433 -0.10 29.92 3.96
N GLU A 434 0.75 29.23 4.73
CA GLU A 434 1.64 28.25 4.12
C GLU A 434 0.84 27.06 3.57
N TYR A 435 -0.25 26.68 4.23
CA TYR A 435 -1.09 25.62 3.69
C TYR A 435 -1.91 26.11 2.50
N ARG A 436 -2.26 27.39 2.48
CA ARG A 436 -2.89 27.96 1.29
C ARG A 436 -1.93 27.88 0.09
N LYS A 437 -0.67 28.26 0.30
CA LYS A 437 0.29 28.21 -0.80
C LYS A 437 0.47 26.78 -1.30
N ARG A 438 0.55 25.81 -0.38
CA ARG A 438 0.72 24.42 -0.77
C ARG A 438 -0.50 23.85 -1.47
N PHE A 439 -1.68 24.44 -1.27
CA PHE A 439 -2.91 23.96 -1.88
C PHE A 439 -3.38 24.89 -3.01
N GLY A 440 -2.44 25.52 -3.71
CA GLY A 440 -2.75 26.27 -4.91
C GLY A 440 -3.59 27.52 -4.71
N MET A 441 -3.34 28.27 -3.64
CA MET A 441 -4.03 29.52 -3.41
C MET A 441 -3.02 30.57 -2.95
N LYS A 442 -3.34 31.83 -3.22
CA LYS A 442 -2.47 32.90 -2.76
C LYS A 442 -2.76 33.20 -1.29
N PRO A 443 -1.73 33.53 -0.51
CA PRO A 443 -1.94 33.80 0.91
C PRO A 443 -2.80 35.04 1.12
N TYR A 444 -3.60 35.02 2.19
CA TYR A 444 -4.34 36.20 2.59
C TYR A 444 -3.40 37.23 3.18
N THR A 445 -3.61 38.49 2.82
CA THR A 445 -2.68 39.57 3.15
C THR A 445 -2.99 40.26 4.47
N SER A 446 -4.15 40.01 5.05
CA SER A 446 -4.52 40.60 6.34
C SER A 446 -5.77 39.90 6.84
N PHE A 447 -5.99 40.01 8.16
CA PHE A 447 -7.15 39.35 8.75
C PHE A 447 -8.46 39.90 8.19
N GLN A 448 -8.47 41.19 7.81
CA GLN A 448 -9.68 41.76 7.23
C GLN A 448 -10.05 41.07 5.93
N GLU A 449 -9.04 40.71 5.13
CA GLU A 449 -9.29 39.94 3.92
C GLU A 449 -9.80 38.54 4.25
N LEU A 450 -9.23 37.92 5.29
CA LEU A 450 -9.66 36.59 5.69
C LEU A 450 -11.15 36.57 6.01
N THR A 451 -11.56 37.30 7.05
CA THR A 451 -12.93 37.24 7.54
C THR A 451 -13.89 38.11 6.76
N GLY A 452 -13.41 39.05 5.94
CA GLY A 452 -14.30 39.93 5.23
C GLY A 452 -15.08 40.88 6.10
N GLU A 453 -14.64 41.10 7.33
CA GLU A 453 -15.32 41.97 8.27
C GLU A 453 -14.29 42.53 9.24
N LYS A 454 -14.67 43.60 9.93
CA LYS A 454 -13.70 44.46 10.60
C LYS A 454 -13.51 44.16 12.09
N GLU A 455 -14.58 43.92 12.83
CA GLU A 455 -14.44 43.75 14.29
C GLU A 455 -13.58 42.55 14.65
N MET A 456 -14.06 41.35 14.32
CA MET A 456 -13.37 40.13 14.71
C MET A 456 -12.01 39.99 14.05
N ALA A 457 -11.80 40.62 12.89
CA ALA A 457 -10.49 40.59 12.25
C ALA A 457 -9.47 41.39 13.05
N ALA A 458 -9.86 42.60 13.50
CA ALA A 458 -8.93 43.44 14.23
C ALA A 458 -8.49 42.78 15.53
N GLU A 459 -9.42 42.13 16.22
CA GLU A 459 -9.06 41.42 17.44
C GLU A 459 -8.08 40.29 17.15
N LEU A 460 -8.33 39.51 16.09
CA LEU A 460 -7.41 38.44 15.74
C LEU A 460 -6.02 38.97 15.48
N GLU A 461 -5.91 40.11 14.80
CA GLU A 461 -4.61 40.73 14.57
C GLU A 461 -3.95 41.10 15.90
N GLU A 462 -4.74 41.50 16.89
CA GLU A 462 -4.18 41.84 18.20
C GLU A 462 -3.65 40.58 18.91
N LEU A 463 -4.35 39.45 18.73
CA LEU A 463 -3.90 38.22 19.37
C LEU A 463 -2.67 37.63 18.66
N TYR A 464 -2.67 37.63 17.33
CA TYR A 464 -1.65 36.94 16.56
C TYR A 464 -0.52 37.84 16.10
N GLY A 465 -0.79 39.12 15.84
CA GLY A 465 0.23 40.07 15.44
C GLY A 465 0.51 40.12 13.95
N ASP A 466 0.26 39.04 13.23
CA ASP A 466 0.52 39.02 11.80
C ASP A 466 -0.32 37.91 11.17
N ILE A 467 -0.80 38.17 9.94
CA ILE A 467 -1.62 37.18 9.24
C ILE A 467 -0.82 35.90 8.97
N ASP A 468 0.47 36.05 8.62
CA ASP A 468 1.29 34.90 8.28
C ASP A 468 1.57 34.00 9.48
N ALA A 469 1.20 34.43 10.69
CA ALA A 469 1.34 33.62 11.88
C ALA A 469 0.01 33.00 12.31
N LEU A 470 -1.02 33.09 11.49
CA LEU A 470 -2.31 32.50 11.82
C LEU A 470 -2.21 30.98 11.85
N GLU A 471 -2.96 30.36 12.76
CA GLU A 471 -2.97 28.91 12.89
C GLU A 471 -3.87 28.29 11.82
N PHE A 472 -3.80 26.95 11.74
CA PHE A 472 -4.51 26.23 10.69
C PHE A 472 -5.99 26.10 11.03
N TYR A 473 -6.31 25.48 12.17
CA TYR A 473 -7.71 25.24 12.50
C TYR A 473 -8.50 26.53 12.66
N PRO A 474 -8.04 27.53 13.43
CA PRO A 474 -8.81 28.77 13.52
C PRO A 474 -9.06 29.43 12.17
N GLY A 475 -8.06 29.41 11.28
CA GLY A 475 -8.23 30.06 10.00
C GLY A 475 -9.33 29.46 9.16
N LEU A 476 -9.45 28.13 9.18
CA LEU A 476 -10.46 27.47 8.37
C LEU A 476 -11.87 27.87 8.79
N LEU A 477 -12.15 27.83 10.09
CA LEU A 477 -13.50 28.10 10.56
C LEU A 477 -13.85 29.58 10.51
N LEU A 478 -12.86 30.47 10.54
CA LEU A 478 -13.11 31.90 10.55
C LEU A 478 -13.06 32.53 9.17
N GLU A 479 -12.68 31.78 8.14
CA GLU A 479 -12.64 32.34 6.79
C GLU A 479 -14.02 32.74 6.34
N LYS A 480 -14.10 33.88 5.64
CA LYS A 480 -15.36 34.30 5.03
C LYS A 480 -15.91 33.18 4.17
N CYS A 481 -17.18 32.86 4.40
CA CYS A 481 -17.83 31.78 3.65
C CYS A 481 -18.17 32.23 2.24
N HIS A 482 -18.23 31.26 1.33
CA HIS A 482 -18.70 31.55 -0.02
C HIS A 482 -20.16 31.97 0.03
N PRO A 483 -20.63 32.74 -0.96
CA PRO A 483 -21.98 33.32 -0.86
C PRO A 483 -23.04 32.23 -0.73
N ASN A 484 -23.79 32.29 0.39
CA ASN A 484 -24.83 31.31 0.67
C ASN A 484 -24.27 29.89 0.67
N SER A 485 -23.12 29.72 1.31
CA SER A 485 -22.42 28.44 1.34
C SER A 485 -22.20 28.01 2.78
N ILE A 486 -21.94 26.70 2.95
CA ILE A 486 -21.78 26.13 4.27
C ILE A 486 -20.40 26.43 4.85
N PHE A 487 -19.36 26.52 4.01
CA PHE A 487 -18.03 26.88 4.48
C PHE A 487 -17.26 27.52 3.34
N GLY A 488 -16.12 28.12 3.68
CA GLY A 488 -15.43 29.04 2.81
C GLY A 488 -14.50 28.37 1.81
N GLU A 489 -13.68 29.22 1.18
CA GLU A 489 -12.84 28.79 0.06
C GLU A 489 -11.82 27.75 0.49
N SER A 490 -11.14 27.99 1.61
CA SER A 490 -10.00 27.14 1.99
C SER A 490 -10.45 25.72 2.32
N MET A 491 -11.58 25.57 3.00
CA MET A 491 -12.06 24.25 3.35
C MET A 491 -12.36 23.42 2.10
N ILE A 492 -12.89 24.07 1.07
CA ILE A 492 -13.07 23.39 -0.22
C ILE A 492 -11.73 22.91 -0.75
N GLU A 493 -10.82 23.85 -1.02
CA GLU A 493 -9.60 23.53 -1.76
C GLU A 493 -8.66 22.61 -1.01
N MET A 494 -8.77 22.54 0.32
CA MET A 494 -7.87 21.69 1.10
C MET A 494 -8.45 20.32 1.42
N GLY A 495 -9.74 20.24 1.76
CA GLY A 495 -10.35 18.96 2.07
C GLY A 495 -10.65 18.14 0.85
N ALA A 496 -10.99 18.80 -0.26
CA ALA A 496 -11.34 18.09 -1.47
C ALA A 496 -10.23 17.16 -1.96
N PRO A 497 -8.97 17.56 -1.97
CA PRO A 497 -7.92 16.58 -2.33
C PRO A 497 -7.89 15.34 -1.47
N PHE A 498 -7.98 15.49 -0.14
CA PHE A 498 -7.92 14.32 0.73
C PHE A 498 -9.15 13.43 0.54
N SER A 499 -10.33 14.03 0.46
CA SER A 499 -11.55 13.24 0.36
C SER A 499 -11.58 12.44 -0.93
N LEU A 500 -11.26 13.09 -2.05
CA LEU A 500 -11.23 12.38 -3.32
C LEU A 500 -10.21 11.26 -3.29
N LYS A 501 -9.01 11.54 -2.78
CA LYS A 501 -7.96 10.53 -2.73
C LYS A 501 -8.34 9.36 -1.84
N GLY A 502 -9.14 9.62 -0.80
CA GLY A 502 -9.52 8.55 0.12
C GLY A 502 -10.68 7.72 -0.34
N LEU A 503 -11.52 8.26 -1.23
CA LEU A 503 -12.68 7.54 -1.73
C LEU A 503 -12.36 6.78 -3.01
N LEU A 504 -11.68 7.42 -3.96
CA LEU A 504 -11.29 6.75 -5.19
C LEU A 504 -9.94 6.04 -5.06
N GLY A 505 -9.19 6.28 -3.99
CA GLY A 505 -8.01 5.50 -3.71
C GLY A 505 -8.29 4.14 -3.13
N ASN A 506 -9.54 3.86 -2.78
CA ASN A 506 -9.89 2.54 -2.27
C ASN A 506 -9.64 1.49 -3.36
N PRO A 507 -9.03 0.35 -3.01
CA PRO A 507 -8.67 -0.63 -4.05
C PRO A 507 -9.83 -1.09 -4.91
N ILE A 508 -11.07 -1.09 -4.40
CA ILE A 508 -12.18 -1.58 -5.21
C ILE A 508 -12.38 -0.71 -6.45
N CYS A 509 -11.96 0.55 -6.39
CA CYS A 509 -12.00 1.40 -7.57
C CYS A 509 -10.90 1.08 -8.57
N SER A 510 -9.91 0.28 -8.18
CA SER A 510 -8.82 -0.05 -9.08
C SER A 510 -9.32 -0.93 -10.23
N PRO A 511 -8.59 -0.96 -11.34
CA PRO A 511 -8.99 -1.86 -12.43
C PRO A 511 -9.01 -3.32 -12.04
N GLU A 512 -8.12 -3.75 -11.14
CA GLU A 512 -8.06 -5.15 -10.76
C GLU A 512 -9.27 -5.59 -9.97
N TYR A 513 -9.89 -4.67 -9.23
CA TYR A 513 -10.99 -5.01 -8.34
C TYR A 513 -12.36 -4.65 -8.90
N TRP A 514 -12.45 -3.54 -9.65
CA TRP A 514 -13.75 -3.00 -10.07
C TRP A 514 -14.33 -3.83 -11.21
N LYS A 515 -14.71 -5.06 -10.88
CA LYS A 515 -15.40 -5.93 -11.83
C LYS A 515 -16.47 -6.71 -11.09
N ALA A 516 -17.39 -7.29 -11.86
CA ALA A 516 -18.59 -7.88 -11.27
C ALA A 516 -18.29 -9.12 -10.45
N SER A 517 -17.20 -9.84 -10.76
CA SER A 517 -16.87 -11.02 -9.97
C SER A 517 -16.39 -10.65 -8.58
N THR A 518 -15.76 -9.48 -8.42
CA THR A 518 -15.34 -9.04 -7.10
C THR A 518 -16.52 -8.95 -6.15
N PHE A 519 -17.72 -8.72 -6.68
CA PHE A 519 -18.93 -8.62 -5.89
C PHE A 519 -19.86 -9.81 -6.11
N GLY A 520 -19.33 -10.95 -6.56
CA GLY A 520 -20.10 -12.17 -6.66
C GLY A 520 -21.28 -12.07 -7.60
N GLY A 521 -21.03 -11.70 -8.85
CA GLY A 521 -22.09 -11.61 -9.84
C GLY A 521 -22.57 -10.18 -10.02
N GLU A 522 -23.49 -10.02 -10.96
CA GLU A 522 -24.01 -8.70 -11.29
C GLU A 522 -24.93 -8.14 -10.21
N VAL A 523 -25.50 -8.99 -9.37
CA VAL A 523 -26.39 -8.50 -8.31
C VAL A 523 -25.62 -7.59 -7.37
N GLY A 524 -24.46 -8.03 -6.91
CA GLY A 524 -23.65 -7.17 -6.05
C GLY A 524 -23.14 -5.95 -6.79
N PHE A 525 -22.73 -6.12 -8.04
CA PHE A 525 -22.15 -5.01 -8.80
C PHE A 525 -23.18 -3.92 -9.05
N ASN A 526 -24.46 -4.29 -9.20
CA ASN A 526 -25.51 -3.31 -9.40
C ASN A 526 -26.04 -2.74 -8.09
N LEU A 527 -25.90 -3.47 -6.99
CA LEU A 527 -26.16 -2.87 -5.68
C LEU A 527 -25.20 -1.71 -5.42
N VAL A 528 -23.93 -1.89 -5.76
CA VAL A 528 -22.96 -0.81 -5.61
C VAL A 528 -23.27 0.31 -6.59
N LYS A 529 -23.64 -0.03 -7.83
CA LYS A 529 -23.78 0.97 -8.88
C LYS A 529 -25.04 1.80 -8.72
N THR A 530 -26.09 1.27 -8.08
CA THR A 530 -27.36 1.95 -7.98
C THR A 530 -27.74 2.32 -6.55
N ALA A 531 -26.75 2.39 -5.66
CA ALA A 531 -27.03 2.66 -4.26
C ALA A 531 -27.46 4.10 -4.04
N THR A 532 -28.36 4.30 -3.08
CA THR A 532 -28.79 5.63 -2.67
C THR A 532 -28.97 5.65 -1.16
N LEU A 533 -29.03 6.86 -0.61
CA LEU A 533 -29.35 6.98 0.81
C LEU A 533 -30.76 6.51 1.09
N LYS A 534 -31.71 6.87 0.23
CA LYS A 534 -33.10 6.47 0.45
C LYS A 534 -33.23 4.94 0.43
N LYS A 535 -32.53 4.28 -0.48
CA LYS A 535 -32.58 2.82 -0.54
C LYS A 535 -31.98 2.21 0.72
N LEU A 536 -30.81 2.69 1.14
CA LEU A 536 -30.15 2.11 2.30
C LEU A 536 -31.03 2.17 3.53
N VAL A 537 -31.86 3.20 3.65
CA VAL A 537 -32.67 3.41 4.84
C VAL A 537 -34.00 2.69 4.75
N CYS A 538 -34.65 2.71 3.59
CA CYS A 538 -36.00 2.19 3.47
C CYS A 538 -36.06 0.71 3.14
N LEU A 539 -35.00 0.14 2.56
CA LEU A 539 -34.97 -1.30 2.33
C LEU A 539 -34.82 -2.09 3.62
N ASN A 540 -34.38 -1.45 4.70
CA ASN A 540 -34.13 -2.13 5.96
C ASN A 540 -35.10 -1.71 7.06
N THR A 541 -36.27 -1.18 6.69
CA THR A 541 -37.29 -0.80 7.66
C THR A 541 -38.65 -1.25 7.16
N LYS A 542 -39.60 -1.36 8.09
CA LYS A 542 -40.96 -1.72 7.72
C LYS A 542 -41.65 -0.61 6.94
N THR A 543 -41.27 0.64 7.20
CA THR A 543 -41.81 1.81 6.51
C THR A 543 -40.68 2.65 5.97
N CYS A 544 -41.02 3.61 5.11
CA CYS A 544 -40.04 4.48 4.47
C CYS A 544 -40.22 5.91 4.98
N PRO A 545 -39.39 6.38 5.90
CA PRO A 545 -39.49 7.76 6.37
C PRO A 545 -38.78 8.72 5.42
N TYR A 546 -38.83 10.01 5.76
CA TYR A 546 -38.16 11.04 4.98
C TYR A 546 -36.67 10.98 5.30
N VAL A 547 -35.87 10.58 4.32
CA VAL A 547 -34.43 10.49 4.46
C VAL A 547 -33.78 11.29 3.35
N SER A 548 -32.91 12.22 3.72
CA SER A 548 -32.18 13.06 2.77
C SER A 548 -31.15 13.84 3.57
N PHE A 549 -30.22 14.45 2.85
CA PHE A 549 -29.22 15.32 3.47
C PHE A 549 -29.67 16.77 3.54
N HIS A 550 -30.91 17.07 3.16
CA HIS A 550 -31.44 18.42 3.22
C HIS A 550 -32.87 18.39 3.75
N VAL A 551 -33.21 19.38 4.56
CA VAL A 551 -34.56 19.50 5.11
C VAL A 551 -35.52 19.77 3.97
N PRO A 552 -36.80 19.41 4.09
CA PRO A 552 -37.76 19.68 3.01
C PRO A 552 -37.94 21.18 2.81
N ASP A 553 -37.84 21.61 1.55
CA ASP A 553 -37.87 23.03 1.16
C ASP A 553 -37.67 24.01 2.31
N PRO B 1 -22.41 -33.15 -6.84
CA PRO B 1 -21.85 -32.84 -8.16
C PRO B 1 -20.42 -32.32 -8.08
N VAL B 2 -19.70 -32.39 -9.19
CA VAL B 2 -18.32 -31.91 -9.25
C VAL B 2 -18.33 -30.39 -9.34
N ASN B 3 -17.34 -29.77 -8.73
CA ASN B 3 -17.22 -28.32 -8.83
C ASN B 3 -16.77 -27.95 -10.24
N PRO B 4 -17.55 -27.14 -10.97
CA PRO B 4 -17.13 -26.80 -12.34
C PRO B 4 -15.81 -26.05 -12.40
N CYS B 5 -15.49 -25.25 -11.37
CA CYS B 5 -14.27 -24.45 -11.41
C CYS B 5 -13.00 -25.29 -11.27
N CYS B 6 -13.11 -26.61 -11.19
CA CYS B 6 -11.95 -27.48 -11.18
C CYS B 6 -11.49 -27.89 -12.57
N TYR B 7 -12.32 -27.65 -13.59
CA TYR B 7 -11.90 -27.87 -14.97
C TYR B 7 -11.05 -26.74 -15.51
N TYR B 8 -10.84 -25.67 -14.72
CA TYR B 8 -10.08 -24.51 -15.14
C TYR B 8 -10.63 -23.99 -16.47
N PRO B 9 -11.95 -23.79 -16.56
CA PRO B 9 -12.56 -23.60 -17.88
C PRO B 9 -12.16 -22.30 -18.55
N CYS B 10 -11.90 -21.25 -17.78
CA CYS B 10 -11.81 -19.91 -18.32
C CYS B 10 -10.35 -19.51 -18.51
N GLN B 11 -10.02 -19.11 -19.73
CA GLN B 11 -8.67 -18.78 -20.13
C GLN B 11 -8.47 -17.28 -20.12
N HIS B 12 -7.21 -16.87 -20.29
CA HIS B 12 -6.87 -15.46 -20.51
C HIS B 12 -7.35 -14.60 -19.35
N GLN B 13 -7.11 -15.09 -18.13
CA GLN B 13 -7.34 -14.34 -16.90
C GLN B 13 -8.83 -14.19 -16.58
N GLY B 14 -9.66 -15.11 -17.07
CA GLY B 14 -11.06 -15.12 -16.68
C GLY B 14 -11.24 -15.71 -15.29
N ILE B 15 -12.17 -15.13 -14.54
CA ILE B 15 -12.40 -15.48 -13.14
C ILE B 15 -13.61 -16.41 -13.05
N CYS B 16 -13.40 -17.61 -12.55
CA CYS B 16 -14.48 -18.58 -12.39
C CYS B 16 -15.30 -18.25 -11.15
N VAL B 17 -16.59 -18.02 -11.33
CA VAL B 17 -17.51 -17.68 -10.24
C VAL B 17 -18.66 -18.67 -10.27
N ARG B 18 -18.83 -19.40 -9.16
CA ARG B 18 -19.87 -20.41 -9.08
C ARG B 18 -21.23 -19.76 -8.87
N PHE B 19 -22.19 -20.12 -9.71
CA PHE B 19 -23.60 -19.84 -9.48
C PHE B 19 -24.33 -21.15 -9.22
N GLY B 20 -25.29 -21.12 -8.32
CA GLY B 20 -26.15 -22.27 -8.15
C GLY B 20 -25.42 -23.53 -7.69
N LEU B 21 -26.17 -24.64 -7.74
CA LEU B 21 -25.64 -25.91 -7.26
C LEU B 21 -24.51 -26.42 -8.14
N ASP B 22 -24.64 -26.28 -9.47
CA ASP B 22 -23.67 -26.92 -10.36
C ASP B 22 -23.32 -26.07 -11.58
N ARG B 23 -23.56 -24.76 -11.56
CA ARG B 23 -23.24 -23.89 -12.69
C ARG B 23 -22.03 -23.02 -12.36
N TYR B 24 -21.59 -22.28 -13.36
CA TYR B 24 -20.53 -21.30 -13.19
C TYR B 24 -20.66 -20.24 -14.28
N GLN B 25 -20.11 -19.06 -13.99
CA GLN B 25 -19.98 -18.01 -14.98
C GLN B 25 -18.64 -17.32 -14.77
N CYS B 26 -18.10 -16.74 -15.84
CA CYS B 26 -16.78 -16.14 -15.79
C CYS B 26 -16.83 -14.66 -16.16
N ASP B 27 -16.09 -13.87 -15.38
CA ASP B 27 -15.96 -12.43 -15.58
C ASP B 27 -14.78 -12.19 -16.50
N CYS B 28 -15.04 -12.15 -17.81
CA CYS B 28 -14.04 -11.76 -18.78
C CYS B 28 -13.84 -10.24 -18.83
N THR B 29 -14.38 -9.51 -17.86
CA THR B 29 -14.24 -8.06 -17.82
C THR B 29 -12.79 -7.65 -17.89
N ARG B 30 -12.46 -6.87 -18.93
CA ARG B 30 -11.11 -6.34 -19.14
C ARG B 30 -10.08 -7.44 -19.29
N THR B 31 -10.49 -8.61 -19.78
CA THR B 31 -9.58 -9.69 -20.08
C THR B 31 -9.12 -9.70 -21.54
N GLY B 32 -9.71 -8.85 -22.38
CA GLY B 32 -9.39 -8.83 -23.79
C GLY B 32 -10.07 -9.91 -24.61
N TYR B 33 -10.88 -10.75 -23.98
CA TYR B 33 -11.60 -11.82 -24.66
C TYR B 33 -13.07 -11.76 -24.28
N SER B 34 -13.86 -12.65 -24.87
CA SER B 34 -15.28 -12.72 -24.61
C SER B 34 -15.73 -14.17 -24.70
N GLY B 35 -16.96 -14.42 -24.25
CA GLY B 35 -17.54 -15.74 -24.31
C GLY B 35 -17.70 -16.35 -22.93
N PRO B 36 -18.37 -17.50 -22.86
CA PRO B 36 -18.54 -18.18 -21.57
C PRO B 36 -17.21 -18.51 -20.90
N ASN B 37 -16.19 -18.87 -21.68
CA ASN B 37 -14.88 -19.24 -21.17
C ASN B 37 -13.80 -18.22 -21.53
N CYS B 38 -14.21 -17.01 -21.95
CA CYS B 38 -13.27 -15.96 -22.35
C CYS B 38 -12.30 -16.46 -23.43
N THR B 39 -12.83 -17.22 -24.38
CA THR B 39 -12.05 -17.78 -25.47
C THR B 39 -12.26 -17.07 -26.79
N ILE B 40 -13.06 -16.00 -26.81
CA ILE B 40 -13.37 -15.29 -28.05
C ILE B 40 -12.63 -13.96 -28.04
N PRO B 41 -11.49 -13.85 -28.74
CA PRO B 41 -10.71 -12.62 -28.67
C PRO B 41 -11.45 -11.44 -29.28
N GLU B 42 -11.20 -10.27 -28.70
CA GLU B 42 -11.67 -9.03 -29.31
C GLU B 42 -10.81 -8.71 -30.52
N ILE B 43 -11.14 -7.60 -31.19
CA ILE B 43 -10.45 -7.26 -32.44
C ILE B 43 -8.97 -6.98 -32.17
N TRP B 44 -8.67 -6.16 -31.16
CA TRP B 44 -7.28 -5.83 -30.88
C TRP B 44 -6.51 -7.01 -30.31
N THR B 45 -7.12 -7.75 -29.38
CA THR B 45 -6.42 -8.86 -28.75
C THR B 45 -6.02 -9.91 -29.79
N TRP B 46 -6.91 -10.21 -30.73
CA TRP B 46 -6.54 -11.10 -31.82
C TRP B 46 -5.42 -10.50 -32.66
N LEU B 47 -5.47 -9.20 -32.91
CA LEU B 47 -4.38 -8.54 -33.60
C LEU B 47 -3.06 -8.75 -32.87
N ARG B 48 -3.07 -8.64 -31.54
CA ARG B 48 -1.85 -8.84 -30.78
C ARG B 48 -1.37 -10.29 -30.86
N THR B 49 -2.25 -11.25 -30.57
CA THR B 49 -1.84 -12.64 -30.44
C THR B 49 -1.37 -13.25 -31.75
N THR B 50 -1.75 -12.68 -32.89
CA THR B 50 -1.28 -13.19 -34.17
C THR B 50 0.07 -12.61 -34.55
N LEU B 51 0.26 -11.32 -34.34
CA LEU B 51 1.54 -10.66 -34.58
C LEU B 51 2.54 -10.90 -33.46
N ARG B 52 2.31 -11.91 -32.61
CA ARG B 52 3.26 -12.16 -31.54
C ARG B 52 4.38 -13.07 -32.03
N PRO B 53 5.61 -12.83 -31.56
CA PRO B 53 6.66 -13.84 -31.66
C PRO B 53 6.61 -14.80 -30.47
N SER B 54 7.14 -15.99 -30.69
CA SER B 54 7.17 -16.97 -29.61
C SER B 54 8.25 -16.60 -28.59
N PRO B 55 8.06 -16.96 -27.31
CA PRO B 55 9.06 -16.60 -26.30
C PRO B 55 10.45 -17.15 -26.59
N SER B 56 10.56 -18.33 -27.19
CA SER B 56 11.86 -18.84 -27.56
C SER B 56 12.50 -18.01 -28.67
N PHE B 57 11.68 -17.45 -29.56
CA PHE B 57 12.20 -16.62 -30.65
C PHE B 57 12.77 -15.31 -30.13
N ILE B 58 12.12 -14.70 -29.14
CA ILE B 58 12.60 -13.42 -28.64
C ILE B 58 13.87 -13.60 -27.82
N HIS B 59 13.99 -14.72 -27.09
CA HIS B 59 15.26 -15.03 -26.44
C HIS B 59 16.36 -15.14 -27.47
N PHE B 60 16.05 -15.68 -28.64
CA PHE B 60 17.03 -15.75 -29.72
C PHE B 60 17.49 -14.35 -30.12
N LEU B 61 16.55 -13.43 -30.29
CA LEU B 61 16.91 -12.05 -30.64
C LEU B 61 17.81 -11.44 -29.59
N LEU B 62 17.41 -11.56 -28.32
CA LEU B 62 18.12 -10.89 -27.23
C LEU B 62 19.46 -11.52 -26.89
N THR B 63 19.74 -12.73 -27.38
CA THR B 63 20.98 -13.43 -27.06
C THR B 63 21.88 -13.63 -28.27
N HIS B 64 21.53 -13.06 -29.43
CA HIS B 64 22.34 -13.18 -30.63
C HIS B 64 22.35 -11.86 -31.36
N GLY B 65 23.25 -11.75 -32.34
CA GLY B 65 23.37 -10.55 -33.14
C GLY B 65 23.87 -9.37 -32.34
N ARG B 66 25.11 -9.47 -31.86
CA ARG B 66 25.63 -8.44 -30.96
C ARG B 66 25.76 -7.11 -31.68
N TRP B 67 26.18 -7.12 -32.94
CA TRP B 67 26.36 -5.88 -33.68
C TRP B 67 25.12 -5.01 -33.61
N LEU B 68 23.95 -5.62 -33.82
CA LEU B 68 22.70 -4.87 -33.71
C LEU B 68 22.50 -4.33 -32.30
N TRP B 69 22.81 -5.13 -31.28
CA TRP B 69 22.48 -4.76 -29.91
C TRP B 69 23.41 -3.68 -29.37
N ASP B 70 24.70 -3.74 -29.72
CA ASP B 70 25.62 -2.68 -29.30
C ASP B 70 25.18 -1.34 -29.87
N PHE B 71 24.64 -1.34 -31.09
CA PHE B 71 24.07 -0.12 -31.66
C PHE B 71 22.83 0.31 -30.90
N VAL B 72 21.96 -0.65 -30.54
CA VAL B 72 20.74 -0.33 -29.83
C VAL B 72 21.03 0.23 -28.44
N ASN B 73 22.11 -0.23 -27.81
CA ASN B 73 22.41 0.21 -26.45
C ASN B 73 22.84 1.66 -26.41
N ALA B 74 23.57 2.11 -27.43
CA ALA B 74 24.11 3.47 -27.46
C ALA B 74 23.12 4.48 -28.04
N THR B 75 21.92 4.06 -28.43
CA THR B 75 20.91 4.96 -28.95
C THR B 75 19.68 4.92 -28.04
N PHE B 76 18.68 5.73 -28.40
CA PHE B 76 17.44 5.80 -27.63
C PHE B 76 16.63 4.51 -27.75
N ILE B 77 16.94 3.66 -28.73
CA ILE B 77 16.18 2.42 -28.90
C ILE B 77 16.22 1.61 -27.61
N ARG B 78 17.31 1.72 -26.83
CA ARG B 78 17.35 1.11 -25.52
C ARG B 78 16.19 1.60 -24.65
N ASP B 79 16.07 2.91 -24.51
CA ASP B 79 15.08 3.48 -23.59
C ASP B 79 13.67 3.14 -24.04
N THR B 80 13.41 3.19 -25.34
CA THR B 80 12.09 2.82 -25.85
C THR B 80 11.78 1.36 -25.55
N LEU B 81 12.75 0.47 -25.81
CA LEU B 81 12.60 -0.93 -25.48
C LEU B 81 12.45 -1.14 -23.97
N MET B 82 13.20 -0.38 -23.17
CA MET B 82 13.06 -0.48 -21.73
C MET B 82 11.61 -0.28 -21.30
N ARG B 83 10.97 0.78 -21.82
CA ARG B 83 9.55 0.98 -21.57
C ARG B 83 8.76 -0.25 -22.00
N LEU B 84 9.04 -0.75 -23.20
CA LEU B 84 8.33 -1.92 -23.71
C LEU B 84 8.42 -3.07 -22.72
N VAL B 85 9.64 -3.43 -22.31
CA VAL B 85 9.82 -4.51 -21.35
C VAL B 85 9.12 -4.19 -20.04
N LEU B 86 9.24 -2.96 -19.58
CA LEU B 86 8.64 -2.56 -18.30
C LEU B 86 7.12 -2.68 -18.34
N THR B 87 6.50 -2.21 -19.42
CA THR B 87 5.05 -2.20 -19.51
C THR B 87 4.46 -3.56 -19.87
N VAL B 88 5.28 -4.51 -20.30
CA VAL B 88 4.80 -5.82 -20.71
C VAL B 88 4.93 -6.84 -19.59
N ARG B 89 6.09 -6.90 -18.95
CA ARG B 89 6.35 -7.94 -17.95
C ARG B 89 5.64 -7.67 -16.61
N SER B 90 5.05 -6.49 -16.43
CA SER B 90 4.44 -6.13 -15.16
C SER B 90 2.92 -6.18 -15.17
N ASN B 91 2.28 -6.26 -16.34
CA ASN B 91 0.83 -6.25 -16.41
C ASN B 91 0.22 -7.58 -15.96
N LEU B 92 0.99 -8.66 -15.95
CA LEU B 92 0.48 -9.97 -15.58
C LEU B 92 0.26 -10.14 -14.08
N ILE B 93 0.71 -9.21 -13.25
CA ILE B 93 0.68 -9.35 -11.80
C ILE B 93 -0.44 -8.46 -11.27
N PRO B 94 -1.45 -9.00 -10.60
CA PRO B 94 -2.49 -8.15 -10.02
C PRO B 94 -1.91 -7.17 -9.01
N SER B 95 -2.37 -5.92 -9.10
CA SER B 95 -2.00 -4.89 -8.14
C SER B 95 -3.12 -3.86 -8.12
N PRO B 96 -3.86 -3.71 -7.01
CA PRO B 96 -3.70 -4.40 -5.72
C PRO B 96 -3.87 -5.92 -5.82
N PRO B 97 -3.18 -6.66 -4.95
CA PRO B 97 -3.17 -8.12 -5.07
C PRO B 97 -4.56 -8.71 -4.81
N THR B 98 -4.75 -9.92 -5.33
CA THR B 98 -6.07 -10.55 -5.36
C THR B 98 -6.27 -11.61 -4.27
N TYR B 99 -5.50 -12.69 -4.30
CA TYR B 99 -5.79 -13.88 -3.52
C TYR B 99 -4.72 -14.12 -2.46
N ASN B 100 -5.02 -15.05 -1.56
CA ASN B 100 -4.03 -15.58 -0.64
C ASN B 100 -4.40 -17.04 -0.34
N ILE B 101 -3.76 -17.63 0.67
CA ILE B 101 -3.92 -19.05 0.92
C ILE B 101 -5.32 -19.37 1.42
N ALA B 102 -5.88 -18.51 2.28
CA ALA B 102 -7.19 -18.76 2.87
C ALA B 102 -8.33 -18.30 1.99
N HIS B 103 -8.11 -17.29 1.14
CA HIS B 103 -9.14 -16.69 0.33
C HIS B 103 -8.79 -16.86 -1.14
N ASP B 104 -9.68 -17.52 -1.89
CA ASP B 104 -9.56 -17.67 -3.33
C ASP B 104 -10.43 -16.66 -4.07
N TYR B 105 -10.50 -15.45 -3.53
CA TYR B 105 -11.34 -14.40 -4.09
C TYR B 105 -10.83 -13.06 -3.58
N ILE B 106 -11.21 -12.00 -4.29
CA ILE B 106 -10.83 -10.66 -3.85
C ILE B 106 -11.65 -10.30 -2.62
N SER B 107 -10.95 -10.01 -1.52
CA SER B 107 -11.59 -9.73 -0.24
C SER B 107 -10.81 -8.62 0.45
N TRP B 108 -11.50 -7.91 1.35
CA TRP B 108 -10.82 -6.84 2.07
C TRP B 108 -9.80 -7.38 3.05
N GLU B 109 -10.03 -8.56 3.62
CA GLU B 109 -9.06 -9.13 4.54
C GLU B 109 -7.77 -9.52 3.82
N SER B 110 -7.87 -9.99 2.57
CA SER B 110 -6.68 -10.34 1.82
C SER B 110 -5.85 -9.12 1.44
N PHE B 111 -6.48 -7.95 1.30
CA PHE B 111 -5.74 -6.74 0.97
C PHE B 111 -5.08 -6.14 2.21
N SER B 112 -5.83 -5.99 3.29
CA SER B 112 -5.31 -5.31 4.48
C SER B 112 -4.25 -6.15 5.18
N ASN B 113 -4.56 -7.42 5.42
CA ASN B 113 -3.70 -8.30 6.20
C ASN B 113 -2.44 -8.62 5.40
N VAL B 114 -1.32 -7.98 5.77
CA VAL B 114 -0.06 -8.17 5.06
C VAL B 114 0.68 -9.43 5.47
N SER B 115 0.19 -10.16 6.47
CA SER B 115 0.86 -11.39 6.87
C SER B 115 0.68 -12.51 5.85
N TYR B 116 -0.37 -12.44 5.04
CA TYR B 116 -0.56 -13.43 3.99
C TYR B 116 0.40 -13.17 2.84
N TYR B 117 0.98 -14.25 2.31
CA TYR B 117 1.50 -14.22 0.95
C TYR B 117 0.33 -14.07 -0.01
N THR B 118 0.45 -13.16 -0.98
CA THR B 118 -0.60 -13.04 -1.98
C THR B 118 -0.45 -14.18 -2.99
N ARG B 119 -1.24 -14.13 -4.05
CA ARG B 119 -1.34 -15.28 -4.94
C ARG B 119 -1.84 -14.83 -6.30
N ILE B 120 -1.41 -15.54 -7.34
CA ILE B 120 -1.80 -15.20 -8.71
C ILE B 120 -3.04 -15.96 -9.13
N LEU B 121 -3.10 -17.26 -8.82
CA LEU B 121 -4.21 -18.10 -9.22
C LEU B 121 -4.87 -18.75 -8.01
N PRO B 122 -6.20 -18.90 -8.03
CA PRO B 122 -6.88 -19.50 -6.87
C PRO B 122 -6.46 -20.95 -6.67
N SER B 123 -6.66 -21.43 -5.44
CA SER B 123 -6.28 -22.79 -5.10
C SER B 123 -7.18 -23.79 -5.81
N VAL B 124 -6.67 -25.01 -5.94
CA VAL B 124 -7.47 -26.12 -6.49
C VAL B 124 -8.62 -26.36 -5.52
N PRO B 125 -9.87 -26.29 -5.96
CA PRO B 125 -10.99 -26.47 -5.03
C PRO B 125 -10.92 -27.82 -4.32
N ARG B 126 -11.31 -27.81 -3.05
CA ARG B 126 -11.11 -28.96 -2.17
C ARG B 126 -12.07 -30.11 -2.46
N ASP B 127 -13.16 -29.86 -3.20
CA ASP B 127 -14.21 -30.85 -3.42
C ASP B 127 -14.06 -31.55 -4.77
N CYS B 128 -12.85 -31.84 -5.19
CA CYS B 128 -12.63 -32.36 -6.53
C CYS B 128 -11.78 -33.61 -6.51
N PRO B 129 -11.91 -34.47 -7.53
CA PRO B 129 -11.36 -35.84 -7.43
C PRO B 129 -9.86 -35.89 -7.26
N THR B 130 -9.13 -35.33 -8.23
CA THR B 130 -7.68 -35.41 -8.15
C THR B 130 -7.11 -34.19 -7.44
N PRO B 131 -5.96 -34.34 -6.80
CA PRO B 131 -5.39 -33.22 -6.02
C PRO B 131 -5.03 -32.01 -6.86
N MET B 132 -4.85 -32.16 -8.17
CA MET B 132 -4.49 -31.05 -9.05
C MET B 132 -5.67 -30.48 -9.82
N ASP B 133 -6.53 -31.35 -10.34
CA ASP B 133 -7.60 -30.94 -11.24
C ASP B 133 -8.61 -32.09 -11.35
N THR B 134 -9.44 -32.04 -12.37
CA THR B 134 -10.16 -33.26 -12.77
C THR B 134 -9.23 -34.30 -13.39
N LYS B 135 -7.98 -33.94 -13.69
CA LYS B 135 -7.07 -34.78 -14.45
C LYS B 135 -5.99 -35.37 -13.57
N GLY B 136 -5.36 -36.44 -14.08
CA GLY B 136 -4.24 -37.05 -13.42
C GLY B 136 -4.60 -38.18 -12.49
N LYS B 137 -3.59 -38.68 -11.80
CA LYS B 137 -3.78 -39.73 -10.80
C LYS B 137 -4.60 -39.20 -9.63
N LYS B 138 -5.07 -40.12 -8.80
CA LYS B 138 -5.73 -39.74 -7.55
C LYS B 138 -4.72 -39.48 -6.42
N GLN B 139 -3.46 -39.86 -6.62
CA GLN B 139 -2.40 -39.59 -5.65
C GLN B 139 -1.21 -39.00 -6.37
N LEU B 140 -0.61 -37.98 -5.76
CA LEU B 140 0.58 -37.37 -6.34
C LEU B 140 1.81 -38.23 -6.07
N PRO B 141 2.81 -38.17 -6.93
CA PRO B 141 4.03 -38.96 -6.69
C PRO B 141 4.69 -38.55 -5.38
N ASP B 142 5.41 -39.51 -4.80
CA ASP B 142 6.14 -39.23 -3.56
C ASP B 142 7.15 -38.12 -3.80
N ALA B 143 7.15 -37.13 -2.89
CA ALA B 143 8.05 -35.98 -3.04
C ALA B 143 9.51 -36.41 -2.92
N GLU B 144 9.82 -37.21 -1.91
CA GLU B 144 11.20 -37.66 -1.71
C GLU B 144 11.69 -38.49 -2.88
N PHE B 145 10.81 -39.29 -3.48
CA PHE B 145 11.17 -40.05 -4.67
C PHE B 145 11.38 -39.14 -5.87
N LEU B 146 10.49 -38.18 -6.07
CA LEU B 146 10.66 -37.21 -7.14
C LEU B 146 12.01 -36.52 -7.03
N SER B 147 12.36 -36.09 -5.81
CA SER B 147 13.64 -35.41 -5.62
C SER B 147 14.81 -36.35 -5.85
N ARG B 148 14.82 -37.51 -5.20
CA ARG B 148 15.94 -38.43 -5.31
C ARG B 148 16.13 -38.94 -6.75
N ARG B 149 15.09 -38.88 -7.57
CA ARG B 149 15.15 -39.40 -8.94
C ARG B 149 15.39 -38.33 -9.99
N PHE B 150 14.81 -37.14 -9.83
CA PHE B 150 14.82 -36.14 -10.88
C PHE B 150 15.50 -34.84 -10.48
N LEU B 151 15.47 -34.46 -9.20
CA LEU B 151 16.09 -33.22 -8.75
C LEU B 151 17.44 -33.46 -8.07
N LEU B 152 17.80 -34.71 -7.80
CA LEU B 152 19.04 -35.00 -7.10
C LEU B 152 20.23 -34.89 -8.04
N ARG B 153 21.27 -34.21 -7.58
CA ARG B 153 22.49 -34.03 -8.36
C ARG B 153 23.29 -35.32 -8.37
N ARG B 154 23.73 -35.73 -9.56
CA ARG B 154 24.57 -36.91 -9.71
C ARG B 154 25.99 -36.57 -10.07
N LYS B 155 26.18 -35.66 -11.03
CA LYS B 155 27.49 -35.06 -11.32
C LYS B 155 27.28 -33.57 -11.46
N PHE B 156 28.19 -32.79 -10.86
CA PHE B 156 28.07 -31.33 -10.89
C PHE B 156 27.91 -30.83 -12.32
N ILE B 157 26.77 -30.22 -12.60
CA ILE B 157 26.51 -29.57 -13.88
C ILE B 157 26.66 -28.07 -13.66
N PRO B 158 27.66 -27.41 -14.24
CA PRO B 158 27.86 -25.98 -13.97
C PRO B 158 26.98 -25.11 -14.86
N ASP B 159 26.82 -23.87 -14.42
CA ASP B 159 26.08 -22.89 -15.20
C ASP B 159 26.89 -22.50 -16.43
N PRO B 160 26.35 -22.66 -17.64
CA PRO B 160 27.12 -22.25 -18.83
C PRO B 160 27.23 -20.75 -19.01
N GLN B 161 26.54 -19.95 -18.20
CA GLN B 161 26.63 -18.50 -18.25
C GLN B 161 27.70 -17.96 -17.32
N SER B 162 28.54 -18.81 -16.75
CA SER B 162 29.69 -18.46 -15.91
C SER B 162 29.30 -18.04 -14.49
N THR B 163 28.06 -18.27 -14.07
CA THR B 163 27.62 -17.82 -12.76
C THR B 163 28.46 -18.44 -11.66
N ASN B 164 28.86 -17.62 -10.71
CA ASN B 164 29.73 -18.01 -9.60
C ASN B 164 28.95 -18.05 -8.30
N LEU B 165 29.62 -18.53 -7.25
CA LEU B 165 29.00 -18.55 -5.93
C LEU B 165 28.78 -17.15 -5.39
N MET B 166 29.62 -16.19 -5.79
CA MET B 166 29.39 -14.81 -5.40
C MET B 166 28.00 -14.35 -5.81
N PHE B 167 27.55 -14.76 -6.99
CA PHE B 167 26.20 -14.45 -7.42
C PHE B 167 25.17 -15.14 -6.53
N ALA B 168 25.34 -16.45 -6.33
CA ALA B 168 24.31 -17.24 -5.66
C ALA B 168 24.06 -16.75 -4.24
N PHE B 169 25.13 -16.45 -3.50
CA PHE B 169 24.95 -15.95 -2.13
C PHE B 169 24.23 -14.62 -2.13
N PHE B 170 24.44 -13.78 -3.14
CA PHE B 170 23.68 -12.54 -3.23
C PHE B 170 22.20 -12.85 -3.44
N ALA B 171 21.89 -13.82 -4.31
CA ALA B 171 20.51 -14.21 -4.52
C ALA B 171 19.87 -14.68 -3.22
N GLN B 172 20.58 -15.51 -2.45
CA GLN B 172 20.09 -15.93 -1.15
C GLN B 172 19.98 -14.73 -0.21
N HIS B 173 21.02 -13.91 -0.15
CA HIS B 173 21.02 -12.74 0.73
C HIS B 173 19.93 -11.75 0.34
N PHE B 174 19.88 -11.40 -0.95
CA PHE B 174 18.93 -10.39 -1.40
C PHE B 174 17.49 -10.83 -1.19
N THR B 175 17.20 -12.11 -1.43
CA THR B 175 15.82 -12.59 -1.42
C THR B 175 15.36 -13.09 -0.06
N HIS B 176 16.21 -13.06 0.96
CA HIS B 176 15.78 -13.40 2.32
C HIS B 176 15.35 -12.17 3.10
N GLN B 177 14.97 -11.08 2.42
CA GLN B 177 14.31 -9.96 3.05
C GLN B 177 12.82 -9.91 2.79
N PHE B 178 12.34 -10.62 1.76
CA PHE B 178 10.93 -10.76 1.51
C PHE B 178 10.45 -12.20 1.51
N PHE B 179 11.36 -13.18 1.48
CA PHE B 179 11.01 -14.59 1.66
C PHE B 179 11.38 -14.97 3.09
N LYS B 180 10.48 -14.68 4.02
CA LYS B 180 10.63 -15.05 5.43
C LYS B 180 9.29 -15.65 5.87
N THR B 181 9.13 -16.95 5.62
CA THR B 181 7.92 -17.65 6.02
C THR B 181 7.98 -17.92 7.52
N SER B 182 6.91 -17.55 8.22
CA SER B 182 6.85 -17.75 9.66
C SER B 182 6.50 -19.20 9.96
N GLY B 183 7.41 -19.91 10.63
CA GLY B 183 7.13 -21.29 11.00
C GLY B 183 5.98 -21.43 11.98
N LYS B 184 5.71 -20.38 12.76
CA LYS B 184 4.65 -20.45 13.76
C LYS B 184 3.26 -20.39 13.11
N MET B 185 3.04 -19.44 12.20
CA MET B 185 1.75 -19.31 11.55
C MET B 185 1.55 -20.28 10.40
N GLY B 186 2.60 -20.99 9.98
CA GLY B 186 2.49 -22.01 8.97
C GLY B 186 2.82 -21.50 7.58
N PRO B 187 3.06 -22.42 6.64
CA PRO B 187 3.31 -22.00 5.26
C PRO B 187 2.20 -21.09 4.74
N GLY B 188 2.57 -20.21 3.80
CA GLY B 188 1.64 -19.27 3.23
C GLY B 188 1.55 -17.94 3.94
N PHE B 189 2.27 -17.77 5.05
CA PHE B 189 2.36 -16.50 5.76
C PHE B 189 3.81 -16.03 5.76
N THR B 190 4.00 -14.73 5.94
CA THR B 190 5.31 -14.12 5.84
C THR B 190 5.59 -13.25 7.06
N LYS B 191 6.84 -13.30 7.53
CA LYS B 191 7.30 -12.38 8.55
C LYS B 191 7.75 -11.04 7.97
N ALA B 192 8.12 -11.01 6.69
CA ALA B 192 8.64 -9.80 6.06
C ALA B 192 7.45 -8.99 5.54
N LEU B 193 6.96 -8.09 6.39
CA LEU B 193 5.81 -7.28 6.03
C LEU B 193 6.15 -6.15 5.06
N GLY B 194 7.44 -5.85 4.87
CA GLY B 194 7.81 -4.87 3.85
C GLY B 194 7.36 -5.30 2.47
N HIS B 195 7.36 -6.60 2.21
CA HIS B 195 6.86 -7.16 0.96
C HIS B 195 7.57 -6.54 -0.24
N GLY B 196 8.91 -6.51 -0.16
CA GLY B 196 9.69 -5.96 -1.26
C GLY B 196 11.12 -5.69 -0.84
N VAL B 197 11.72 -4.73 -1.54
CA VAL B 197 13.13 -4.37 -1.26
C VAL B 197 13.07 -3.32 -0.15
N ASP B 198 12.99 -3.82 1.08
CA ASP B 198 13.02 -2.98 2.27
C ASP B 198 14.34 -3.08 3.04
N LEU B 199 15.28 -3.88 2.55
CA LEU B 199 16.53 -4.17 3.26
C LEU B 199 16.24 -4.57 4.70
N GLY B 200 15.16 -5.33 4.89
CA GLY B 200 14.86 -5.92 6.19
C GLY B 200 15.82 -7.00 6.61
N HIS B 201 16.70 -7.44 5.72
CA HIS B 201 17.78 -8.35 6.08
C HIS B 201 18.98 -7.61 6.65
N ILE B 202 18.95 -6.28 6.68
CA ILE B 202 19.97 -5.45 7.28
C ILE B 202 19.44 -4.76 8.53
N TYR B 203 18.30 -4.08 8.41
CA TYR B 203 17.73 -3.27 9.48
C TYR B 203 16.63 -4.00 10.23
N GLY B 204 16.54 -5.32 10.09
CA GLY B 204 15.54 -6.08 10.81
C GLY B 204 14.13 -5.84 10.29
N ASP B 205 13.18 -6.65 10.77
CA ASP B 205 11.81 -6.62 10.30
C ASP B 205 10.85 -5.96 11.29
N ASN B 206 11.37 -5.24 12.29
CA ASN B 206 10.51 -4.48 13.19
C ASN B 206 11.35 -3.43 13.89
N LEU B 207 10.67 -2.43 14.46
CA LEU B 207 11.37 -1.34 15.12
C LEU B 207 12.22 -1.83 16.27
N GLU B 208 11.69 -2.78 17.05
CA GLU B 208 12.44 -3.30 18.19
C GLU B 208 13.81 -3.82 17.76
N ARG B 209 13.85 -4.55 16.64
CA ARG B 209 15.10 -5.17 16.22
C ARG B 209 16.11 -4.14 15.71
N GLN B 210 15.66 -3.16 14.92
CA GLN B 210 16.61 -2.20 14.36
C GLN B 210 17.17 -1.27 15.43
N TYR B 211 16.35 -0.93 16.43
CA TYR B 211 16.84 -0.09 17.52
C TYR B 211 17.97 -0.79 18.27
N GLN B 212 17.83 -2.09 18.54
CA GLN B 212 18.91 -2.83 19.19
C GLN B 212 20.15 -2.91 18.29
N LEU B 213 19.97 -2.89 16.97
CA LEU B 213 21.10 -2.94 16.05
C LEU B 213 21.68 -1.57 15.75
N ARG B 214 20.87 -0.51 15.82
CA ARG B 214 21.36 0.83 15.53
C ARG B 214 22.25 1.33 16.66
N LEU B 215 23.32 2.02 16.28
CA LEU B 215 24.24 2.58 17.27
C LEU B 215 23.77 3.92 17.81
N PHE B 216 22.78 4.54 17.17
CA PHE B 216 22.16 5.77 17.65
C PHE B 216 23.17 6.91 17.79
N LYS B 217 24.23 6.86 17.01
CA LYS B 217 25.21 7.94 16.90
C LYS B 217 25.50 8.14 15.43
N ASP B 218 25.15 9.31 14.90
CA ASP B 218 25.37 9.62 13.50
C ASP B 218 24.70 8.60 12.58
N GLY B 219 23.56 8.07 13.02
CA GLY B 219 22.77 7.18 12.18
C GLY B 219 23.41 5.84 11.90
N LYS B 220 24.51 5.52 12.56
CA LYS B 220 25.24 4.30 12.23
C LYS B 220 24.61 3.10 12.92
N LEU B 221 25.05 1.92 12.49
CA LEU B 221 24.73 0.66 13.14
C LEU B 221 25.88 0.25 14.04
N LYS B 222 25.57 -0.47 15.11
CA LYS B 222 26.63 -0.99 15.96
C LYS B 222 27.51 -1.94 15.15
N TYR B 223 28.72 -2.16 15.65
CA TYR B 223 29.70 -2.98 14.94
C TYR B 223 30.81 -3.35 15.92
N GLN B 224 31.70 -4.22 15.45
CA GLN B 224 32.86 -4.63 16.23
C GLN B 224 34.06 -4.73 15.31
N MET B 225 35.25 -4.61 15.91
CA MET B 225 36.51 -4.55 15.17
C MET B 225 37.29 -5.82 15.45
N LEU B 226 37.47 -6.64 14.41
CA LEU B 226 38.24 -7.87 14.48
C LEU B 226 39.35 -7.82 13.45
N ASN B 227 40.59 -7.99 13.90
CA ASN B 227 41.77 -7.94 13.03
C ASN B 227 41.97 -6.57 12.40
N GLY B 228 41.34 -5.54 12.95
CA GLY B 228 41.39 -4.21 12.37
C GLY B 228 40.36 -3.95 11.30
N GLU B 229 39.46 -4.90 11.05
CA GLU B 229 38.41 -4.75 10.04
C GLU B 229 37.05 -4.70 10.73
N VAL B 230 36.11 -4.01 10.09
CA VAL B 230 34.78 -3.80 10.67
C VAL B 230 33.93 -5.04 10.42
N TYR B 231 33.25 -5.49 11.47
CA TYR B 231 32.33 -6.63 11.41
C TYR B 231 31.09 -6.27 12.21
N PRO B 232 29.98 -6.97 11.97
CA PRO B 232 28.75 -6.66 12.71
C PRO B 232 28.89 -7.02 14.17
N PRO B 233 28.13 -6.36 15.04
CA PRO B 233 28.33 -6.55 16.49
C PRO B 233 27.99 -7.96 16.93
N SER B 234 28.64 -8.38 18.02
CA SER B 234 28.31 -9.64 18.65
C SER B 234 26.95 -9.56 19.33
N VAL B 235 26.29 -10.71 19.43
CA VAL B 235 24.97 -10.74 20.05
C VAL B 235 25.01 -10.14 21.46
N GLU B 236 26.18 -10.18 22.10
CA GLU B 236 26.33 -9.58 23.42
C GLU B 236 26.16 -8.06 23.35
N GLU B 237 26.81 -7.42 22.37
CA GLU B 237 26.68 -5.97 22.23
C GLU B 237 25.29 -5.58 21.74
N ALA B 238 24.77 -6.30 20.74
CA ALA B 238 23.45 -6.02 20.18
C ALA B 238 22.53 -7.20 20.51
N PRO B 239 21.74 -7.12 21.57
CA PRO B 239 20.95 -8.28 21.98
C PRO B 239 19.68 -8.47 21.16
N VAL B 240 19.80 -9.15 20.01
CA VAL B 240 18.67 -9.47 19.16
C VAL B 240 18.59 -10.99 19.01
N LEU B 241 17.39 -11.48 18.79
CA LEU B 241 17.18 -12.90 18.56
C LEU B 241 17.98 -13.37 17.34
N MET B 242 18.72 -14.45 17.50
CA MET B 242 19.50 -15.05 16.42
C MET B 242 19.41 -16.57 16.53
N HIS B 243 19.47 -17.24 15.40
CA HIS B 243 19.46 -18.70 15.34
C HIS B 243 20.90 -19.17 15.18
N TYR B 244 21.48 -19.66 16.27
CA TYR B 244 22.86 -20.11 16.33
C TYR B 244 22.94 -21.46 17.03
N PRO B 245 23.93 -22.28 16.69
CA PRO B 245 24.15 -23.51 17.46
C PRO B 245 24.39 -23.20 18.93
N ARG B 246 23.91 -24.09 19.79
CA ARG B 246 23.99 -23.87 21.22
C ARG B 246 25.44 -23.82 21.70
N GLY B 247 25.65 -23.10 22.80
CA GLY B 247 26.94 -23.03 23.46
C GLY B 247 28.02 -22.25 22.73
N ILE B 248 27.72 -21.70 21.56
CA ILE B 248 28.69 -20.86 20.84
C ILE B 248 28.91 -19.56 21.61
N PRO B 249 30.15 -19.15 21.87
CA PRO B 249 30.40 -17.94 22.67
C PRO B 249 29.72 -16.73 22.07
N PRO B 250 29.03 -15.92 22.88
CA PRO B 250 28.28 -14.78 22.30
C PRO B 250 29.16 -13.68 21.73
N GLN B 251 30.35 -13.45 22.28
CA GLN B 251 31.27 -12.49 21.68
C GLN B 251 31.95 -13.02 20.41
N SER B 252 31.51 -14.17 19.90
CA SER B 252 31.87 -14.64 18.57
C SER B 252 30.67 -14.73 17.64
N GLN B 253 29.44 -14.68 18.16
CA GLN B 253 28.26 -14.52 17.32
C GLN B 253 28.26 -13.12 16.70
N MET B 254 27.27 -12.88 15.83
CA MET B 254 27.11 -11.57 15.22
C MET B 254 25.62 -11.29 15.03
N ALA B 255 25.25 -10.02 15.21
CA ALA B 255 23.87 -9.59 15.15
C ALA B 255 23.60 -8.88 13.83
N VAL B 256 22.56 -9.32 13.12
CA VAL B 256 22.21 -8.79 11.82
C VAL B 256 20.69 -8.72 11.72
N GLY B 257 20.21 -8.11 10.63
CA GLY B 257 18.78 -7.91 10.48
C GLY B 257 18.00 -9.19 10.23
N GLN B 258 18.65 -10.19 9.65
CA GLN B 258 18.02 -11.48 9.35
C GLN B 258 18.54 -12.52 10.33
N GLU B 259 17.62 -13.20 11.02
CA GLU B 259 18.00 -14.11 12.09
C GLU B 259 18.86 -15.27 11.61
N VAL B 260 18.80 -15.60 10.32
CA VAL B 260 19.37 -16.84 9.81
C VAL B 260 20.78 -16.67 9.23
N PHE B 261 21.25 -15.43 9.05
CA PHE B 261 22.48 -15.20 8.32
C PHE B 261 23.73 -15.74 9.02
N GLY B 262 23.62 -16.20 10.26
CA GLY B 262 24.77 -16.77 10.92
C GLY B 262 25.11 -18.19 10.49
N LEU B 263 24.22 -18.84 9.73
CA LEU B 263 24.39 -20.23 9.37
C LEU B 263 25.24 -20.44 8.13
N LEU B 264 25.48 -19.39 7.34
CA LEU B 264 26.40 -19.48 6.22
C LEU B 264 27.33 -18.26 6.24
N PRO B 265 28.63 -18.46 6.00
CA PRO B 265 29.53 -17.30 5.91
C PRO B 265 29.22 -16.39 4.74
N GLY B 266 28.77 -16.95 3.61
CA GLY B 266 28.47 -16.13 2.45
C GLY B 266 27.38 -15.11 2.72
N LEU B 267 26.35 -15.52 3.46
CA LEU B 267 25.29 -14.59 3.82
C LEU B 267 25.80 -13.54 4.80
N MET B 268 26.55 -13.96 5.82
CA MET B 268 27.13 -13.00 6.74
C MET B 268 28.12 -12.10 6.04
N LEU B 269 28.82 -12.61 5.03
CA LEU B 269 29.71 -11.78 4.23
C LEU B 269 28.97 -10.58 3.66
N TYR B 270 27.83 -10.81 3.01
CA TYR B 270 27.06 -9.72 2.43
C TYR B 270 26.54 -8.77 3.50
N ALA B 271 26.03 -9.32 4.61
CA ALA B 271 25.57 -8.46 5.69
C ALA B 271 26.70 -7.59 6.21
N THR B 272 27.91 -8.16 6.31
CA THR B 272 29.08 -7.37 6.65
C THR B 272 29.30 -6.27 5.63
N ILE B 273 29.21 -6.61 4.34
CA ILE B 273 29.46 -5.62 3.29
C ILE B 273 28.44 -4.50 3.38
N TRP B 274 27.17 -4.84 3.55
CA TRP B 274 26.13 -3.82 3.57
C TRP B 274 26.27 -2.91 4.79
N LEU B 275 26.67 -3.46 5.94
CA LEU B 275 26.83 -2.64 7.14
C LEU B 275 27.94 -1.62 6.95
N ARG B 276 29.10 -2.05 6.45
CA ARG B 276 30.19 -1.11 6.20
C ARG B 276 29.73 -0.01 5.24
N GLU B 277 28.99 -0.40 4.20
CA GLU B 277 28.45 0.60 3.27
C GLU B 277 27.54 1.57 4.00
N HIS B 278 26.64 1.04 4.84
CA HIS B 278 25.71 1.91 5.56
C HIS B 278 26.45 2.93 6.39
N ASN B 279 27.42 2.48 7.20
CA ASN B 279 28.18 3.40 8.03
C ASN B 279 29.00 4.36 7.17
N ARG B 280 29.47 3.91 6.02
CA ARG B 280 30.18 4.82 5.12
C ARG B 280 29.24 5.88 4.55
N VAL B 281 28.03 5.48 4.18
CA VAL B 281 27.03 6.44 3.72
C VAL B 281 26.73 7.45 4.83
N CYS B 282 26.57 6.96 6.07
CA CYS B 282 26.34 7.85 7.19
C CYS B 282 27.46 8.87 7.35
N ASP B 283 28.70 8.47 7.04
CA ASP B 283 29.81 9.40 7.14
C ASP B 283 29.71 10.51 6.09
N LEU B 284 29.35 10.15 4.86
CA LEU B 284 29.22 11.16 3.81
C LEU B 284 28.10 12.14 4.13
N LEU B 285 26.97 11.66 4.64
CA LEU B 285 25.86 12.55 4.95
C LEU B 285 26.23 13.55 6.03
N LYS B 286 26.80 13.07 7.14
CA LYS B 286 27.17 13.97 8.22
C LYS B 286 28.16 15.03 7.72
N ALA B 287 28.97 14.69 6.72
CA ALA B 287 29.90 15.66 6.16
C ALA B 287 29.16 16.82 5.51
N GLU B 288 28.08 16.52 4.78
CA GLU B 288 27.30 17.56 4.12
C GLU B 288 26.08 18.03 4.92
N HIS B 289 25.68 17.30 5.96
CA HIS B 289 24.54 17.67 6.79
C HIS B 289 24.96 17.66 8.25
N PRO B 290 25.71 18.68 8.70
CA PRO B 290 26.14 18.70 10.10
C PRO B 290 24.98 18.83 11.07
N THR B 291 23.88 19.45 10.65
CA THR B 291 22.76 19.77 11.53
C THR B 291 21.78 18.62 11.70
N TRP B 292 22.03 17.49 11.05
CA TRP B 292 21.08 16.37 11.09
C TRP B 292 21.28 15.55 12.36
N GLY B 293 20.29 14.72 12.67
CA GLY B 293 20.31 13.87 13.83
C GLY B 293 20.50 12.40 13.48
N ASP B 294 20.34 11.56 14.50
CA ASP B 294 20.56 10.13 14.31
C ASP B 294 19.47 9.51 13.43
N GLU B 295 18.20 9.79 13.75
CA GLU B 295 17.10 9.26 12.95
C GLU B 295 17.16 9.79 11.53
N GLN B 296 17.40 11.10 11.39
CA GLN B 296 17.49 11.70 10.06
C GLN B 296 18.61 11.07 9.25
N LEU B 297 19.79 10.93 9.85
CA LEU B 297 20.91 10.30 9.15
C LEU B 297 20.57 8.86 8.75
N PHE B 298 20.05 8.09 9.71
CA PHE B 298 19.85 6.65 9.47
C PHE B 298 18.90 6.40 8.32
N GLN B 299 17.72 7.02 8.35
CA GLN B 299 16.70 6.71 7.35
C GLN B 299 17.16 7.07 5.95
N THR B 300 17.86 8.20 5.81
CA THR B 300 18.35 8.59 4.48
C THR B 300 19.41 7.60 3.99
N ALA B 301 20.30 7.16 4.88
CA ALA B 301 21.27 6.14 4.50
C ALA B 301 20.57 4.85 4.08
N ARG B 302 19.49 4.49 4.76
CA ARG B 302 18.72 3.32 4.37
C ARG B 302 18.21 3.45 2.94
N LEU B 303 17.54 4.56 2.63
CA LEU B 303 17.00 4.75 1.28
C LEU B 303 18.11 4.70 0.24
N ILE B 304 19.27 5.28 0.55
CA ILE B 304 20.39 5.21 -0.36
C ILE B 304 20.76 3.76 -0.65
N LEU B 305 20.91 2.95 0.42
CA LEU B 305 21.26 1.55 0.22
C LEU B 305 20.14 0.80 -0.49
N ILE B 306 18.88 1.10 -0.18
CA ILE B 306 17.79 0.50 -0.93
C ILE B 306 17.92 0.84 -2.41
N GLY B 307 18.18 2.11 -2.71
CA GLY B 307 18.30 2.52 -4.11
C GLY B 307 19.42 1.79 -4.81
N GLU B 308 20.63 1.83 -4.25
CA GLU B 308 21.76 1.18 -4.90
C GLU B 308 21.67 -0.34 -4.83
N THR B 309 20.84 -0.88 -3.94
CA THR B 309 20.53 -2.30 -4.02
C THR B 309 19.78 -2.60 -5.31
N ILE B 310 18.70 -1.86 -5.57
CA ILE B 310 17.90 -2.10 -6.77
C ILE B 310 18.73 -1.87 -8.01
N LYS B 311 19.57 -0.83 -8.00
CA LYS B 311 20.45 -0.55 -9.13
C LYS B 311 21.31 -1.76 -9.45
N ILE B 312 21.96 -2.33 -8.43
CA ILE B 312 22.84 -3.47 -8.66
C ILE B 312 22.07 -4.67 -9.13
N VAL B 313 20.85 -4.87 -8.65
CA VAL B 313 20.09 -6.04 -9.06
C VAL B 313 19.68 -5.92 -10.52
N ILE B 314 19.23 -4.74 -10.94
CA ILE B 314 18.74 -4.59 -12.30
C ILE B 314 19.88 -4.67 -13.31
N GLU B 315 20.94 -3.88 -13.09
CA GLU B 315 21.97 -3.69 -14.10
C GLU B 315 23.11 -4.70 -13.99
N GLU B 316 23.20 -5.48 -12.91
CA GLU B 316 24.26 -6.47 -12.79
C GLU B 316 23.75 -7.86 -12.42
N TYR B 317 22.75 -7.96 -11.56
CA TYR B 317 22.22 -9.26 -11.16
C TYR B 317 21.37 -9.86 -12.28
N VAL B 318 20.31 -9.16 -12.67
CA VAL B 318 19.47 -9.63 -13.76
C VAL B 318 20.23 -9.63 -15.07
N GLN B 319 21.14 -8.68 -15.24
CA GLN B 319 21.96 -8.65 -16.45
C GLN B 319 22.70 -9.97 -16.64
N GLN B 320 23.30 -10.47 -15.56
CA GLN B 320 23.96 -11.77 -15.61
C GLN B 320 22.95 -12.89 -15.84
N LEU B 321 21.81 -12.85 -15.14
CA LEU B 321 20.87 -13.96 -15.18
C LEU B 321 20.28 -14.13 -16.58
N SER B 322 20.04 -13.03 -17.29
CA SER B 322 19.31 -13.09 -18.54
C SER B 322 20.20 -13.50 -19.71
N GLY B 323 21.47 -13.14 -19.69
CA GLY B 323 22.29 -13.28 -20.88
C GLY B 323 21.92 -12.35 -22.00
N TYR B 324 21.08 -11.36 -21.72
CA TYR B 324 20.63 -10.44 -22.75
C TYR B 324 21.76 -9.53 -23.21
N PHE B 325 21.86 -9.34 -24.53
CA PHE B 325 22.77 -8.33 -25.06
C PHE B 325 22.24 -6.92 -24.87
N LEU B 326 20.93 -6.76 -24.71
CA LEU B 326 20.36 -5.45 -24.40
C LEU B 326 20.73 -5.07 -22.97
N GLN B 327 21.61 -4.09 -22.83
CA GLN B 327 22.02 -3.65 -21.50
C GLN B 327 20.81 -3.12 -20.73
N LEU B 328 20.46 -3.79 -19.65
CA LEU B 328 19.36 -3.36 -18.79
C LEU B 328 19.80 -2.19 -17.94
N LYS B 329 18.90 -1.22 -17.76
CA LYS B 329 19.22 0.03 -17.10
C LYS B 329 18.15 0.37 -16.08
N PHE B 330 18.59 0.71 -14.86
CA PHE B 330 17.69 1.09 -13.78
C PHE B 330 17.35 2.57 -13.90
N ASP B 331 16.12 2.85 -14.32
CA ASP B 331 15.63 4.22 -14.43
C ASP B 331 14.15 4.22 -14.10
N PRO B 332 13.76 4.66 -12.91
CA PRO B 332 12.33 4.73 -12.58
C PRO B 332 11.55 5.65 -13.49
N GLU B 333 12.20 6.66 -14.08
CA GLU B 333 11.49 7.62 -14.92
C GLU B 333 10.90 6.98 -16.16
N LEU B 334 11.36 5.77 -16.52
CA LEU B 334 10.77 5.07 -17.66
C LEU B 334 9.31 4.74 -17.42
N LEU B 335 8.90 4.61 -16.15
CA LEU B 335 7.53 4.25 -15.80
C LEU B 335 6.70 5.43 -15.33
N PHE B 336 7.24 6.65 -15.42
CA PHE B 336 6.48 7.80 -14.97
C PHE B 336 5.25 8.03 -15.84
N GLY B 337 5.33 7.71 -17.13
CA GLY B 337 4.19 7.92 -18.01
C GLY B 337 3.08 6.89 -17.81
N ALA B 338 3.44 5.63 -17.64
CA ALA B 338 2.45 4.57 -17.55
C ALA B 338 1.72 4.63 -16.21
N GLN B 339 0.59 3.94 -16.15
CA GLN B 339 -0.11 3.73 -14.88
C GLN B 339 0.56 2.57 -14.18
N PHE B 340 1.38 2.87 -13.18
CA PHE B 340 2.15 1.87 -12.45
C PHE B 340 1.84 2.01 -10.97
N GLN B 341 1.47 0.90 -10.35
CA GLN B 341 1.13 0.88 -8.93
C GLN B 341 2.40 0.62 -8.13
N TYR B 342 2.89 1.64 -7.43
CA TYR B 342 4.13 1.55 -6.67
C TYR B 342 3.86 0.88 -5.32
N ARG B 343 3.66 -0.44 -5.40
CA ARG B 343 3.44 -1.27 -4.22
C ARG B 343 3.49 -2.73 -4.65
N ASN B 344 4.09 -3.58 -3.82
CA ASN B 344 4.24 -4.99 -4.13
C ASN B 344 3.69 -5.82 -2.99
N ARG B 345 3.39 -7.08 -3.31
CA ARG B 345 2.96 -8.07 -2.32
C ARG B 345 3.51 -9.41 -2.76
N ILE B 346 4.39 -9.99 -1.94
CA ILE B 346 5.09 -11.20 -2.33
C ILE B 346 4.09 -12.33 -2.54
N ALA B 347 4.20 -13.00 -3.68
CA ALA B 347 3.31 -14.09 -4.04
C ALA B 347 3.97 -15.41 -3.68
N MET B 348 3.17 -16.33 -3.13
CA MET B 348 3.69 -17.64 -2.77
C MET B 348 4.24 -18.38 -3.98
N GLU B 349 3.77 -18.05 -5.19
CA GLU B 349 4.34 -18.64 -6.39
C GLU B 349 5.77 -18.16 -6.60
N PHE B 350 6.03 -16.88 -6.31
CA PHE B 350 7.40 -16.36 -6.40
C PHE B 350 8.30 -17.07 -5.41
N ASN B 351 7.80 -17.36 -4.21
CA ASN B 351 8.57 -18.11 -3.22
C ASN B 351 8.98 -19.48 -3.77
N GLN B 352 8.01 -20.23 -4.29
CA GLN B 352 8.32 -21.54 -4.86
C GLN B 352 9.26 -21.39 -6.06
N LEU B 353 9.02 -20.40 -6.90
CA LEU B 353 9.78 -20.24 -8.13
C LEU B 353 11.27 -19.98 -8.01
N TYR B 354 11.64 -19.22 -6.97
CA TYR B 354 13.00 -18.73 -6.72
C TYR B 354 13.87 -19.58 -5.79
N HIS B 355 13.58 -20.87 -5.70
CA HIS B 355 14.30 -21.78 -4.81
C HIS B 355 15.36 -22.31 -5.76
N TRP B 356 16.54 -21.69 -5.72
CA TRP B 356 17.61 -21.95 -6.67
C TRP B 356 18.79 -22.68 -6.03
N HIS B 357 18.46 -23.66 -5.18
CA HIS B 357 19.47 -24.47 -4.49
C HIS B 357 20.38 -25.21 -5.46
N PRO B 358 19.98 -25.50 -6.70
CA PRO B 358 20.96 -26.06 -7.64
C PRO B 358 22.19 -25.20 -7.84
N LEU B 359 22.11 -23.89 -7.57
CA LEU B 359 23.28 -23.03 -7.70
C LEU B 359 24.41 -23.48 -6.77
N MET B 360 24.07 -24.16 -5.67
CA MET B 360 25.07 -24.51 -4.68
C MET B 360 25.94 -25.65 -5.18
N PRO B 361 27.26 -25.63 -4.90
CA PRO B 361 28.15 -26.63 -5.48
C PRO B 361 28.28 -27.88 -4.65
N ASP B 362 29.14 -28.81 -5.07
CA ASP B 362 29.43 -29.99 -4.26
C ASP B 362 30.26 -29.62 -3.04
N SER B 363 31.28 -28.77 -3.21
CA SER B 363 32.08 -28.28 -2.10
C SER B 363 32.55 -26.88 -2.44
N PHE B 364 32.98 -26.16 -1.41
CA PHE B 364 33.31 -24.75 -1.52
C PHE B 364 34.83 -24.59 -1.55
N ARG B 365 35.35 -24.12 -2.68
CA ARG B 365 36.79 -23.93 -2.86
C ARG B 365 37.16 -22.50 -2.46
N VAL B 366 37.96 -22.37 -1.42
CA VAL B 366 38.45 -21.07 -0.96
C VAL B 366 39.98 -21.13 -1.06
N GLY B 367 40.50 -20.67 -2.20
CA GLY B 367 41.93 -20.71 -2.43
C GLY B 367 42.46 -22.13 -2.36
N PRO B 368 43.52 -22.34 -1.57
CA PRO B 368 44.10 -23.69 -1.51
C PRO B 368 43.17 -24.75 -0.92
N GLN B 369 42.23 -24.34 -0.06
CA GLN B 369 41.44 -25.30 0.71
C GLN B 369 40.10 -25.58 0.02
N ASP B 370 39.49 -26.70 0.40
CA ASP B 370 38.22 -27.16 -0.18
C ASP B 370 37.34 -27.65 0.97
N TYR B 371 36.44 -26.79 1.44
CA TYR B 371 35.62 -27.07 2.61
C TYR B 371 34.36 -27.82 2.21
N SER B 372 34.08 -28.92 2.91
CA SER B 372 32.83 -29.64 2.73
C SER B 372 31.68 -28.86 3.37
N TYR B 373 30.46 -29.35 3.15
CA TYR B 373 29.28 -28.69 3.71
C TYR B 373 29.33 -28.68 5.23
N GLU B 374 29.64 -29.83 5.85
CA GLU B 374 29.73 -29.88 7.30
C GLU B 374 30.84 -28.96 7.80
N GLN B 375 31.89 -28.79 7.00
CA GLN B 375 33.02 -27.96 7.37
C GLN B 375 32.78 -26.49 7.01
N PHE B 376 31.79 -26.21 6.17
CA PHE B 376 31.48 -24.85 5.73
C PHE B 376 30.31 -24.25 6.51
N LEU B 377 29.16 -24.93 6.50
CA LEU B 377 27.98 -24.41 7.18
C LEU B 377 28.28 -24.21 8.66
N PHE B 378 27.62 -23.20 9.23
CA PHE B 378 27.61 -22.95 10.67
C PHE B 378 28.97 -22.50 11.19
N ASN B 379 29.91 -22.21 10.31
CA ASN B 379 31.28 -21.90 10.73
C ASN B 379 31.31 -20.48 11.26
N THR B 380 31.30 -20.34 12.59
CA THR B 380 31.22 -19.03 13.23
C THR B 380 32.48 -18.21 13.03
N SER B 381 33.61 -18.83 12.70
CA SER B 381 34.89 -18.15 12.64
C SER B 381 35.47 -18.04 11.24
N MET B 382 34.80 -18.60 10.23
CA MET B 382 35.39 -18.64 8.89
C MET B 382 35.52 -17.25 8.29
N LEU B 383 34.50 -16.40 8.45
CA LEU B 383 34.54 -15.09 7.81
C LEU B 383 35.68 -14.24 8.36
N VAL B 384 35.87 -14.25 9.68
CA VAL B 384 36.87 -13.38 10.29
C VAL B 384 38.28 -13.89 10.02
N ASP B 385 38.47 -15.20 9.96
CA ASP B 385 39.79 -15.76 9.70
C ASP B 385 40.27 -15.37 8.30
N TYR B 386 39.41 -15.56 7.30
CA TYR B 386 39.79 -15.32 5.90
C TYR B 386 39.65 -13.87 5.49
N GLY B 387 38.76 -13.12 6.12
CA GLY B 387 38.55 -11.74 5.74
C GLY B 387 37.56 -11.60 4.60
N VAL B 388 36.92 -10.43 4.55
CA VAL B 388 35.90 -10.17 3.53
C VAL B 388 36.51 -10.29 2.14
N GLU B 389 37.69 -9.70 1.93
CA GLU B 389 38.28 -9.66 0.61
C GLU B 389 38.52 -11.07 0.07
N ALA B 390 39.16 -11.92 0.87
CA ALA B 390 39.55 -13.25 0.38
C ALA B 390 38.33 -14.10 0.04
N LEU B 391 37.23 -13.95 0.80
CA LEU B 391 36.04 -14.72 0.50
C LEU B 391 35.35 -14.22 -0.75
N VAL B 392 35.24 -12.90 -0.91
CA VAL B 392 34.65 -12.35 -2.13
C VAL B 392 35.45 -12.82 -3.34
N ASP B 393 36.78 -12.81 -3.23
CA ASP B 393 37.62 -13.30 -4.31
C ASP B 393 37.37 -14.78 -4.57
N ALA B 394 37.30 -15.58 -3.50
CA ALA B 394 37.18 -17.03 -3.67
C ALA B 394 35.85 -17.41 -4.29
N PHE B 395 34.76 -16.75 -3.90
CA PHE B 395 33.44 -17.10 -4.45
C PHE B 395 33.30 -16.64 -5.90
N SER B 396 33.82 -15.45 -6.23
CA SER B 396 33.69 -14.96 -7.60
C SER B 396 34.46 -15.84 -8.58
N ARG B 397 35.51 -16.51 -8.12
CA ARG B 397 36.31 -17.37 -8.98
C ARG B 397 35.78 -18.79 -9.10
N GLN B 398 34.79 -19.17 -8.29
CA GLN B 398 34.31 -20.56 -8.28
C GLN B 398 32.99 -20.66 -9.02
N PRO B 399 32.84 -21.59 -9.97
CA PRO B 399 31.57 -21.70 -10.70
C PRO B 399 30.43 -22.14 -9.80
N ALA B 400 29.22 -21.74 -10.20
CA ALA B 400 28.00 -22.18 -9.55
C ALA B 400 27.21 -23.07 -10.50
N GLY B 401 26.36 -23.92 -9.91
CA GLY B 401 25.63 -24.89 -10.69
C GLY B 401 24.48 -24.30 -11.48
N ARG B 402 24.07 -25.03 -12.51
CA ARG B 402 22.90 -24.67 -13.29
C ARG B 402 21.63 -24.95 -12.51
N ILE B 403 20.60 -24.15 -12.77
CA ILE B 403 19.34 -24.25 -12.03
C ILE B 403 18.39 -25.24 -12.69
N GLY B 404 18.17 -25.11 -13.99
CA GLY B 404 17.18 -25.91 -14.69
C GLY B 404 17.71 -27.26 -15.14
N GLY B 405 16.92 -27.91 -15.99
CA GLY B 405 17.30 -29.19 -16.55
C GLY B 405 16.98 -30.36 -15.63
N GLY B 406 17.26 -30.20 -14.35
CA GLY B 406 16.99 -31.23 -13.37
C GLY B 406 18.25 -31.99 -12.99
N ARG B 407 18.11 -32.80 -11.93
CA ARG B 407 19.20 -33.64 -11.45
C ARG B 407 20.45 -32.81 -11.16
N ASN B 408 20.25 -31.65 -10.50
CA ASN B 408 21.37 -30.76 -10.21
C ASN B 408 21.27 -30.11 -8.84
N ILE B 409 20.57 -30.74 -7.89
CA ILE B 409 20.52 -30.29 -6.50
C ILE B 409 21.39 -31.22 -5.67
N ASP B 410 22.33 -30.65 -4.91
CA ASP B 410 23.22 -31.45 -4.11
C ASP B 410 22.45 -32.19 -3.01
N HIS B 411 22.95 -33.37 -2.64
CA HIS B 411 22.22 -34.21 -1.70
C HIS B 411 22.12 -33.60 -0.31
N HIS B 412 23.05 -32.71 0.05
CA HIS B 412 22.99 -32.07 1.36
C HIS B 412 21.74 -31.20 1.49
N ILE B 413 21.39 -30.48 0.42
CA ILE B 413 20.29 -29.52 0.45
C ILE B 413 19.05 -30.04 -0.27
N LEU B 414 19.00 -31.34 -0.57
CA LEU B 414 17.84 -31.87 -1.28
C LEU B 414 16.61 -31.93 -0.38
N HIS B 415 16.79 -32.04 0.93
CA HIS B 415 15.65 -32.07 1.84
C HIS B 415 14.85 -30.78 1.78
N VAL B 416 15.44 -29.70 1.26
CA VAL B 416 14.67 -28.49 1.00
C VAL B 416 13.71 -28.72 -0.15
N ALA B 417 14.20 -29.30 -1.26
CA ALA B 417 13.35 -29.52 -2.42
C ALA B 417 12.17 -30.41 -2.06
N VAL B 418 12.40 -31.40 -1.20
CA VAL B 418 11.31 -32.28 -0.77
C VAL B 418 10.27 -31.49 0.01
N ASP B 419 10.71 -30.68 0.98
CA ASP B 419 9.79 -29.87 1.75
C ASP B 419 9.10 -28.82 0.90
N VAL B 420 9.69 -28.44 -0.24
CA VAL B 420 9.04 -27.48 -1.12
C VAL B 420 7.95 -28.16 -1.93
N ILE B 421 8.18 -29.40 -2.37
CA ILE B 421 7.12 -30.15 -3.03
C ILE B 421 5.98 -30.41 -2.06
N LYS B 422 6.31 -30.76 -0.81
CA LYS B 422 5.28 -30.90 0.21
C LYS B 422 4.54 -29.58 0.43
N GLU B 423 5.29 -28.48 0.52
CA GLU B 423 4.66 -27.19 0.76
C GLU B 423 3.76 -26.79 -0.41
N SER B 424 4.20 -27.04 -1.64
CA SER B 424 3.37 -26.73 -2.80
C SER B 424 2.04 -27.47 -2.72
N ARG B 425 2.07 -28.73 -2.26
CA ARG B 425 0.84 -29.51 -2.15
C ARG B 425 -0.05 -29.02 -1.02
N VAL B 426 0.55 -28.51 0.06
CA VAL B 426 -0.24 -28.00 1.17
C VAL B 426 -0.86 -26.65 0.81
N LEU B 427 -0.08 -25.76 0.20
CA LEU B 427 -0.63 -24.50 -0.29
C LEU B 427 -1.66 -24.72 -1.39
N ARG B 428 -1.67 -25.89 -2.01
CA ARG B 428 -2.64 -26.25 -3.04
C ARG B 428 -2.49 -25.37 -4.29
N LEU B 429 -1.30 -25.45 -4.90
CA LEU B 429 -1.04 -24.75 -6.15
C LEU B 429 -1.69 -25.49 -7.32
N GLN B 430 -2.09 -24.71 -8.32
CA GLN B 430 -2.64 -25.28 -9.55
C GLN B 430 -1.54 -25.94 -10.36
N PRO B 431 -1.90 -26.85 -11.28
CA PRO B 431 -0.87 -27.58 -12.02
C PRO B 431 -0.06 -26.64 -12.90
N PHE B 432 1.05 -27.19 -13.42
CA PHE B 432 2.04 -26.36 -14.10
C PHE B 432 1.43 -25.67 -15.32
N ASN B 433 0.79 -26.44 -16.19
CA ASN B 433 0.29 -25.87 -17.45
C ASN B 433 -0.72 -24.76 -17.20
N GLU B 434 -1.42 -24.79 -16.07
CA GLU B 434 -2.32 -23.70 -15.74
C GLU B 434 -1.55 -22.41 -15.47
N TYR B 435 -0.35 -22.52 -14.89
CA TYR B 435 0.47 -21.33 -14.69
C TYR B 435 1.09 -20.86 -16.00
N ARG B 436 1.36 -21.78 -16.92
CA ARG B 436 1.79 -21.38 -18.25
C ARG B 436 0.70 -20.57 -18.95
N LYS B 437 -0.55 -21.06 -18.89
CA LYS B 437 -1.65 -20.33 -19.53
C LYS B 437 -1.83 -18.96 -18.90
N ARG B 438 -1.75 -18.86 -17.57
CA ARG B 438 -1.91 -17.58 -16.90
C ARG B 438 -0.76 -16.63 -17.18
N PHE B 439 0.40 -17.15 -17.58
CA PHE B 439 1.57 -16.32 -17.86
C PHE B 439 1.86 -16.23 -19.34
N GLY B 440 0.82 -16.28 -20.17
CA GLY B 440 0.95 -16.01 -21.60
C GLY B 440 1.77 -17.02 -22.38
N MET B 441 1.63 -18.31 -22.07
CA MET B 441 2.31 -19.36 -22.81
C MET B 441 1.33 -20.49 -23.07
N LYS B 442 1.58 -21.23 -24.14
CA LYS B 442 0.72 -22.38 -24.43
C LYS B 442 1.13 -23.57 -23.57
N PRO B 443 0.16 -24.37 -23.12
CA PRO B 443 0.49 -25.52 -22.28
C PRO B 443 1.31 -26.55 -23.03
N TYR B 444 2.21 -27.21 -22.31
CA TYR B 444 2.95 -28.33 -22.88
C TYR B 444 2.03 -29.53 -23.04
N THR B 445 2.17 -30.23 -24.17
CA THR B 445 1.26 -31.29 -24.55
C THR B 445 1.70 -32.68 -24.07
N SER B 446 2.92 -32.83 -23.59
CA SER B 446 3.39 -34.11 -23.09
C SER B 446 4.71 -33.89 -22.37
N PHE B 447 5.06 -34.84 -21.50
CA PHE B 447 6.29 -34.73 -20.73
C PHE B 447 7.53 -34.73 -21.62
N GLN B 448 7.46 -35.43 -22.76
CA GLN B 448 8.59 -35.44 -23.68
C GLN B 448 8.87 -34.03 -24.21
N GLU B 449 7.82 -33.26 -24.46
CA GLU B 449 7.99 -31.87 -24.87
C GLU B 449 8.59 -31.04 -23.74
N LEU B 450 8.17 -31.28 -22.51
CA LEU B 450 8.68 -30.53 -21.37
C LEU B 450 10.20 -30.64 -21.28
N THR B 451 10.70 -31.85 -21.07
CA THR B 451 12.12 -32.06 -20.79
C THR B 451 12.97 -32.10 -22.06
N GLY B 452 12.36 -32.21 -23.23
CA GLY B 452 13.13 -32.29 -24.46
C GLY B 452 13.94 -33.56 -24.59
N GLU B 453 13.61 -34.59 -23.83
CA GLU B 453 14.33 -35.86 -23.86
C GLU B 453 13.36 -36.95 -23.42
N LYS B 454 13.73 -38.19 -23.72
CA LYS B 454 12.78 -39.30 -23.73
C LYS B 454 12.77 -40.12 -22.44
N GLU B 455 13.93 -40.42 -21.87
CA GLU B 455 14.00 -41.30 -20.70
C GLU B 455 13.22 -40.71 -19.52
N MET B 456 13.72 -39.59 -18.99
CA MET B 456 13.13 -39.00 -17.79
C MET B 456 11.70 -38.51 -18.03
N ALA B 457 11.34 -38.20 -19.27
CA ALA B 457 9.97 -37.82 -19.57
C ALA B 457 9.02 -39.00 -19.42
N ALA B 458 9.40 -40.17 -19.92
CA ALA B 458 8.53 -41.34 -19.85
C ALA B 458 8.26 -41.72 -18.40
N GLU B 459 9.28 -41.65 -17.54
CA GLU B 459 9.08 -41.95 -16.13
C GLU B 459 8.13 -40.95 -15.49
N LEU B 460 8.32 -39.66 -15.76
CA LEU B 460 7.42 -38.65 -15.21
C LEU B 460 5.98 -38.93 -15.62
N GLU B 461 5.78 -39.30 -16.89
CA GLU B 461 4.44 -39.66 -17.35
C GLU B 461 3.89 -40.84 -16.56
N GLU B 462 4.74 -41.78 -16.17
CA GLU B 462 4.29 -42.91 -15.37
C GLU B 462 3.90 -42.47 -13.96
N LEU B 463 4.65 -41.53 -13.38
CA LEU B 463 4.34 -41.07 -12.03
C LEU B 463 3.09 -40.20 -12.00
N TYR B 464 2.96 -39.29 -12.97
CA TYR B 464 1.89 -38.29 -12.96
C TYR B 464 0.67 -38.69 -13.77
N GLY B 465 0.85 -39.46 -14.84
CA GLY B 465 -0.24 -39.94 -15.65
C GLY B 465 -0.68 -38.99 -16.75
N ASP B 466 -0.45 -37.69 -16.59
CA ASP B 466 -0.86 -36.72 -17.58
C ASP B 466 -0.04 -35.45 -17.41
N ILE B 467 0.28 -34.81 -18.53
CA ILE B 467 1.05 -33.57 -18.50
C ILE B 467 0.28 -32.48 -17.76
N ASP B 468 -1.03 -32.41 -17.97
CA ASP B 468 -1.84 -31.36 -17.38
C ASP B 468 -1.96 -31.49 -15.87
N ALA B 469 -1.50 -32.60 -15.30
CA ALA B 469 -1.49 -32.80 -13.85
C ALA B 469 -0.11 -32.59 -13.25
N LEU B 470 0.83 -32.06 -14.02
CA LEU B 470 2.17 -31.81 -13.51
C LEU B 470 2.15 -30.72 -12.45
N GLU B 471 3.02 -30.86 -11.46
CA GLU B 471 3.12 -29.89 -10.38
C GLU B 471 3.90 -28.66 -10.83
N PHE B 472 3.87 -27.63 -9.99
CA PHE B 472 4.49 -26.35 -10.33
C PHE B 472 6.01 -26.40 -10.17
N TYR B 473 6.49 -26.71 -8.97
CA TYR B 473 7.93 -26.67 -8.74
C TYR B 473 8.68 -27.68 -9.60
N PRO B 474 8.28 -28.95 -9.70
CA PRO B 474 9.02 -29.88 -10.57
C PRO B 474 9.08 -29.41 -12.02
N GLY B 475 7.99 -28.85 -12.54
CA GLY B 475 7.98 -28.45 -13.93
C GLY B 475 9.02 -27.38 -14.24
N LEU B 476 9.20 -26.44 -13.32
CA LEU B 476 10.16 -25.36 -13.55
C LEU B 476 11.58 -25.90 -13.67
N LEU B 477 12.00 -26.75 -12.74
CA LEU B 477 13.36 -27.24 -12.72
C LEU B 477 13.64 -28.29 -13.79
N LEU B 478 12.61 -29.02 -14.25
CA LEU B 478 12.80 -30.06 -15.23
C LEU B 478 12.57 -29.60 -16.66
N GLU B 479 12.10 -28.37 -16.85
CA GLU B 479 11.87 -27.86 -18.20
C GLU B 479 13.18 -27.78 -18.96
N LYS B 480 13.13 -28.14 -20.25
CA LYS B 480 14.29 -27.98 -21.10
C LYS B 480 14.81 -26.55 -21.02
N CYS B 481 16.11 -26.41 -20.77
CA CYS B 481 16.72 -25.09 -20.67
C CYS B 481 16.91 -24.47 -22.04
N HIS B 482 16.92 -23.14 -22.07
CA HIS B 482 17.25 -22.43 -23.30
C HIS B 482 18.70 -22.73 -23.68
N PRO B 483 19.04 -22.62 -24.96
CA PRO B 483 20.37 -23.07 -25.40
C PRO B 483 21.48 -22.33 -24.68
N ASN B 484 22.32 -23.09 -23.97
CA ASN B 484 23.43 -22.51 -23.20
C ASN B 484 22.92 -21.48 -22.20
N SER B 485 21.83 -21.82 -21.51
CA SER B 485 21.19 -20.92 -20.58
C SER B 485 21.12 -21.57 -19.20
N ILE B 486 20.94 -20.73 -18.18
CA ILE B 486 20.93 -21.21 -16.80
C ILE B 486 19.61 -21.89 -16.46
N PHE B 487 18.50 -21.43 -17.03
CA PHE B 487 17.20 -22.07 -16.80
C PHE B 487 16.31 -21.81 -17.99
N GLY B 488 15.19 -22.53 -18.03
CA GLY B 488 14.38 -22.66 -19.23
C GLY B 488 13.37 -21.54 -19.42
N GLU B 489 12.46 -21.78 -20.36
CA GLU B 489 11.52 -20.75 -20.79
C GLU B 489 10.59 -20.33 -19.66
N SER B 490 10.05 -21.29 -18.92
CA SER B 490 9.00 -20.99 -17.95
C SER B 490 9.53 -20.12 -16.81
N MET B 491 10.74 -20.39 -16.33
CA MET B 491 11.30 -19.60 -15.24
C MET B 491 11.49 -18.15 -15.66
N ILE B 492 11.88 -17.93 -16.92
CA ILE B 492 11.96 -16.57 -17.45
C ILE B 492 10.62 -15.87 -17.35
N GLU B 493 9.61 -16.42 -18.03
CA GLU B 493 8.34 -15.72 -18.19
C GLU B 493 7.56 -15.58 -16.89
N MET B 494 7.84 -16.42 -15.89
CA MET B 494 7.13 -16.38 -14.62
C MET B 494 7.84 -15.56 -13.56
N GLY B 495 9.18 -15.64 -13.49
CA GLY B 495 9.90 -14.89 -12.49
C GLY B 495 10.04 -13.42 -12.83
N ALA B 496 10.17 -13.10 -14.11
CA ALA B 496 10.35 -11.70 -14.50
C ALA B 496 9.20 -10.82 -14.03
N PRO B 497 7.93 -11.23 -14.17
CA PRO B 497 6.85 -10.39 -13.62
C PRO B 497 6.99 -10.09 -12.14
N PHE B 498 7.27 -11.10 -11.31
CA PHE B 498 7.40 -10.85 -9.88
C PHE B 498 8.63 -10.01 -9.57
N SER B 499 9.77 -10.33 -10.19
CA SER B 499 11.00 -9.62 -9.88
C SER B 499 10.91 -8.16 -10.29
N LEU B 500 10.42 -7.89 -11.51
CA LEU B 500 10.29 -6.51 -11.96
C LEU B 500 9.33 -5.73 -11.07
N LYS B 501 8.18 -6.32 -10.75
CA LYS B 501 7.20 -5.63 -9.92
C LYS B 501 7.74 -5.35 -8.52
N GLY B 502 8.64 -6.20 -8.02
CA GLY B 502 9.15 -6.01 -6.68
C GLY B 502 10.29 -5.01 -6.57
N LEU B 503 10.99 -4.76 -7.67
CA LEU B 503 12.11 -3.83 -7.65
C LEU B 503 11.67 -2.42 -8.05
N LEU B 504 10.90 -2.30 -9.13
CA LEU B 504 10.38 -1.00 -9.53
C LEU B 504 9.07 -0.65 -8.84
N GLY B 505 8.45 -1.62 -8.15
CA GLY B 505 7.33 -1.29 -7.30
C GLY B 505 7.72 -0.66 -5.98
N ASN B 506 9.02 -0.62 -5.69
CA ASN B 506 9.48 0.05 -4.48
C ASN B 506 9.14 1.54 -4.57
N PRO B 507 8.60 2.14 -3.50
CA PRO B 507 8.17 3.54 -3.59
C PRO B 507 9.25 4.51 -4.02
N ILE B 508 10.53 4.23 -3.77
CA ILE B 508 11.56 5.19 -4.15
C ILE B 508 11.59 5.37 -5.66
N CYS B 509 11.12 4.38 -6.42
CA CYS B 509 11.00 4.52 -7.86
C CYS B 509 9.81 5.40 -8.26
N SER B 510 8.92 5.71 -7.33
CA SER B 510 7.75 6.52 -7.66
C SER B 510 8.16 7.96 -7.96
N PRO B 511 7.34 8.70 -8.68
CA PRO B 511 7.65 10.13 -8.90
C PRO B 511 7.75 10.92 -7.61
N GLU B 512 6.97 10.55 -6.59
CA GLU B 512 6.96 11.33 -5.36
C GLU B 512 8.28 11.20 -4.60
N TYR B 513 8.96 10.06 -4.74
CA TYR B 513 10.18 9.79 -3.99
C TYR B 513 11.45 9.95 -4.80
N TRP B 514 11.42 9.64 -6.09
CA TRP B 514 12.64 9.56 -6.90
C TRP B 514 13.14 10.96 -7.24
N LYS B 515 13.63 11.64 -6.20
CA LYS B 515 14.24 12.95 -6.35
C LYS B 515 15.44 13.06 -5.42
N ALA B 516 16.28 14.07 -5.68
CA ALA B 516 17.57 14.14 -5.01
C ALA B 516 17.43 14.48 -3.53
N SER B 517 16.36 15.18 -3.15
CA SER B 517 16.17 15.51 -1.74
C SER B 517 15.84 14.27 -0.92
N THR B 518 15.20 13.29 -1.54
CA THR B 518 14.91 12.04 -0.84
C THR B 518 16.18 11.38 -0.31
N PHE B 519 17.32 11.64 -0.96
CA PHE B 519 18.61 11.10 -0.54
C PHE B 519 19.52 12.18 0.01
N GLY B 520 18.96 13.29 0.49
CA GLY B 520 19.75 14.30 1.17
C GLY B 520 20.83 14.91 0.29
N GLY B 521 20.44 15.47 -0.84
CA GLY B 521 21.38 16.10 -1.74
C GLY B 521 21.77 15.19 -2.88
N GLU B 522 22.60 15.73 -3.76
CA GLU B 522 23.01 14.99 -4.95
C GLU B 522 23.98 13.86 -4.62
N VAL B 523 24.67 13.93 -3.49
CA VAL B 523 25.61 12.87 -3.13
C VAL B 523 24.88 11.54 -2.99
N GLY B 524 23.78 11.54 -2.23
CA GLY B 524 22.99 10.33 -2.09
C GLY B 524 22.38 9.89 -3.41
N PHE B 525 21.87 10.85 -4.18
CA PHE B 525 21.21 10.52 -5.43
C PHE B 525 22.19 9.92 -6.44
N ASN B 526 23.45 10.34 -6.40
CA ASN B 526 24.45 9.81 -7.32
C ASN B 526 25.08 8.51 -6.81
N LEU B 527 25.08 8.28 -5.50
CA LEU B 527 25.45 6.96 -4.99
C LEU B 527 24.48 5.91 -5.52
N VAL B 528 23.19 6.23 -5.54
CA VAL B 528 22.19 5.32 -6.09
C VAL B 528 22.37 5.18 -7.59
N LYS B 529 22.63 6.29 -8.28
CA LYS B 529 22.62 6.27 -9.74
C LYS B 529 23.85 5.59 -10.32
N THR B 530 24.97 5.58 -9.59
CA THR B 530 26.24 5.07 -10.11
C THR B 530 26.70 3.82 -9.37
N ALA B 531 25.80 3.12 -8.69
CA ALA B 531 26.19 1.97 -7.88
C ALA B 531 26.62 0.80 -8.76
N THR B 532 27.61 0.05 -8.28
CA THR B 532 28.05 -1.18 -8.91
C THR B 532 28.40 -2.20 -7.84
N LEU B 533 28.50 -3.46 -8.25
CA LEU B 533 28.95 -4.49 -7.32
C LEU B 533 30.40 -4.27 -6.92
N LYS B 534 31.25 -3.89 -7.88
CA LYS B 534 32.67 -3.67 -7.58
C LYS B 534 32.84 -2.55 -6.56
N LYS B 535 32.07 -1.47 -6.71
CA LYS B 535 32.17 -0.36 -5.76
C LYS B 535 31.73 -0.79 -4.37
N LEU B 536 30.58 -1.48 -4.29
CA LEU B 536 30.06 -1.89 -2.98
C LEU B 536 31.07 -2.71 -2.20
N VAL B 537 31.88 -3.50 -2.89
CA VAL B 537 32.81 -4.40 -2.22
C VAL B 537 34.15 -3.73 -1.95
N CYS B 538 34.66 -2.95 -2.91
CA CYS B 538 36.01 -2.43 -2.80
C CYS B 538 36.09 -1.08 -2.08
N LEU B 539 35.00 -0.31 -2.04
CA LEU B 539 35.00 0.92 -1.26
C LEU B 539 35.01 0.66 0.23
N ASN B 540 34.66 -0.57 0.65
CA ASN B 540 34.57 -0.92 2.06
C ASN B 540 35.64 -1.92 2.46
N THR B 541 36.73 -2.02 1.70
CA THR B 541 37.82 -2.91 2.02
C THR B 541 39.14 -2.18 1.80
N LYS B 542 40.19 -2.69 2.45
CA LYS B 542 41.52 -2.12 2.27
C LYS B 542 42.06 -2.40 0.87
N THR B 543 41.67 -3.53 0.29
CA THR B 543 42.10 -3.93 -1.04
C THR B 543 40.87 -4.27 -1.88
N CYS B 544 41.08 -4.39 -3.18
CA CYS B 544 40.00 -4.69 -4.12
C CYS B 544 40.20 -6.08 -4.71
N PRO B 545 39.50 -7.10 -4.23
CA PRO B 545 39.62 -8.45 -4.79
C PRO B 545 38.76 -8.57 -6.05
N TYR B 546 38.82 -9.75 -6.66
CA TYR B 546 38.01 -10.02 -7.84
C TYR B 546 36.58 -10.26 -7.40
N VAL B 547 35.69 -9.33 -7.74
CA VAL B 547 34.28 -9.41 -7.40
C VAL B 547 33.47 -9.28 -8.69
N SER B 548 32.57 -10.24 -8.92
CA SER B 548 31.71 -10.24 -10.09
C SER B 548 30.72 -11.38 -9.94
N PHE B 549 29.69 -11.36 -10.78
CA PHE B 549 28.69 -12.41 -10.83
C PHE B 549 29.08 -13.51 -11.81
N HIS B 550 30.27 -13.44 -12.41
CA HIS B 550 30.74 -14.45 -13.34
C HIS B 550 32.21 -14.75 -13.09
N VAL B 551 32.57 -16.02 -13.23
CA VAL B 551 33.96 -16.46 -13.07
C VAL B 551 34.79 -15.83 -14.18
N PRO B 552 36.09 -15.63 -13.98
CA PRO B 552 36.92 -15.05 -15.04
C PRO B 552 37.00 -15.99 -16.25
N ASP B 553 36.75 -15.42 -17.43
CA ASP B 553 36.65 -16.17 -18.69
C ASP B 553 36.52 -17.68 -18.53
C1 NAG C . 14.67 32.91 -1.29
C2 NAG C . 15.27 34.20 -1.83
C3 NAG C . 16.27 34.81 -0.84
C4 NAG C . 15.69 34.87 0.57
C5 NAG C . 15.00 33.55 0.92
C6 NAG C . 14.27 33.70 2.25
C7 NAG C . 16.03 34.93 -4.10
C8 NAG C . 16.75 34.64 -5.41
N2 NAG C . 15.97 33.92 -3.07
O3 NAG C . 16.60 36.11 -1.25
O4 NAG C . 16.74 35.08 1.47
O5 NAG C . 14.06 33.21 -0.07
O6 NAG C . 13.05 34.36 2.05
O7 NAG C . 15.52 35.99 -3.94
H5 NAG C . 15.75 32.78 0.97
H61 NAG C . 14.88 34.29 2.94
H62 NAG C . 14.09 32.73 2.68
H81 NAG C . 16.70 35.51 -6.06
H82 NAG C . 16.28 33.79 -5.90
H83 NAG C . 17.79 34.41 -5.21
HN2 NAG C . 16.39 33.03 -3.21
HO6 NAG C . 12.62 34.01 1.29
C1 NAG C . 16.63 36.37 2.12
C2 NAG C . 17.58 36.35 3.32
C3 NAG C . 17.55 37.71 4.03
C4 NAG C . 17.85 38.80 3.02
C5 NAG C . 16.88 38.67 1.85
C6 NAG C . 17.24 39.75 0.83
C7 NAG C . 17.84 34.03 4.24
C8 NAG C . 17.42 32.93 5.23
N2 NAG C . 17.18 35.32 4.26
O3 NAG C . 18.54 37.72 5.03
O4 NAG C . 17.69 40.05 3.63
O5 NAG C . 16.99 37.42 1.26
O6 NAG C . 18.63 39.96 0.85
O7 NAG C . 18.71 33.81 3.47
H5 NAG C . 15.86 38.80 2.20
H61 NAG C . 16.73 40.67 1.08
H62 NAG C . 16.93 39.42 -0.16
H81 NAG C . 18.03 32.05 5.06
H82 NAG C . 16.38 32.71 5.07
H83 NAG C . 17.57 33.30 6.24
HN2 NAG C . 16.44 35.50 4.92
HO6 NAG C . 18.86 40.61 0.22
C1 NAG D . 5.34 2.48 14.66
C2 NAG D . 5.65 1.12 15.27
C3 NAG D . 5.43 1.13 16.79
C4 NAG D . 6.14 2.31 17.44
C5 NAG D . 5.71 3.59 16.73
C6 NAG D . 6.47 4.82 17.22
C7 NAG D . 5.35 -0.91 13.82
C8 NAG D . 4.44 -1.97 13.21
N2 NAG D . 4.79 0.11 14.68
O3 NAG D . 5.91 -0.06 17.34
O4 NAG D . 5.75 2.34 18.80
O5 NAG D . 6.01 3.48 15.37
O6 NAG D . 7.51 5.10 16.31
O7 NAG D . 6.51 -0.92 13.59
H5 NAG D . 4.65 3.70 16.92
H61 NAG D . 6.88 4.62 18.20
H62 NAG D . 5.80 5.66 17.26
H81 NAG D . 5.03 -2.65 12.61
H82 NAG D . 3.69 -1.48 12.59
H83 NAG D . 3.95 -2.52 14.00
HN2 NAG D . 3.80 0.13 14.88
HO6 NAG D . 7.92 4.29 16.04
C1 NAG D . 6.87 2.63 19.66
C2 NAG D . 6.36 2.69 21.10
C3 NAG D . 7.51 3.16 21.99
C4 NAG D . 8.66 2.16 21.82
C5 NAG D . 9.01 2.02 20.34
C6 NAG D . 10.08 0.93 20.18
C7 NAG D . 5.29 4.97 20.81
C8 NAG D . 4.05 5.86 20.92
N2 NAG D . 5.20 3.58 21.20
O3 NAG D . 7.10 3.18 23.33
O4 NAG D . 9.77 2.62 22.54
O5 NAG D . 7.87 1.64 19.60
O6 NAG D . 9.47 -0.29 19.91
O7 NAG D . 6.31 5.43 20.41
H5 NAG D . 9.38 2.96 19.98
H61 NAG D . 10.66 0.86 21.10
H62 NAG D . 10.73 1.20 19.36
H81 NAG D . 4.30 6.87 20.59
H82 NAG D . 3.72 5.89 21.96
H83 NAG D . 3.26 5.45 20.31
HN2 NAG D . 4.34 3.21 21.54
HO6 NAG D . 8.62 -0.15 19.51
C1 NAG E . -33.47 9.11 26.85
C2 NAG E . -33.64 10.02 28.07
C3 NAG E . -35.02 9.77 28.69
C4 NAG E . -36.10 9.87 27.60
C5 NAG E . -35.72 8.96 26.43
C6 NAG E . -36.75 9.02 25.30
C7 NAG E . -31.82 10.76 29.65
C8 NAG E . -30.68 10.42 30.61
N2 NAG E . -32.57 9.70 28.99
O3 NAG E . -35.25 10.73 29.68
O4 NAG E . -37.33 9.49 28.14
O5 NAG E . -34.49 9.37 25.93
O6 NAG E . -36.73 7.81 24.59
O7 NAG E . -32.10 11.89 29.45
H5 NAG E . -35.69 7.93 26.80
H61 NAG E . -36.49 9.83 24.62
H62 NAG E . -37.73 9.19 25.71
H81 NAG E . -30.66 11.15 31.41
H82 NAG E . -29.74 10.45 30.06
H83 NAG E . -30.83 9.43 31.01
HN2 NAG E . -32.34 8.74 29.18
HO6 NAG E . -37.32 7.86 23.86
C1 NAG E . -38.31 10.52 27.86
C2 NAG E . -39.69 9.97 28.18
C3 NAG E . -40.73 11.04 27.82
C4 NAG E . -40.39 12.34 28.54
C5 NAG E . -38.93 12.71 28.29
C6 NAG E . -38.57 13.94 29.12
C7 NAG E . -39.61 7.47 27.93
C8 NAG E . -39.88 6.21 27.10
N2 NAG E . -39.94 8.77 27.39
O3 NAG E . -42.00 10.61 28.21
O4 NAG E . -41.21 13.36 28.05
O5 NAG E . -38.09 11.65 28.66
O6 NAG E . -37.20 14.19 29.02
O7 NAG E . -39.14 7.37 29.01
H5 NAG E . -38.80 12.92 27.24
H61 NAG E . -38.83 13.77 30.16
H62 NAG E . -39.12 14.81 28.75
H81 NAG E . -39.55 5.34 27.66
H82 NAG E . -39.33 6.27 26.17
H83 NAG E . -40.93 6.13 26.90
HN2 NAG E . -40.34 8.85 26.48
HO6 NAG E . -36.75 13.39 28.77
C1 NAG F . -16.06 -24.08 -21.35
C2 NAG F . -16.86 -24.62 -22.52
C3 NAG F . -17.68 -25.86 -22.11
C4 NAG F . -16.78 -26.87 -21.42
C5 NAG F . -15.98 -26.17 -20.32
C6 NAG F . -15.00 -27.17 -19.70
C7 NAG F . -17.87 -23.37 -24.44
C8 NAG F . -18.83 -22.31 -24.96
N2 NAG F . -17.78 -23.61 -23.01
O3 NAG F . -18.23 -26.44 -23.25
O4 NAG F . -17.57 -27.88 -20.83
O5 NAG F . -15.25 -25.11 -20.86
O6 NAG F . -14.02 -27.50 -20.63
O7 NAG F . -17.21 -23.99 -25.19
H5 NAG F . -16.67 -25.79 -19.57
H61 NAG F . -15.55 -28.06 -19.40
H62 NAG F . -14.54 -26.72 -18.82
H81 NAG F . -19.14 -22.57 -25.97
H82 NAG F . -18.34 -21.34 -24.98
H83 NAG F . -19.71 -22.26 -24.32
HN2 NAG F . -18.33 -23.09 -22.36
HO6 NAG F . -13.79 -26.74 -21.13
C1 NAG F . -17.43 -29.12 -21.56
C2 NAG F . -18.18 -30.21 -20.79
C3 NAG F . -18.10 -31.54 -21.53
C4 NAG F . -18.59 -31.34 -22.95
C5 NAG F . -17.85 -30.18 -23.60
C6 NAG F . -18.44 -29.91 -24.99
C7 NAG F . -18.24 -29.81 -18.31
C8 NAG F . -17.62 -29.98 -16.93
N2 NAG F . -17.58 -30.38 -19.47
O3 NAG F . -18.91 -32.47 -20.88
O4 NAG F . -18.36 -32.51 -23.68
O5 NAG F . -18.01 -29.01 -22.84
O6 NAG F . -19.66 -29.22 -24.85
O7 NAG F . -19.25 -29.22 -18.43
H5 NAG F . -16.81 -30.42 -23.68
H61 NAG F . -18.62 -30.86 -25.49
H62 NAG F . -17.75 -29.32 -25.57
H81 NAG F . -18.24 -29.47 -16.19
H82 NAG F . -16.62 -29.56 -16.91
H83 NAG F . -17.57 -31.04 -16.68
HN2 NAG F . -16.71 -30.87 -19.37
HO6 NAG F . -19.66 -28.75 -24.03
C1 NAG G . -3.99 -11.89 9.50
C2 NAG G . -4.18 -11.33 10.90
C3 NAG G . -3.80 -12.35 11.97
C4 NAG G . -4.45 -13.73 11.70
C5 NAG G . -4.21 -14.11 10.23
C6 NAG G . -4.98 -15.37 9.83
C7 NAG G . -3.92 -8.82 10.98
C8 NAG G . -3.05 -7.59 11.12
N2 NAG G . -3.34 -10.15 11.04
O3 NAG G . -4.22 -11.89 13.22
O4 NAG G . -3.85 -14.66 12.55
O5 NAG G . -4.68 -13.09 9.40
O6 NAG G . -6.31 -15.03 9.53
O7 NAG G . -5.09 -8.70 10.81
H5 NAG G . -3.14 -14.27 10.13
H61 NAG G . -4.96 -16.07 10.65
H62 NAG G . -4.51 -15.82 8.96
H81 NAG G . -3.65 -6.69 11.02
H82 NAG G . -2.29 -7.60 10.34
H83 NAG G . -2.57 -7.59 12.09
HN2 NAG G . -2.35 -10.25 11.19
HO6 NAG G . -6.66 -15.65 8.92
C1 NAG G . -4.84 -15.53 13.14
C2 NAG G . -4.12 -16.51 14.06
C3 NAG G . -5.15 -17.53 14.55
C4 NAG G . -6.23 -16.76 15.29
C5 NAG G . -6.80 -15.67 14.39
C6 NAG G . -7.79 -14.81 15.18
C7 NAG G . -3.26 -17.98 12.18
C8 NAG G . -2.08 -18.63 11.47
N2 NAG G . -3.03 -17.15 13.36
O3 NAG G . -4.55 -18.45 15.41
O4 NAG G . -7.26 -17.64 15.67
O5 NAG G . -5.78 -14.83 13.92
O6 NAG G . -7.11 -13.74 15.77
O7 NAG G . -4.36 -18.15 11.77
H5 NAG G . -7.29 -16.13 13.54
H61 NAG G . -8.25 -15.42 15.95
H62 NAG G . -8.56 -14.43 14.51
H81 NAG G . -2.43 -19.15 10.58
H82 NAG G . -1.60 -19.34 12.13
H83 NAG G . -1.37 -17.87 11.17
HN2 NAG G . -2.08 -17.03 13.68
HO6 NAG G . -6.40 -13.46 15.21
C1 NAG H . 35.83 -23.22 9.78
C2 NAG H . 36.10 -24.68 10.11
C3 NAG H . 37.54 -24.84 10.60
C4 NAG H . 38.50 -24.18 9.59
C5 NAG H . 38.03 -22.75 9.32
C6 NAG H . 38.91 -22.03 8.31
C7 NAG H . 34.28 -26.22 10.90
C8 NAG H . 33.21 -26.61 11.92
N2 NAG H . 35.11 -25.05 11.11
O3 NAG H . 37.84 -26.20 10.70
O4 NAG H . 39.80 -24.19 10.10
O5 NAG H . 36.73 -22.79 8.80
O6 NAG H . 38.88 -20.65 8.56
O7 NAG H . 34.42 -26.88 9.93
H5 NAG H . 38.08 -22.21 10.25
H61 NAG H . 38.54 -22.21 7.30
H62 NAG H . 39.93 -22.39 8.39
H81 NAG H . 33.27 -27.68 12.12
H82 NAG H . 32.22 -26.38 11.53
H83 NAG H . 33.38 -26.06 12.84
HN2 NAG H . 35.01 -24.51 11.94
HO6 NAG H . 39.46 -20.20 7.97
C1 NAG H . 40.72 -24.74 9.13
C2 NAG H . 42.16 -24.53 9.62
C3 NAG H . 43.12 -25.07 8.59
C4 NAG H . 42.79 -26.53 8.27
C5 NAG H . 41.31 -26.66 7.94
C6 NAG H . 40.94 -28.13 7.77
C7 NAG H . 42.24 -22.53 11.15
C8 NAG H . 42.51 -21.04 11.35
N2 NAG H . 42.41 -23.12 9.82
O3 NAG H . 44.43 -25.00 9.08
O4 NAG H . 43.55 -26.96 7.19
O5 NAG H . 40.52 -26.12 8.97
O6 NAG H . 39.55 -28.26 7.69
O7 NAG H . 41.88 -23.20 12.05
H5 NAG H . 41.11 -26.12 7.02
H61 NAG H . 41.30 -28.69 8.63
H62 NAG H . 41.40 -28.52 6.87
H81 NAG H . 42.31 -20.79 12.39
H82 NAG H . 41.87 -20.46 10.71
H83 NAG H . 43.55 -20.83 11.12
HN2 NAG H . 42.71 -22.55 9.06
HO6 NAG H . 39.14 -27.69 8.32
CHA HEM I . -13.39 14.17 17.81
CHB HEM I . -17.47 14.50 20.43
CHC HEM I . -19.94 15.76 16.45
CHD HEM I . -15.96 15.01 13.76
C1A HEM I . -14.26 14.19 18.88
C2A HEM I . -13.92 14.04 20.28
C3A HEM I . -15.04 14.13 20.99
C4A HEM I . -16.14 14.35 20.08
CMA HEM I . -15.17 14.02 22.53
CAA HEM I . -12.51 13.80 20.89
CBA HEM I . -11.68 15.08 20.76
CGA HEM I . -10.58 15.10 21.79
O1A HEM I . -10.59 14.25 22.72
O2A HEM I . -9.69 15.97 21.67
C1B HEM I . -18.49 14.87 19.59
C2B HEM I . -19.88 15.08 19.98
C3B HEM I . -20.56 15.42 18.87
C4B HEM I . -19.64 15.45 17.76
CMB HEM I . -20.41 14.91 21.41
CAB HEM I . -22.07 15.75 18.74
CBB HEM I . -22.87 15.92 19.80
C1C HEM I . -19.09 15.64 15.36
C2C HEM I . -19.45 15.87 13.98
C3C HEM I . -18.36 15.66 13.23
C4C HEM I . -17.26 15.30 14.12
CMC HEM I . -20.85 16.27 13.47
CAC HEM I . -18.34 15.80 11.68
CBC HEM I . -17.25 15.50 10.95
C1D HEM I . -14.96 14.62 14.62
C2D HEM I . -13.67 14.05 14.22
C3D HEM I . -12.96 13.81 15.34
C4D HEM I . -13.76 14.23 16.48
CMD HEM I . -13.26 13.76 12.76
CAD HEM I . -11.54 13.19 15.39
CBD HEM I . -11.51 11.93 16.24
CGD HEM I . -10.08 11.43 16.34
O1D HEM I . -9.16 12.14 15.88
O2D HEM I . -9.88 10.31 16.88
NA HEM I . -15.63 14.38 18.80
NB HEM I . -18.39 15.10 18.24
NC HEM I . -17.75 15.30 15.40
ND HEM I . -14.96 14.72 16.00
FE HEM I . -16.67 14.95 17.11
HHB HEM I . -17.70 14.33 21.36
HHC HEM I . -20.84 16.09 16.27
HHD HEM I . -15.73 15.08 12.82
HMA HEM I . -16.11 14.11 22.79
HMAA HEM I . -14.64 14.73 22.95
HMAB HEM I . -14.83 13.15 22.82
HAA HEM I . -12.07 13.09 20.40
HAAA HEM I . -12.60 13.56 21.82
HBA HEM I . -12.26 15.84 20.90
HBAA HEM I . -11.30 15.11 19.87
HMB HEM I . -19.82 14.31 21.91
HMBA HEM I . -21.30 14.54 21.39
HMBB HEM I . -20.43 15.77 21.86
HAB HEM I . -22.44 15.86 17.86
HBB HEM I . -23.80 16.14 19.67
HBBA HEM I . -22.51 15.84 20.69
HMC HEM I . -20.79 16.51 12.54
HMCA HEM I . -21.18 17.02 13.99
HMCB HEM I . -21.46 15.52 13.58
HAC HEM I . -19.12 16.11 11.23
HBC HEM I . -17.28 15.60 9.99
HBCA HEM I . -16.46 15.19 11.39
HMD HEM I . -12.29 13.61 12.73
HMDA HEM I . -13.49 14.52 12.20
HMDB HEM I . -13.72 12.96 12.45
HAD HEM I . -10.93 13.85 15.77
HADA HEM I . -11.26 12.98 14.49
HBD HEM I . -12.06 11.25 15.83
HBDA HEM I . -11.83 12.13 17.12
HHA HEM I . -12.44 14.09 18.01
C10 W8M J . -15.38 17.44 -2.55
C13 W8M J . -16.97 20.93 -2.37
C15 W8M J . -15.71 20.70 -4.40
C20 W8M J . -14.94 14.10 -3.86
C21 W8M J . -14.86 12.85 -3.27
C22 W8M J . -14.81 11.71 -4.06
C24 W8M J . -14.92 13.07 -6.04
C28 W8M J . -16.34 12.67 -8.01
C01 W8M J . -13.75 19.30 1.23
C02 W8M J . -14.15 18.68 2.40
C03 W8M J . -14.79 17.46 2.34
C04 W8M J . -15.04 16.84 1.12
C05 W8M J . -14.64 17.47 -0.06
C06 W8M J . -14.00 18.69 0.03
C07 W8M J . -14.89 16.83 -1.43
C11 W8M J . -15.81 18.88 -2.82
C12 W8M J . -16.63 19.64 -1.99
C14 W8M J . -16.51 21.46 -3.57
C16 W8M J . -15.38 19.42 -4.02
C19 W8M J . -15.01 15.38 -3.02
C23 W8M J . -14.84 11.83 -5.44
C25 W8M J . -14.98 14.20 -5.25
C27 W8M J . -14.97 13.16 -7.56
C29 W8M J . -16.49 11.96 -9.10
C30 W8M J . -16.39 15.78 -6.17
C31 W8M J . -16.81 17.24 -6.23
C34 W8M J . -15.84 17.66 -8.25
N08 W8M J . -14.67 15.57 -1.74
N09 W8M J . -15.44 16.54 -3.49
O26 W8M J . -15.06 15.45 -5.88
O32 W8M J . -17.19 14.93 -6.38
O33 W8M J . -15.84 17.99 -6.88
CL17 W8M J . -15.89 15.28 1.09
CL18 W8M J . -17.26 19.03 -0.44
H131 W8M J . -17.60 21.53 -1.72
H151 W8M J . -15.36 21.11 -5.33
H211 W8M J . -14.85 12.76 -2.19
H221 W8M J . -14.73 10.74 -3.60
H281 W8M J . -17.21 12.92 -7.42
H011 W8M J . -13.24 20.25 1.27
H021 W8M J . -13.96 19.15 3.36
H031 W8M J . -15.12 16.97 3.26
H061 W8M J . -13.70 19.18 -0.90
H141 W8M J . -16.78 22.47 -3.85
H161 W8M J . -14.76 18.81 -4.68
H231 W8M J . -14.79 10.93 -6.06
H272 W8M J . -14.82 14.19 -7.87
H271 W8M J . -14.19 12.54 -7.99
H291 W8M J . -15.68 11.68 -9.75
H292 W8M J . -17.45 11.60 -9.45
H312 W8M J . -16.94 17.62 -5.23
H311 W8M J . -17.74 17.33 -6.78
H343 W8M J . -15.51 18.54 -8.82
H342 W8M J . -16.83 17.38 -8.56
H341 W8M J . -15.15 16.85 -8.42
CHA HEM K . 14.57 -21.85 1.92
CHB HEM K . 18.92 -23.54 3.24
CHC HEM K . 20.80 -21.91 -0.91
CHD HEM K . 16.62 -19.66 -1.91
C1A HEM K . 15.56 -22.53 2.60
C2A HEM K . 15.39 -23.40 3.76
C3A HEM K . 16.60 -23.86 4.12
C4A HEM K . 17.57 -23.30 3.21
CMA HEM K . 16.89 -24.81 5.29
CAA HEM K . 14.06 -23.75 4.48
CBA HEM K . 13.23 -24.67 3.59
CGA HEM K . 12.25 -25.47 4.43
O1A HEM K . 12.36 -25.47 5.68
O2A HEM K . 11.35 -26.10 3.83
C1B HEM K . 19.82 -23.23 2.24
C2B HEM K . 21.25 -23.51 2.26
C3B HEM K . 21.77 -23.06 1.12
C4B HEM K . 20.69 -22.48 0.33
CMB HEM K . 21.96 -24.21 3.44
CAB HEM K . 23.24 -23.11 0.65
CBB HEM K . 24.18 -23.82 1.28
C1C HEM K . 19.87 -21.12 -1.53
C2C HEM K . 20.06 -20.32 -2.72
C3C HEM K . 18.91 -19.68 -3.00
C4C HEM K . 17.94 -20.07 -2.00
CMC HEM K . 21.38 -20.21 -3.50
CAC HEM K . 18.71 -18.74 -4.21
CBC HEM K . 17.57 -18.06 -4.41
C1D HEM K . 15.73 -19.99 -0.91
C2D HEM K . 14.45 -19.36 -0.68
C3D HEM K . 13.88 -19.96 0.38
C4D HEM K . 14.78 -21.00 0.85
CMD HEM K . 13.88 -18.20 -1.52
CAD HEM K . 12.50 -19.61 0.98
CBD HEM K . 12.58 -19.24 2.45
CGD HEM K . 11.18 -19.02 2.97
O1D HEM K . 10.21 -19.30 2.23
O2D HEM K . 11.03 -18.56 4.14
NA HEM K . 16.91 -22.50 2.30
NB HEM K . 19.52 -22.61 1.05
NC HEM K . 18.55 -20.94 -1.12
ND HEM K . 15.90 -20.99 0.04
FE HEM K . 17.74 -21.72 0.60
HHB HEM K . 19.29 -23.97 4.04
HHC HEM K . 21.64 -22.08 -1.41
HHD HEM K . 16.29 -19.08 -2.63
HMA HEM K . 17.86 -24.99 5.33
HMAA HEM K . 16.41 -25.65 5.16
HMAB HEM K . 16.61 -24.40 6.13
HAA HEM K . 13.57 -22.94 4.65
HAAA HEM K . 14.26 -24.20 5.31
HBA HEM K . 13.81 -25.29 3.12
HBAA HEM K . 12.74 -24.13 2.95
HMB HEM K . 21.46 -24.07 4.26
HMBA HEM K . 22.85 -23.84 3.54
HMBB HEM K . 22.03 -25.16 3.26
HAB HEM K . 23.48 -22.62 -0.14
HBB HEM K . 25.09 -23.83 0.95
HBBA HEM K . 23.95 -24.33 2.08
HMC HEM K . 21.23 -19.74 -4.34
HMCA HEM K . 21.71 -21.11 -3.71
HMCB HEM K . 22.04 -19.74 -2.97
HAC HEM K . 19.43 -18.63 -4.84
HBC HEM K . 17.48 -17.48 -5.17
HBCA HEM K . 16.84 -18.15 -3.79
HMD HEM K . 12.93 -18.11 -1.33
HMDA HEM K . 14.01 -18.39 -2.47
HMDB HEM K . 14.35 -17.38 -1.29
HAD HEM K . 11.92 -20.39 0.89
HADA HEM K . 12.12 -18.87 0.49
HBD HEM K . 13.10 -18.43 2.56
HBDA HEM K . 13.00 -19.95 2.95
HHA HEM K . 13.64 -21.98 2.21
C10 W8M L . 14.18 -10.47 -15.36
C13 W8M L . 15.35 -12.87 -18.10
C15 W8M L . 13.71 -11.36 -18.95
C20 W8M L . 13.88 -7.23 -13.81
C21 W8M L . 14.19 -6.82 -12.53
C22 W8M L . 14.16 -5.47 -12.22
C24 W8M L . 13.51 -4.94 -14.47
C28 W8M L . 14.39 -3.11 -15.99
C01 W8M L . 13.13 -14.57 -13.92
C02 W8M L . 13.71 -14.96 -12.73
C03 W8M L . 14.39 -14.04 -11.96
C04 W8M L . 14.49 -12.72 -12.37
C05 W8M L . 13.89 -12.32 -13.56
C06 W8M L . 13.22 -13.26 -14.34
C07 W8M L . 13.98 -10.87 -14.07
C11 W8M L . 14.38 -11.23 -16.65
C12 W8M L . 15.27 -12.29 -16.85
C14 W8M L . 14.57 -12.42 -19.15
C16 W8M L . 13.61 -10.78 -17.71
C19 W8M L . 13.94 -8.71 -14.15
C23 W8M L . 13.83 -4.54 -13.19
C25 W8M L . 13.55 -6.30 -14.80
C27 W8M L . 13.15 -3.88 -15.51
C29 W8M L . 14.35 -1.81 -16.21
C30 W8M L . 14.27 -6.59 -17.04
C31 W8M L . 14.32 -7.54 -18.24
C34 W8M L . 13.07 -8.17 -20.08
N08 W8M L . 13.83 -9.78 -13.34
N09 W8M L . 14.15 -9.16 -15.38
O26 W8M L . 13.23 -6.73 -16.10
O32 W8M L . 15.09 -5.76 -16.90
O33 W8M L . 13.04 -7.78 -18.73
CL17 W8M L . 15.37 -11.56 -11.34
CL18 W8M L . 16.30 -12.93 -15.55
H131 W8M L . 16.03 -13.71 -18.27
H151 W8M L . 13.10 -10.99 -19.77
H211 W8M L . 14.46 -7.54 -11.77
H221 W8M L . 14.40 -5.14 -11.21
H281 W8M L . 15.31 -3.64 -16.15
H011 W8M L . 12.59 -15.29 -14.53
H021 W8M L . 13.64 -15.99 -12.41
H031 W8M L . 14.85 -14.35 -11.03
H061 W8M L . 12.77 -12.95 -15.26
H141 W8M L . 14.63 -12.89 -20.12
H161 W8M L . 12.93 -9.95 -17.55
H231 W8M L . 13.82 -3.49 -12.94
H272 W8M L . 12.68 -4.36 -16.36
H271 W8M L . 12.46 -3.18 -15.06
H291 W8M L . 15.21 -1.25 -16.57
H292 W8M L . 13.48 -1.18 -16.06
H312 W8M L . 14.78 -8.48 -17.93
H311 W8M L . 14.93 -7.09 -19.01
H343 W8M L . 13.47 -7.36 -20.68
H342 W8M L . 12.07 -8.41 -20.41
H341 W8M L . 13.72 -9.04 -20.18
#